data_9VMM
#
_entry.id   9VMM
#
loop_
_entity.id
_entity.type
_entity.pdbx_description
1 polymer 'CTP synthase 1'
2 non-polymer "CYTIDINE-5'-TRIPHOSPHATE"
3 non-polymer 'MAGNESIUM ION'
#
_entity_poly.entity_id   1
_entity_poly.type   'polypeptide(L)'
_entity_poly.pdbx_seq_one_letter_code
;MKYILVTGGVISGIGKGIIASSVGTILKSCGLHVTSIKIDPYINIDAGTFSPYEHGEVFVLDDGGEVDLDLGNYERFLDI
RLTKDNNLTTGKIYQYVINKERKGDYLGKTVQVVPHITDAIQEWVMRQALIPVDEDGLEPQVCVIELGGTVGDIESMPFI
EAFRQFQFKVKRENFCNIHVSLVPQPSSTGEQKTKPTQNSVRELRGLGLSPDLVVCRCSNPLDTSVKEKISMFCHVEPEQ
VICVHDVSSIYRVPLLLEEQGVVDYFLRRLDLPIERQPRKMLMKWKEMADRYDRLLETCSIALVGKYTKFSDSYASVIKA
LEHSALAINHKLEIKYIDSADLEPITSQEEPVRYHEAWQKLCSAHGVLVPGGFGVRGTEGKIQAIAWARNQKKPFLGVCL
GMQLAVVEFSRNVLGWQDANSTEFDPTTSHPVVVDMPEHNPGQMGGTMRLGKRRTLFQTKNSVMRKLYGDADYLEERHRH
RFEVNPVWKKCLEEQGLKFVGQDVEGERMEIVELEDHPFFVGVQYHPEFLSRPIKPSPPYFGLLLASVGRLSHYLQKGCR
LSPRDTYSDRSGSSSPDSEITELKFPSINHD
;
_entity_poly.pdbx_strand_id   A,B,C,D
#
loop_
_chem_comp.id
_chem_comp.type
_chem_comp.name
_chem_comp.formula
CTP non-polymer CYTIDINE-5'-TRIPHOSPHATE 'C9 H16 N3 O14 P3'
MG non-polymer 'MAGNESIUM ION' 'Mg 2'
#
# COMPACT_ATOMS: atom_id res chain seq x y z
N MET A 1 24.90 -19.17 -14.06
CA MET A 1 25.36 -18.30 -12.94
C MET A 1 24.35 -18.26 -11.82
N LYS A 2 24.81 -17.92 -10.61
CA LYS A 2 23.98 -17.54 -9.45
C LYS A 2 23.94 -16.02 -9.30
N TYR A 3 22.85 -15.45 -8.81
CA TYR A 3 22.68 -14.01 -8.61
C TYR A 3 22.25 -13.71 -7.17
N ILE A 4 22.81 -12.70 -6.54
CA ILE A 4 22.41 -12.20 -5.23
C ILE A 4 22.00 -10.74 -5.38
N LEU A 5 20.78 -10.36 -5.01
CA LEU A 5 20.34 -8.97 -5.01
C LEU A 5 20.45 -8.40 -3.60
N VAL A 6 21.00 -7.19 -3.46
CA VAL A 6 21.02 -6.44 -2.19
C VAL A 6 20.08 -5.26 -2.35
N THR A 7 19.06 -5.17 -1.48
CA THR A 7 18.02 -4.14 -1.50
C THR A 7 18.03 -3.34 -0.20
N GLY A 8 17.64 -2.07 -0.25
CA GLY A 8 17.68 -1.16 0.88
C GLY A 8 16.34 -0.88 1.50
N GLY A 9 16.28 -0.84 2.81
CA GLY A 9 15.07 -0.75 3.59
C GLY A 9 14.65 0.67 3.94
N VAL A 10 14.74 1.03 5.22
CA VAL A 10 13.99 2.14 5.81
C VAL A 10 14.46 3.51 5.31
N ILE A 11 15.77 3.68 5.15
CA ILE A 11 16.47 4.88 4.66
C ILE A 11 17.66 4.47 3.79
N SER A 12 18.21 5.39 2.98
CA SER A 12 19.57 5.25 2.46
C SER A 12 20.60 5.70 3.51
N GLY A 13 21.85 5.25 3.41
CA GLY A 13 22.85 5.48 4.47
C GLY A 13 22.90 4.38 5.54
N ILE A 14 22.21 3.25 5.33
CA ILE A 14 22.35 2.03 6.14
C ILE A 14 23.58 1.19 5.78
N GLY A 15 24.30 1.49 4.70
CA GLY A 15 25.50 0.76 4.34
C GLY A 15 25.29 -0.46 3.44
N LYS A 16 24.53 -0.33 2.34
CA LYS A 16 24.47 -1.41 1.33
C LYS A 16 25.81 -1.62 0.66
N GLY A 17 26.62 -0.58 0.47
CA GLY A 17 27.89 -0.69 -0.26
C GLY A 17 28.91 -1.54 0.46
N ILE A 18 29.03 -1.38 1.79
CA ILE A 18 29.92 -2.21 2.60
C ILE A 18 29.37 -3.62 2.81
N ILE A 19 28.04 -3.82 2.83
CA ILE A 19 27.44 -5.15 2.89
C ILE A 19 27.60 -5.91 1.56
N ALA A 20 27.33 -5.29 0.41
CA ALA A 20 27.53 -5.92 -0.89
C ALA A 20 29.02 -6.22 -1.15
N SER A 21 29.94 -5.32 -0.78
CA SER A 21 31.37 -5.58 -0.86
C SER A 21 31.81 -6.71 0.09
N SER A 22 31.24 -6.79 1.29
CA SER A 22 31.54 -7.87 2.23
C SER A 22 30.99 -9.21 1.77
N VAL A 23 29.78 -9.26 1.21
CA VAL A 23 29.24 -10.46 0.56
C VAL A 23 30.14 -10.93 -0.59
N GLY A 24 30.63 -9.99 -1.40
CA GLY A 24 31.63 -10.31 -2.41
C GLY A 24 32.92 -10.87 -1.83
N THR A 25 33.38 -10.34 -0.70
CA THR A 25 34.65 -10.76 -0.07
C THR A 25 34.56 -12.15 0.56
N ILE A 26 33.49 -12.47 1.29
CA ILE A 26 33.32 -13.80 1.88
C ILE A 26 33.11 -14.87 0.81
N LEU A 27 32.45 -14.55 -0.31
CA LEU A 27 32.33 -15.47 -1.45
C LEU A 27 33.67 -15.63 -2.21
N LYS A 28 34.41 -14.54 -2.48
CA LYS A 28 35.78 -14.61 -3.02
C LYS A 28 36.67 -15.51 -2.17
N SER A 29 36.53 -15.42 -0.84
CA SER A 29 37.29 -16.23 0.11
C SER A 29 37.01 -17.73 0.05
N CYS A 30 35.92 -18.16 -0.59
CA CYS A 30 35.61 -19.56 -0.84
C CYS A 30 36.27 -20.13 -2.11
N GLY A 31 37.01 -19.31 -2.86
CA GLY A 31 37.56 -19.69 -4.17
C GLY A 31 36.59 -19.53 -5.34
N LEU A 32 35.42 -18.90 -5.13
CA LEU A 32 34.49 -18.57 -6.21
C LEU A 32 34.99 -17.38 -7.04
N HIS A 33 34.77 -17.40 -8.35
CA HIS A 33 34.94 -16.23 -9.20
C HIS A 33 33.71 -15.33 -9.09
N VAL A 34 33.77 -14.32 -8.23
CA VAL A 34 32.67 -13.38 -7.99
C VAL A 34 32.74 -12.22 -8.97
N THR A 35 31.60 -11.66 -9.32
CA THR A 35 31.48 -10.39 -10.07
C THR A 35 30.39 -9.53 -9.42
N SER A 36 30.32 -8.25 -9.77
CA SER A 36 29.38 -7.32 -9.14
C SER A 36 28.76 -6.37 -10.14
N ILE A 37 27.57 -5.89 -9.84
CA ILE A 37 26.88 -4.83 -10.58
C ILE A 37 26.40 -3.79 -9.58
N LYS A 38 26.60 -2.51 -9.85
CA LYS A 38 25.97 -1.44 -9.08
C LYS A 38 24.88 -0.86 -9.94
N ILE A 39 23.65 -0.97 -9.49
CA ILE A 39 22.50 -0.32 -10.09
C ILE A 39 22.26 0.95 -9.28
N ASP A 40 22.08 2.07 -9.93
CA ASP A 40 21.98 3.37 -9.28
C ASP A 40 21.05 4.28 -10.09
N PRO A 41 19.76 4.35 -9.75
CA PRO A 41 18.74 4.93 -10.62
C PRO A 41 18.72 6.47 -10.69
N TYR A 42 19.87 7.12 -10.89
CA TYR A 42 19.96 8.50 -11.39
C TYR A 42 20.05 8.53 -12.92
N ILE A 43 19.77 9.68 -13.54
CA ILE A 43 19.61 9.81 -14.99
C ILE A 43 20.95 9.97 -15.73
N ASN A 44 22.04 10.35 -15.06
CA ASN A 44 23.37 10.46 -15.68
C ASN A 44 23.82 9.15 -16.37
N ILE A 45 24.35 9.26 -17.59
CA ILE A 45 24.84 8.11 -18.36
C ILE A 45 26.12 7.53 -17.75
N ASP A 46 27.05 8.41 -17.37
CA ASP A 46 28.34 8.07 -16.78
C ASP A 46 28.85 9.22 -15.88
N ALA A 47 29.91 8.98 -15.12
CA ALA A 47 30.37 9.93 -14.10
C ALA A 47 31.11 11.15 -14.65
N GLY A 48 31.46 11.18 -15.94
CA GLY A 48 32.26 12.26 -16.55
C GLY A 48 31.60 13.65 -16.50
N THR A 49 30.28 13.71 -16.33
CA THR A 49 29.51 14.96 -16.14
C THR A 49 29.61 15.51 -14.71
N PHE A 50 29.92 14.69 -13.70
CA PHE A 50 29.87 15.10 -12.30
C PHE A 50 30.90 16.18 -11.95
N SER A 51 30.46 17.18 -11.17
CA SER A 51 31.35 18.12 -10.51
C SER A 51 32.03 17.44 -9.31
N PRO A 52 33.38 17.41 -9.23
CA PRO A 52 34.10 16.75 -8.14
C PRO A 52 33.95 17.48 -6.79
N TYR A 53 33.58 18.75 -6.80
CA TYR A 53 33.21 19.51 -5.59
C TYR A 53 31.89 19.03 -4.97
N GLU A 54 30.95 18.49 -5.76
CA GLU A 54 29.59 18.20 -5.33
C GLU A 54 29.32 16.70 -5.08
N HIS A 55 29.72 15.83 -6.02
CA HIS A 55 29.44 14.39 -5.93
C HIS A 55 30.57 13.56 -5.29
N GLY A 56 31.75 14.14 -5.09
CA GLY A 56 32.98 13.38 -4.79
C GLY A 56 33.73 12.98 -6.06
N GLU A 57 34.78 12.15 -5.95
CA GLU A 57 35.66 11.86 -7.09
C GLU A 57 34.95 11.09 -8.22
N VAL A 58 35.59 11.09 -9.39
CA VAL A 58 35.25 10.22 -10.53
C VAL A 58 36.27 9.09 -10.59
N PHE A 59 35.81 7.84 -10.57
CA PHE A 59 36.67 6.68 -10.70
C PHE A 59 36.89 6.34 -12.18
N VAL A 60 38.02 5.70 -12.52
CA VAL A 60 38.38 5.35 -13.90
C VAL A 60 38.64 3.85 -13.99
N LEU A 61 38.00 3.18 -14.95
CA LEU A 61 38.20 1.76 -15.26
C LEU A 61 39.21 1.55 -16.39
N ASP A 62 39.59 0.29 -16.65
CA ASP A 62 40.56 -0.01 -17.72
C ASP A 62 40.07 0.46 -19.10
N ASP A 63 38.76 0.44 -19.33
CA ASP A 63 38.08 0.91 -20.55
C ASP A 63 38.22 2.42 -20.80
N GLY A 64 38.62 3.19 -19.80
CA GLY A 64 38.46 4.65 -19.79
C GLY A 64 37.04 5.10 -19.45
N GLY A 65 36.17 4.16 -19.07
CA GLY A 65 34.85 4.49 -18.52
C GLY A 65 35.00 5.24 -17.20
N GLU A 66 34.44 6.45 -17.14
CA GLU A 66 34.34 7.25 -15.93
C GLU A 66 33.13 6.79 -15.13
N VAL A 67 33.31 6.25 -13.92
CA VAL A 67 32.24 5.61 -13.14
C VAL A 67 32.17 6.11 -11.70
N ASP A 68 31.07 5.81 -11.01
CA ASP A 68 30.82 6.22 -9.63
C ASP A 68 31.79 5.59 -8.62
N LEU A 69 31.85 6.13 -7.39
CA LEU A 69 32.75 5.68 -6.32
C LEU A 69 32.66 4.18 -6.04
N ASP A 70 31.45 3.61 -6.06
CA ASP A 70 31.16 2.29 -5.51
C ASP A 70 31.73 1.15 -6.36
N LEU A 71 32.08 1.36 -7.64
CA LEU A 71 32.84 0.37 -8.40
C LEU A 71 34.32 0.33 -8.00
N GLY A 72 34.90 1.45 -7.58
CA GLY A 72 36.20 1.43 -6.92
C GLY A 72 36.17 0.64 -5.61
N ASN A 73 35.10 0.79 -4.83
CA ASN A 73 34.92 0.01 -3.60
C ASN A 73 34.81 -1.49 -3.91
N TYR A 74 34.13 -1.87 -4.98
CA TYR A 74 34.13 -3.27 -5.42
C TYR A 74 35.51 -3.73 -5.88
N GLU A 75 36.24 -2.96 -6.70
CA GLU A 75 37.58 -3.35 -7.12
C GLU A 75 38.52 -3.54 -5.93
N ARG A 76 38.46 -2.67 -4.90
CA ARG A 76 39.30 -2.79 -3.70
C ARG A 76 39.00 -4.01 -2.84
N PHE A 77 37.73 -4.29 -2.54
CA PHE A 77 37.37 -5.42 -1.69
C PHE A 77 37.42 -6.77 -2.43
N LEU A 78 37.00 -6.86 -3.69
CA LEU A 78 36.94 -8.13 -4.41
C LEU A 78 38.25 -8.49 -5.15
N ASP A 79 39.13 -7.51 -5.40
CA ASP A 79 40.35 -7.67 -6.20
C ASP A 79 40.08 -8.20 -7.63
N ILE A 80 39.47 -7.34 -8.45
CA ILE A 80 38.93 -7.62 -9.78
C ILE A 80 39.13 -6.42 -10.72
N ARG A 81 38.95 -6.61 -12.04
CA ARG A 81 38.90 -5.50 -13.02
C ARG A 81 37.48 -5.36 -13.55
N LEU A 82 36.81 -4.25 -13.29
CA LEU A 82 35.42 -4.04 -13.75
C LEU A 82 35.36 -3.38 -15.14
N THR A 83 34.17 -3.42 -15.75
CA THR A 83 33.87 -2.91 -17.09
C THR A 83 32.83 -1.80 -16.99
N LYS A 84 32.84 -0.83 -17.91
CA LYS A 84 32.02 0.40 -17.82
C LYS A 84 30.53 0.20 -17.60
N ASP A 85 29.97 -0.94 -18.00
CA ASP A 85 28.55 -1.26 -17.91
C ASP A 85 28.16 -2.26 -16.81
N ASN A 86 29.09 -2.60 -15.89
CA ASN A 86 28.76 -3.10 -14.54
C ASN A 86 28.21 -1.99 -13.62
N ASN A 87 28.23 -0.75 -14.06
CA ASN A 87 27.46 0.34 -13.47
C ASN A 87 26.23 0.52 -14.37
N LEU A 88 25.04 0.49 -13.79
CA LEU A 88 23.78 0.32 -14.52
C LEU A 88 22.83 1.47 -14.14
N THR A 89 23.20 2.70 -14.47
CA THR A 89 22.35 3.87 -14.21
C THR A 89 21.04 3.74 -14.99
N THR A 90 19.94 4.29 -14.50
CA THR A 90 18.65 4.15 -15.22
C THR A 90 18.66 4.92 -16.55
N GLY A 91 19.40 6.01 -16.64
CA GLY A 91 19.57 6.75 -17.89
C GLY A 91 20.18 5.93 -19.02
N LYS A 92 21.07 4.97 -18.73
CA LYS A 92 21.60 4.07 -19.75
C LYS A 92 20.55 3.10 -20.28
N ILE A 93 19.70 2.54 -19.42
CA ILE A 93 18.63 1.63 -19.85
C ILE A 93 17.60 2.36 -20.71
N TYR A 94 17.15 3.56 -20.32
CA TYR A 94 16.23 4.32 -21.16
C TYR A 94 16.88 4.75 -22.48
N GLN A 95 18.14 5.19 -22.49
CA GLN A 95 18.80 5.53 -23.75
C GLN A 95 18.99 4.30 -24.65
N TYR A 96 19.31 3.14 -24.09
CA TYR A 96 19.43 1.90 -24.85
C TYR A 96 18.12 1.51 -25.52
N VAL A 97 17.02 1.50 -24.78
CA VAL A 97 15.70 1.13 -25.31
C VAL A 97 15.16 2.19 -26.27
N ILE A 98 15.36 3.49 -26.03
CA ILE A 98 15.00 4.56 -26.97
C ILE A 98 15.77 4.39 -28.29
N ASN A 99 17.06 4.08 -28.27
CA ASN A 99 17.82 3.87 -29.50
C ASN A 99 17.30 2.65 -30.29
N LYS A 100 16.96 1.53 -29.64
CA LYS A 100 16.29 0.40 -30.31
C LYS A 100 14.93 0.78 -30.90
N GLU A 101 14.14 1.59 -30.19
CA GLU A 101 12.88 2.13 -30.70
C GLU A 101 13.10 2.99 -31.95
N ARG A 102 13.98 4.00 -31.92
CA ARG A 102 14.19 4.90 -33.07
C ARG A 102 14.83 4.23 -34.27
N LYS A 103 15.57 3.13 -34.09
CA LYS A 103 16.08 2.26 -35.17
C LYS A 103 15.03 1.31 -35.74
N GLY A 104 13.91 1.08 -35.05
CA GLY A 104 12.92 0.07 -35.44
C GLY A 104 13.32 -1.37 -35.12
N ASP A 105 14.22 -1.58 -34.16
CA ASP A 105 14.58 -2.92 -33.66
C ASP A 105 13.45 -3.55 -32.84
N TYR A 106 12.47 -2.75 -32.39
CA TYR A 106 11.12 -3.20 -32.04
C TYR A 106 10.21 -2.91 -33.23
N LEU A 107 9.54 -3.95 -33.75
CA LEU A 107 8.93 -3.93 -35.08
C LEU A 107 7.56 -3.22 -35.10
N GLY A 108 7.56 -1.91 -34.93
CA GLY A 108 6.38 -1.04 -35.02
C GLY A 108 5.40 -1.12 -33.84
N LYS A 109 5.58 -2.10 -32.95
CA LYS A 109 4.82 -2.23 -31.69
C LYS A 109 5.06 -1.04 -30.78
N THR A 110 4.09 -0.70 -29.95
CA THR A 110 4.28 0.23 -28.83
C THR A 110 5.28 -0.38 -27.83
N VAL A 111 6.30 0.39 -27.45
CA VAL A 111 7.35 -0.02 -26.51
C VAL A 111 7.00 0.51 -25.14
N GLN A 112 7.06 -0.33 -24.11
CA GLN A 112 6.38 -0.13 -22.83
C GLN A 112 7.30 -0.45 -21.65
N VAL A 113 7.02 0.11 -20.48
CA VAL A 113 7.89 -0.09 -19.31
C VAL A 113 7.96 -1.55 -18.90
N VAL A 114 6.84 -2.22 -18.60
CA VAL A 114 6.90 -3.59 -18.04
C VAL A 114 7.31 -4.67 -19.04
N PRO A 115 6.83 -4.69 -20.29
CA PRO A 115 7.30 -5.65 -21.26
C PRO A 115 8.72 -5.39 -21.80
N HIS A 116 9.23 -4.15 -21.81
CA HIS A 116 10.45 -3.79 -22.56
C HIS A 116 11.55 -3.11 -21.74
N ILE A 117 11.31 -2.00 -21.05
CA ILE A 117 12.35 -1.41 -20.17
C ILE A 117 12.76 -2.43 -19.11
N THR A 118 11.78 -3.03 -18.47
CA THR A 118 11.92 -4.08 -17.47
C THR A 118 12.57 -5.34 -18.01
N ASP A 119 12.59 -5.57 -19.33
CA ASP A 119 13.25 -6.72 -19.96
C ASP A 119 14.68 -6.41 -20.42
N ALA A 120 14.94 -5.18 -20.87
CA ALA A 120 16.28 -4.70 -21.12
C ALA A 120 17.15 -4.72 -19.85
N ILE A 121 16.58 -4.45 -18.67
CA ILE A 121 17.26 -4.59 -17.38
C ILE A 121 17.69 -6.04 -17.15
N GLN A 122 16.81 -7.03 -17.37
CA GLN A 122 17.13 -8.43 -17.19
C GLN A 122 18.17 -8.94 -18.19
N GLU A 123 18.08 -8.51 -19.45
CA GLU A 123 19.09 -8.81 -20.47
C GLU A 123 20.45 -8.19 -20.14
N TRP A 124 20.51 -6.92 -19.73
CA TRP A 124 21.75 -6.25 -19.36
C TRP A 124 22.44 -6.95 -18.20
N VAL A 125 21.69 -7.33 -17.16
CA VAL A 125 22.23 -8.05 -16.00
C VAL A 125 22.76 -9.42 -16.38
N MET A 126 22.09 -10.21 -17.21
CA MET A 126 22.65 -11.48 -17.69
C MET A 126 23.89 -11.30 -18.56
N ARG A 127 23.90 -10.30 -19.44
CA ARG A 127 25.00 -10.01 -20.35
C ARG A 127 26.26 -9.56 -19.62
N GLN A 128 26.16 -8.57 -18.73
CA GLN A 128 27.30 -8.05 -17.98
C GLN A 128 27.76 -8.95 -16.83
N ALA A 129 26.96 -9.91 -16.38
CA ALA A 129 27.42 -10.90 -15.41
C ALA A 129 28.40 -11.91 -16.02
N LEU A 130 28.25 -12.31 -17.28
CA LEU A 130 29.08 -13.37 -17.89
C LEU A 130 30.51 -12.96 -18.30
N ILE A 131 30.85 -11.67 -18.33
CA ILE A 131 32.14 -11.22 -18.87
C ILE A 131 33.30 -11.53 -17.89
N PRO A 132 34.53 -11.79 -18.38
CA PRO A 132 35.65 -12.20 -17.54
C PRO A 132 36.26 -11.02 -16.75
N VAL A 133 35.69 -10.74 -15.58
CA VAL A 133 36.08 -9.69 -14.63
C VAL A 133 37.32 -10.03 -13.80
N ASP A 134 37.68 -11.31 -13.71
CA ASP A 134 38.87 -11.79 -13.00
C ASP A 134 40.13 -11.74 -13.89
N GLU A 135 41.32 -11.61 -13.29
CA GLU A 135 42.60 -11.58 -14.03
C GLU A 135 43.00 -12.95 -14.61
N ASP A 136 42.38 -14.04 -14.14
CA ASP A 136 42.50 -15.39 -14.72
C ASP A 136 41.79 -15.53 -16.08
N GLY A 137 40.89 -14.60 -16.44
CA GLY A 137 40.11 -14.63 -17.69
C GLY A 137 38.93 -15.61 -17.69
N LEU A 138 38.51 -16.14 -16.54
CA LEU A 138 37.42 -17.10 -16.40
C LEU A 138 36.04 -16.42 -16.26
N GLU A 139 35.00 -17.06 -16.77
CA GLU A 139 33.61 -16.66 -16.58
C GLU A 139 33.19 -16.83 -15.11
N PRO A 140 32.61 -15.81 -14.47
CA PRO A 140 32.32 -15.84 -13.03
C PRO A 140 31.17 -16.79 -12.66
N GLN A 141 31.15 -17.25 -11.42
CA GLN A 141 30.14 -18.17 -10.89
C GLN A 141 28.95 -17.47 -10.24
N VAL A 142 29.18 -16.37 -9.53
CA VAL A 142 28.14 -15.62 -8.80
C VAL A 142 28.26 -14.12 -9.05
N CYS A 143 27.11 -13.47 -9.28
CA CYS A 143 27.01 -12.03 -9.47
C CYS A 143 26.31 -11.41 -8.27
N VAL A 144 26.92 -10.43 -7.62
CA VAL A 144 26.29 -9.62 -6.57
C VAL A 144 25.75 -8.36 -7.20
N ILE A 145 24.44 -8.17 -7.20
CA ILE A 145 23.80 -6.97 -7.69
C ILE A 145 23.44 -6.12 -6.49
N GLU A 146 23.91 -4.90 -6.43
CA GLU A 146 23.46 -3.94 -5.43
C GLU A 146 22.50 -2.97 -6.10
N LEU A 147 21.31 -2.77 -5.53
CA LEU A 147 20.35 -1.82 -6.03
C LEU A 147 20.34 -0.57 -5.15
N GLY A 148 20.68 0.57 -5.73
CA GLY A 148 20.61 1.88 -5.09
C GLY A 148 19.18 2.35 -4.83
N GLY A 149 19.03 3.44 -4.11
CA GLY A 149 17.73 3.89 -3.60
C GLY A 149 17.18 2.96 -2.52
N THR A 150 15.91 3.11 -2.17
CA THR A 150 15.22 2.25 -1.20
C THR A 150 13.93 1.72 -1.80
N VAL A 151 13.41 0.64 -1.22
CA VAL A 151 12.15 0.03 -1.66
C VAL A 151 11.00 1.04 -1.48
N GLY A 152 10.12 1.14 -2.48
CA GLY A 152 9.02 2.10 -2.46
C GLY A 152 9.34 3.49 -3.01
N ASP A 153 10.62 3.81 -3.26
CA ASP A 153 11.01 4.97 -4.08
C ASP A 153 10.60 4.73 -5.53
N ILE A 154 10.07 5.74 -6.23
CA ILE A 154 9.57 5.55 -7.60
C ILE A 154 10.70 5.29 -8.59
N GLU A 155 11.91 5.77 -8.33
CA GLU A 155 13.11 5.47 -9.14
C GLU A 155 13.49 3.98 -9.14
N SER A 156 13.16 3.24 -8.08
CA SER A 156 13.51 1.82 -7.92
C SER A 156 12.53 0.87 -8.60
N MET A 157 11.33 1.35 -8.98
CA MET A 157 10.23 0.52 -9.45
C MET A 157 10.56 -0.29 -10.72
N PRO A 158 11.20 0.25 -11.78
CA PRO A 158 11.57 -0.55 -12.95
C PRO A 158 12.50 -1.72 -12.61
N PHE A 159 13.40 -1.53 -11.63
CA PHE A 159 14.40 -2.51 -11.23
C PHE A 159 13.84 -3.56 -10.28
N ILE A 160 12.98 -3.20 -9.34
CA ILE A 160 12.32 -4.17 -8.47
C ILE A 160 11.31 -5.01 -9.28
N GLU A 161 10.60 -4.42 -10.25
CA GLU A 161 9.76 -5.18 -11.16
C GLU A 161 10.57 -6.06 -12.11
N ALA A 162 11.75 -5.63 -12.57
CA ALA A 162 12.66 -6.52 -13.31
C ALA A 162 13.10 -7.70 -12.46
N PHE A 163 13.54 -7.51 -11.22
CA PHE A 163 13.96 -8.63 -10.38
C PHE A 163 12.80 -9.51 -9.90
N ARG A 164 11.58 -8.97 -9.75
CA ARG A 164 10.38 -9.77 -9.54
C ARG A 164 10.20 -10.83 -10.63
N GLN A 165 10.40 -10.48 -11.90
CA GLN A 165 10.33 -11.42 -13.02
C GLN A 165 11.59 -12.28 -13.15
N PHE A 166 12.76 -11.73 -12.82
CA PHE A 166 14.03 -12.39 -12.99
C PHE A 166 14.16 -13.69 -12.19
N GLN A 167 13.70 -13.73 -10.95
CA GLN A 167 13.74 -14.89 -10.05
C GLN A 167 12.98 -16.13 -10.55
N PHE A 168 12.23 -16.02 -11.65
CA PHE A 168 11.55 -17.13 -12.31
C PHE A 168 12.20 -17.54 -13.64
N LYS A 169 12.79 -16.61 -14.41
CA LYS A 169 13.48 -16.96 -15.67
C LYS A 169 14.88 -17.52 -15.43
N VAL A 170 15.51 -17.17 -14.31
CA VAL A 170 16.54 -18.01 -13.67
C VAL A 170 15.86 -18.75 -12.52
N LYS A 171 16.05 -20.05 -12.38
CA LYS A 171 15.29 -20.82 -11.38
C LYS A 171 15.72 -20.44 -9.95
N ARG A 172 14.90 -20.72 -8.94
CA ARG A 172 15.10 -20.22 -7.55
C ARG A 172 16.42 -20.64 -6.92
N GLU A 173 16.98 -21.79 -7.27
CA GLU A 173 18.33 -22.22 -6.86
C GLU A 173 19.47 -21.35 -7.42
N ASN A 174 19.16 -20.40 -8.30
CA ASN A 174 20.10 -19.48 -8.94
C ASN A 174 19.86 -18.00 -8.61
N PHE A 175 18.82 -17.62 -7.85
CA PHE A 175 18.58 -16.23 -7.45
C PHE A 175 18.22 -16.12 -5.98
N CYS A 176 18.80 -15.13 -5.30
CA CYS A 176 18.70 -14.93 -3.86
C CYS A 176 18.66 -13.44 -3.51
N ASN A 177 18.00 -13.04 -2.43
CA ASN A 177 17.77 -11.63 -2.09
C ASN A 177 18.12 -11.33 -0.64
N ILE A 178 18.98 -10.34 -0.39
CA ILE A 178 19.36 -9.80 0.92
C ILE A 178 18.67 -8.46 1.09
N HIS A 179 17.99 -8.22 2.21
CA HIS A 179 17.39 -6.93 2.51
C HIS A 179 18.11 -6.27 3.67
N VAL A 180 18.55 -5.02 3.53
CA VAL A 180 19.23 -4.30 4.61
C VAL A 180 18.25 -3.31 5.22
N SER A 181 18.09 -3.28 6.54
CA SER A 181 17.13 -2.43 7.25
C SER A 181 17.77 -1.68 8.41
N LEU A 182 17.22 -0.51 8.76
CA LEU A 182 17.52 0.17 10.01
C LEU A 182 16.73 -0.45 11.17
N VAL A 183 17.36 -0.64 12.33
CA VAL A 183 16.69 -1.02 13.59
C VAL A 183 16.95 0.07 14.63
N PRO A 184 16.11 1.13 14.71
CA PRO A 184 16.32 2.25 15.61
C PRO A 184 16.42 1.85 17.08
N GLN A 185 17.09 2.67 17.89
CA GLN A 185 17.15 2.52 19.34
C GLN A 185 17.08 3.91 19.98
N PRO A 186 15.89 4.51 20.10
CA PRO A 186 15.75 5.90 20.50
C PRO A 186 16.09 6.11 21.98
N SER A 187 16.84 7.16 22.26
CA SER A 187 17.39 7.48 23.59
C SER A 187 16.32 7.69 24.68
N SER A 188 15.08 8.01 24.28
CA SER A 188 13.91 8.16 25.17
C SER A 188 13.64 6.92 26.04
N THR A 189 13.91 5.71 25.53
CA THR A 189 13.70 4.44 26.26
C THR A 189 14.84 3.43 26.11
N GLY A 190 15.67 3.51 25.06
CA GLY A 190 16.77 2.58 24.83
C GLY A 190 16.36 1.18 24.34
N GLU A 191 15.09 0.94 24.06
CA GLU A 191 14.60 -0.29 23.44
C GLU A 191 14.88 -0.30 21.93
N GLN A 192 15.28 -1.44 21.35
CA GLN A 192 15.44 -1.58 19.90
C GLN A 192 14.09 -1.80 19.19
N LYS A 193 13.82 -1.06 18.11
CA LYS A 193 12.53 -1.04 17.45
C LYS A 193 12.54 -1.78 16.11
N THR A 194 11.65 -2.76 15.94
CA THR A 194 11.50 -3.51 14.69
C THR A 194 10.42 -2.96 13.75
N LYS A 195 9.56 -2.04 14.21
CA LYS A 195 8.39 -1.61 13.44
C LYS A 195 8.70 -1.08 12.04
N PRO A 196 9.71 -0.23 11.79
CA PRO A 196 9.96 0.22 10.42
C PRO A 196 10.52 -0.87 9.49
N THR A 197 11.22 -1.88 10.02
CA THR A 197 11.63 -3.04 9.20
C THR A 197 10.50 -4.03 8.95
N GLN A 198 9.45 -4.10 9.78
CA GLN A 198 8.25 -4.87 9.45
C GLN A 198 7.52 -4.24 8.27
N ASN A 199 7.34 -2.92 8.24
CA ASN A 199 6.73 -2.21 7.12
C ASN A 199 7.56 -2.37 5.84
N SER A 200 8.88 -2.24 5.94
CA SER A 200 9.78 -2.38 4.79
C SER A 200 9.72 -3.77 4.14
N VAL A 201 9.64 -4.85 4.93
CA VAL A 201 9.46 -6.19 4.36
C VAL A 201 8.05 -6.41 3.85
N ARG A 202 6.99 -5.87 4.46
CA ARG A 202 5.64 -5.89 3.86
C ARG A 202 5.60 -5.22 2.50
N GLU A 203 6.31 -4.11 2.33
CA GLU A 203 6.39 -3.41 1.05
C GLU A 203 7.20 -4.18 0.00
N LEU A 204 8.39 -4.67 0.33
CA LEU A 204 9.18 -5.50 -0.59
C LEU A 204 8.45 -6.79 -0.98
N ARG A 205 7.78 -7.45 -0.03
CA ARG A 205 6.98 -8.66 -0.25
C ARG A 205 5.74 -8.37 -1.09
N GLY A 206 5.16 -7.19 -1.00
CA GLY A 206 4.08 -6.71 -1.86
C GLY A 206 4.52 -6.43 -3.30
N LEU A 207 5.71 -5.85 -3.50
CA LEU A 207 6.34 -5.73 -4.81
C LEU A 207 6.84 -7.07 -5.39
N GLY A 208 6.75 -8.17 -4.64
CA GLY A 208 6.92 -9.52 -5.18
C GLY A 208 8.28 -10.16 -4.99
N LEU A 209 9.15 -9.58 -4.16
CA LEU A 209 10.41 -10.19 -3.69
C LEU A 209 10.30 -10.53 -2.20
N SER A 210 10.67 -11.74 -1.77
CA SER A 210 10.82 -12.06 -0.35
C SER A 210 12.30 -12.05 0.05
N PRO A 211 12.71 -11.43 1.16
CA PRO A 211 14.06 -11.58 1.68
C PRO A 211 14.40 -13.05 1.93
N ASP A 212 15.53 -13.52 1.42
CA ASP A 212 16.14 -14.76 1.89
C ASP A 212 16.97 -14.55 3.17
N LEU A 213 17.33 -13.30 3.45
CA LEU A 213 18.19 -12.86 4.52
C LEU A 213 17.84 -11.41 4.88
N VAL A 214 17.67 -11.08 6.15
CA VAL A 214 17.43 -9.69 6.59
C VAL A 214 18.62 -9.22 7.41
N VAL A 215 19.23 -8.11 7.04
CA VAL A 215 20.43 -7.57 7.69
C VAL A 215 20.08 -6.28 8.39
N CYS A 216 20.29 -6.21 9.70
CA CYS A 216 19.87 -5.07 10.52
C CYS A 216 21.05 -4.17 10.87
N ARG A 217 20.95 -2.89 10.51
CA ARG A 217 21.89 -1.85 10.87
C ARG A 217 21.38 -1.13 12.11
N CYS A 218 22.17 -1.18 13.17
CA CYS A 218 21.90 -0.62 14.48
C CYS A 218 23.24 -0.30 15.17
N SER A 219 23.24 0.54 16.20
CA SER A 219 24.48 0.92 16.90
C SER A 219 24.99 -0.23 17.78
N ASN A 220 24.20 -0.65 18.77
CA ASN A 220 24.46 -1.85 19.59
C ASN A 220 23.99 -3.13 18.87
N PRO A 221 24.48 -4.33 19.25
CA PRO A 221 24.02 -5.60 18.70
C PRO A 221 22.53 -5.86 18.91
N LEU A 222 21.92 -6.69 18.06
CA LEU A 222 20.55 -7.20 18.29
C LEU A 222 20.51 -8.13 19.50
N ASP A 223 19.44 -8.06 20.28
CA ASP A 223 19.12 -9.03 21.31
C ASP A 223 18.29 -10.21 20.76
N THR A 224 18.07 -11.24 21.58
CA THR A 224 17.32 -12.44 21.18
C THR A 224 15.86 -12.14 20.87
N SER A 225 15.24 -11.22 21.61
CA SER A 225 13.83 -10.86 21.45
C SER A 225 13.57 -10.20 20.09
N VAL A 226 14.46 -9.30 19.65
CA VAL A 226 14.34 -8.65 18.35
C VAL A 226 14.58 -9.60 17.19
N LYS A 227 15.58 -10.50 17.24
CA LYS A 227 15.75 -11.53 16.20
C LYS A 227 14.51 -12.43 16.08
N GLU A 228 13.86 -12.80 17.19
CA GLU A 228 12.61 -13.55 17.13
C GLU A 228 11.44 -12.72 16.59
N LYS A 229 11.26 -11.47 17.00
CA LYS A 229 10.18 -10.62 16.46
C LYS A 229 10.34 -10.33 14.98
N ILE A 230 11.55 -10.12 14.47
CA ILE A 230 11.79 -9.98 13.02
C ILE A 230 11.53 -11.32 12.31
N SER A 231 11.91 -12.45 12.88
CA SER A 231 11.66 -13.76 12.25
C SER A 231 10.16 -14.05 12.04
N MET A 232 9.32 -13.61 12.97
CA MET A 232 7.87 -13.75 12.91
C MET A 232 7.26 -12.97 11.74
N PHE A 233 7.53 -11.68 11.63
CA PHE A 233 6.89 -10.80 10.65
C PHE A 233 7.53 -10.82 9.25
N CYS A 234 8.80 -11.22 9.13
CA CYS A 234 9.55 -11.25 7.88
C CYS A 234 9.65 -12.64 7.24
N HIS A 235 9.08 -13.69 7.83
CA HIS A 235 9.03 -15.05 7.29
C HIS A 235 10.41 -15.71 7.04
N VAL A 236 11.43 -15.29 7.78
CA VAL A 236 12.79 -15.84 7.81
C VAL A 236 13.06 -16.41 9.19
N GLU A 237 13.86 -17.47 9.35
CA GLU A 237 14.17 -18.01 10.68
C GLU A 237 14.97 -17.00 11.53
N PRO A 238 15.00 -17.11 12.88
CA PRO A 238 15.84 -16.26 13.73
C PRO A 238 17.33 -16.27 13.35
N GLU A 239 17.77 -17.36 12.74
CA GLU A 239 19.14 -17.58 12.27
C GLU A 239 19.48 -16.82 10.97
N GLN A 240 18.48 -16.30 10.27
CA GLN A 240 18.60 -15.53 9.02
C GLN A 240 18.32 -14.03 9.21
N VAL A 241 18.20 -13.59 10.46
CA VAL A 241 18.26 -12.17 10.84
C VAL A 241 19.68 -11.87 11.27
N ILE A 242 20.40 -11.10 10.48
CA ILE A 242 21.84 -10.81 10.60
C ILE A 242 22.02 -9.44 11.23
N CYS A 243 23.01 -9.27 12.10
CA CYS A 243 23.29 -8.04 12.82
C CYS A 243 24.57 -7.37 12.31
N VAL A 244 24.53 -6.09 11.96
CA VAL A 244 25.69 -5.27 11.60
C VAL A 244 25.75 -4.06 12.54
N HIS A 245 26.28 -4.28 13.74
CA HIS A 245 26.58 -3.24 14.71
C HIS A 245 27.79 -2.40 14.30
N ASP A 246 28.02 -1.27 14.96
CA ASP A 246 29.18 -0.41 14.70
C ASP A 246 30.50 -1.08 15.11
N VAL A 247 31.55 -0.86 14.31
CA VAL A 247 32.89 -1.47 14.45
C VAL A 247 33.99 -0.45 14.13
N SER A 248 35.23 -0.70 14.58
CA SER A 248 36.33 0.27 14.45
C SER A 248 36.76 0.56 13.00
N SER A 249 36.63 -0.40 12.08
CA SER A 249 36.97 -0.22 10.67
C SER A 249 36.20 -1.18 9.75
N ILE A 250 36.08 -0.80 8.47
CA ILE A 250 35.37 -1.57 7.45
C ILE A 250 35.91 -2.98 7.27
N TYR A 251 37.18 -3.23 7.58
CA TYR A 251 37.77 -4.56 7.46
C TYR A 251 37.17 -5.60 8.41
N ARG A 252 36.45 -5.18 9.45
CA ARG A 252 35.74 -6.12 10.33
C ARG A 252 34.39 -6.58 9.79
N VAL A 253 33.76 -5.87 8.85
CA VAL A 253 32.42 -6.22 8.35
C VAL A 253 32.38 -7.61 7.68
N PRO A 254 33.30 -8.03 6.80
CA PRO A 254 33.37 -9.41 6.32
C PRO A 254 33.47 -10.46 7.44
N LEU A 255 34.14 -10.11 8.55
CA LEU A 255 34.32 -11.00 9.68
C LEU A 255 33.02 -11.15 10.49
N LEU A 256 32.22 -10.09 10.64
CA LEU A 256 30.86 -10.18 11.20
C LEU A 256 30.00 -11.14 10.37
N LEU A 257 30.01 -11.03 9.04
CA LEU A 257 29.20 -11.89 8.21
C LEU A 257 29.67 -13.35 8.25
N GLU A 258 30.98 -13.64 8.33
CA GLU A 258 31.45 -15.02 8.50
C GLU A 258 31.04 -15.61 9.86
N GLU A 259 31.27 -14.90 10.97
CA GLU A 259 30.99 -15.45 12.31
C GLU A 259 29.48 -15.60 12.58
N GLN A 260 28.63 -14.87 11.85
CA GLN A 260 27.17 -15.08 11.84
C GLN A 260 26.70 -16.11 10.78
N GLY A 261 27.61 -16.81 10.12
CA GLY A 261 27.27 -17.93 9.23
C GLY A 261 26.65 -17.55 7.89
N VAL A 262 26.79 -16.30 7.41
CA VAL A 262 26.24 -15.88 6.12
C VAL A 262 26.83 -16.69 4.96
N VAL A 263 28.13 -17.00 4.99
CA VAL A 263 28.75 -17.89 4.01
C VAL A 263 28.19 -19.32 4.08
N ASP A 264 27.96 -19.85 5.28
CA ASP A 264 27.33 -21.17 5.45
C ASP A 264 25.86 -21.20 5.05
N TYR A 265 25.20 -20.05 4.87
CA TYR A 265 23.87 -19.95 4.30
C TYR A 265 23.91 -19.99 2.76
N PHE A 266 24.66 -19.11 2.10
CA PHE A 266 24.67 -19.07 0.64
C PHE A 266 25.18 -20.36 -0.01
N LEU A 267 26.15 -21.04 0.58
CA LEU A 267 26.61 -22.35 0.10
C LEU A 267 25.58 -23.49 0.26
N ARG A 268 24.38 -23.22 0.76
CA ARG A 268 23.20 -24.12 0.74
C ARG A 268 21.99 -23.51 0.03
N ARG A 269 21.72 -22.22 0.22
CA ARG A 269 20.62 -21.48 -0.44
C ARG A 269 20.78 -21.37 -1.96
N LEU A 270 22.02 -21.34 -2.46
CA LEU A 270 22.35 -21.26 -3.88
C LEU A 270 23.08 -22.52 -4.40
N ASP A 271 23.22 -23.57 -3.60
CA ASP A 271 23.95 -24.82 -3.89
C ASP A 271 25.36 -24.69 -4.53
N LEU A 272 26.04 -23.57 -4.28
CA LEU A 272 27.38 -23.24 -4.76
C LEU A 272 28.44 -24.29 -4.35
N PRO A 273 29.52 -24.45 -5.13
CA PRO A 273 30.68 -25.29 -4.79
C PRO A 273 31.25 -25.03 -3.39
N LYS A 280 42.39 -19.26 4.73
CA LYS A 280 41.60 -18.50 3.75
C LYS A 280 42.01 -17.02 3.70
N MET A 281 41.56 -16.31 2.67
CA MET A 281 41.73 -14.86 2.50
C MET A 281 41.30 -14.05 3.73
N LEU A 282 40.22 -14.45 4.42
CA LEU A 282 39.75 -13.78 5.63
C LEU A 282 40.75 -13.83 6.80
N MET A 283 41.69 -14.77 6.84
CA MET A 283 42.73 -14.78 7.87
C MET A 283 43.72 -13.63 7.68
N LYS A 284 44.14 -13.35 6.44
CA LYS A 284 44.90 -12.11 6.12
C LYS A 284 44.07 -10.87 6.42
N TRP A 285 42.78 -10.91 6.15
CA TRP A 285 41.85 -9.80 6.42
C TRP A 285 41.71 -9.52 7.93
N LYS A 286 41.63 -10.58 8.75
CA LYS A 286 41.60 -10.51 10.22
C LYS A 286 42.90 -9.95 10.79
N GLU A 287 44.05 -10.41 10.32
CA GLU A 287 45.34 -9.86 10.75
C GLU A 287 45.49 -8.38 10.35
N MET A 288 45.07 -8.00 9.14
CA MET A 288 45.02 -6.61 8.70
C MET A 288 44.11 -5.75 9.58
N ALA A 289 42.93 -6.24 9.95
CA ALA A 289 42.02 -5.52 10.85
C ALA A 289 42.62 -5.33 12.26
N ASP A 290 43.29 -6.34 12.81
CA ASP A 290 43.98 -6.22 14.09
C ASP A 290 45.16 -5.23 14.02
N ARG A 291 45.93 -5.21 12.93
CA ARG A 291 47.02 -4.22 12.75
C ARG A 291 46.48 -2.79 12.80
N TYR A 292 45.41 -2.49 12.07
CA TYR A 292 44.79 -1.15 12.08
C TYR A 292 44.44 -0.70 13.50
N ASP A 293 43.87 -1.59 14.32
CA ASP A 293 43.52 -1.29 15.71
C ASP A 293 44.75 -1.11 16.62
N ARG A 294 45.79 -1.94 16.52
CA ARG A 294 46.91 -1.95 17.49
C ARG A 294 48.08 -1.01 17.19
N LEU A 295 48.23 -0.49 15.97
CA LEU A 295 49.32 0.44 15.61
C LEU A 295 49.14 1.82 16.25
N LEU A 296 50.21 2.36 16.84
CA LEU A 296 50.21 3.63 17.57
C LEU A 296 51.30 4.64 17.11
N GLU A 297 52.44 4.19 16.60
CA GLU A 297 53.48 5.07 16.05
C GLU A 297 52.95 5.77 14.78
N THR A 298 53.14 7.09 14.66
CA THR A 298 52.35 7.92 13.73
C THR A 298 53.18 8.69 12.71
N CYS A 299 52.59 8.91 11.53
CA CYS A 299 53.16 9.66 10.41
C CYS A 299 52.09 10.59 9.82
N SER A 300 52.45 11.81 9.41
CA SER A 300 51.50 12.79 8.87
C SER A 300 51.90 13.30 7.49
N ILE A 301 50.96 13.29 6.54
CA ILE A 301 51.17 13.67 5.13
C ILE A 301 50.30 14.88 4.79
N ALA A 302 50.89 15.91 4.18
CA ALA A 302 50.15 17.07 3.71
C ALA A 302 49.45 16.76 2.38
N LEU A 303 48.12 16.83 2.32
CA LEU A 303 47.34 16.74 1.08
C LEU A 303 46.94 18.15 0.63
N VAL A 304 47.65 18.71 -0.34
CA VAL A 304 47.45 20.09 -0.80
C VAL A 304 46.46 20.11 -1.97
N GLY A 305 45.18 20.40 -1.71
CA GLY A 305 44.11 20.21 -2.70
C GLY A 305 42.90 21.14 -2.61
N LYS A 306 42.44 21.66 -3.76
CA LYS A 306 41.33 22.61 -3.90
C LYS A 306 39.96 22.05 -3.47
N TYR A 307 39.76 20.73 -3.50
CA TYR A 307 38.46 20.11 -3.15
C TYR A 307 38.31 19.80 -1.66
N THR A 308 39.30 20.11 -0.83
CA THR A 308 39.37 19.69 0.60
C THR A 308 38.23 20.21 1.50
N LYS A 309 37.35 21.10 1.01
CA LYS A 309 36.06 21.42 1.65
C LYS A 309 35.06 20.25 1.68
N PHE A 310 35.35 19.13 1.01
CA PHE A 310 34.65 17.85 1.14
C PHE A 310 35.64 16.67 1.17
N SER A 311 35.21 15.52 1.71
CA SER A 311 36.04 14.34 1.93
C SER A 311 36.15 13.43 0.69
N ASP A 312 35.03 12.94 0.17
CA ASP A 312 35.06 11.89 -0.86
C ASP A 312 35.46 12.42 -2.25
N SER A 313 35.74 13.71 -2.39
CA SER A 313 36.45 14.27 -3.55
C SER A 313 37.90 13.75 -3.70
N TYR A 314 38.47 13.10 -2.69
CA TYR A 314 39.78 12.43 -2.75
C TYR A 314 39.72 10.96 -2.30
N ALA A 315 38.55 10.30 -2.39
CA ALA A 315 38.33 9.00 -1.77
C ALA A 315 39.38 7.94 -2.13
N SER A 316 39.77 7.76 -3.40
CA SER A 316 40.80 6.76 -3.73
C SER A 316 42.18 7.18 -3.28
N VAL A 317 42.50 8.48 -3.27
CA VAL A 317 43.80 8.96 -2.80
C VAL A 317 43.99 8.65 -1.32
N ILE A 318 43.03 9.04 -0.47
CA ILE A 318 43.14 8.77 0.96
C ILE A 318 43.09 7.26 1.27
N LYS A 319 42.34 6.47 0.50
CA LYS A 319 42.39 5.00 0.60
C LYS A 319 43.77 4.45 0.22
N ALA A 320 44.39 4.94 -0.85
CA ALA A 320 45.72 4.50 -1.27
C ALA A 320 46.80 4.87 -0.23
N LEU A 321 46.70 6.05 0.39
CA LEU A 321 47.57 6.39 1.51
C LEU A 321 47.35 5.45 2.71
N GLU A 322 46.10 5.22 3.11
CA GLU A 322 45.80 4.29 4.22
C GLU A 322 46.29 2.86 3.94
N HIS A 323 46.09 2.33 2.72
CA HIS A 323 46.63 1.03 2.35
C HIS A 323 48.16 1.01 2.40
N SER A 324 48.83 2.12 2.11
CA SER A 324 50.28 2.21 2.27
C SER A 324 50.70 2.29 3.74
N ALA A 325 49.98 3.05 4.57
CA ALA A 325 50.33 3.25 5.96
C ALA A 325 50.30 1.95 6.78
N LEU A 326 49.35 1.06 6.52
CA LEU A 326 49.34 -0.26 7.15
C LEU A 326 50.52 -1.14 6.71
N ALA A 327 50.96 -1.06 5.46
CA ALA A 327 52.18 -1.75 5.00
C ALA A 327 53.45 -1.14 5.62
N ILE A 328 53.42 0.16 5.93
CA ILE A 328 54.47 0.92 6.62
C ILE A 328 54.41 0.71 8.15
N ASN A 329 53.34 0.11 8.66
CA ASN A 329 53.05 -0.06 10.08
C ASN A 329 53.06 1.26 10.88
N HIS A 330 52.44 2.31 10.33
CA HIS A 330 52.25 3.60 11.02
C HIS A 330 50.79 4.05 10.99
N LYS A 331 50.32 4.67 12.07
CA LYS A 331 48.98 5.26 12.18
C LYS A 331 48.96 6.64 11.50
N LEU A 332 48.41 6.68 10.30
CA LEU A 332 48.43 7.85 9.40
C LEU A 332 47.58 9.03 9.91
N GLU A 333 48.08 10.24 9.69
CA GLU A 333 47.29 11.48 9.73
C GLU A 333 47.31 12.19 8.37
N ILE A 334 46.13 12.49 7.81
CA ILE A 334 46.00 13.38 6.66
C ILE A 334 45.95 14.83 7.15
N LYS A 335 46.98 15.62 6.82
CA LYS A 335 46.96 17.07 7.01
C LYS A 335 46.39 17.71 5.75
N TYR A 336 45.07 17.86 5.70
CA TYR A 336 44.38 18.55 4.61
C TYR A 336 44.76 20.03 4.54
N ILE A 337 45.11 20.53 3.36
CA ILE A 337 45.43 21.94 3.11
C ILE A 337 44.71 22.40 1.85
N ASP A 338 43.97 23.52 1.92
CA ASP A 338 43.43 24.16 0.72
C ASP A 338 44.51 25.02 0.05
N SER A 339 44.82 24.72 -1.20
CA SER A 339 45.79 25.46 -2.00
C SER A 339 45.45 26.96 -2.10
N ALA A 340 44.16 27.31 -2.07
CA ALA A 340 43.71 28.70 -2.11
C ALA A 340 43.96 29.46 -0.79
N ASP A 341 44.15 28.77 0.33
CA ASP A 341 44.62 29.39 1.58
C ASP A 341 46.13 29.57 1.56
N LEU A 342 46.86 28.56 1.07
CA LEU A 342 48.31 28.56 0.97
C LEU A 342 48.85 29.61 -0.04
N GLU A 343 48.05 29.98 -1.03
CA GLU A 343 48.37 31.01 -2.02
C GLU A 343 48.66 32.39 -1.37
N PRO A 344 49.73 33.12 -1.78
CA PRO A 344 50.14 34.39 -1.16
C PRO A 344 49.04 35.43 -0.93
N ILE A 345 48.05 35.49 -1.83
CA ILE A 345 46.92 36.43 -1.81
C ILE A 345 46.12 36.41 -0.49
N THR A 346 46.13 35.31 0.26
CA THR A 346 45.48 35.23 1.59
C THR A 346 46.03 36.27 2.57
N SER A 347 47.28 36.70 2.39
CA SER A 347 47.92 37.76 3.19
C SER A 347 47.21 39.12 3.10
N GLN A 348 46.46 39.37 2.02
CA GLN A 348 45.68 40.59 1.80
C GLN A 348 44.25 40.53 2.36
N GLU A 349 43.83 39.41 2.98
CA GLU A 349 42.54 39.30 3.67
C GLU A 349 42.66 38.88 5.14
N GLU A 350 43.47 37.87 5.48
CA GLU A 350 43.73 37.46 6.87
C GLU A 350 45.00 36.57 6.97
N PRO A 351 46.18 37.13 7.28
CA PRO A 351 47.43 36.38 7.41
C PRO A 351 47.41 35.17 8.35
N VAL A 352 46.51 35.11 9.34
CA VAL A 352 46.38 33.94 10.22
C VAL A 352 46.05 32.66 9.45
N ARG A 353 45.14 32.73 8.46
CA ARG A 353 44.74 31.56 7.67
C ARG A 353 45.85 31.12 6.71
N TYR A 354 46.62 32.08 6.19
CA TYR A 354 47.84 31.84 5.43
C TYR A 354 48.92 31.15 6.29
N HIS A 355 49.19 31.72 7.47
CA HIS A 355 50.23 31.23 8.38
C HIS A 355 49.92 29.82 8.91
N GLU A 356 48.66 29.51 9.25
CA GLU A 356 48.32 28.15 9.66
C GLU A 356 48.38 27.15 8.48
N ALA A 357 47.99 27.53 7.26
CA ALA A 357 48.18 26.67 6.10
C ALA A 357 49.68 26.35 5.89
N TRP A 358 50.55 27.34 6.08
CA TRP A 358 51.99 27.09 6.10
C TRP A 358 52.44 26.19 7.26
N GLN A 359 52.00 26.42 8.50
CA GLN A 359 52.46 25.57 9.62
C GLN A 359 51.93 24.12 9.51
N LYS A 360 50.74 23.93 8.92
CA LYS A 360 50.18 22.61 8.59
C LYS A 360 51.04 21.88 7.56
N LEU A 361 51.61 22.61 6.58
CA LEU A 361 52.57 22.05 5.62
C LEU A 361 53.93 21.78 6.30
N CYS A 362 54.52 22.77 6.97
CA CYS A 362 55.88 22.70 7.52
C CYS A 362 56.03 21.60 8.59
N SER A 363 54.96 21.29 9.33
CA SER A 363 54.94 20.23 10.35
C SER A 363 54.67 18.82 9.80
N ALA A 364 54.33 18.68 8.51
CA ALA A 364 54.11 17.36 7.90
C ALA A 364 55.44 16.61 7.64
N HIS A 365 55.39 15.28 7.65
CA HIS A 365 56.54 14.41 7.35
C HIS A 365 56.75 14.19 5.83
N GLY A 366 55.91 14.77 4.98
CA GLY A 366 55.91 14.63 3.52
C GLY A 366 54.67 15.29 2.90
N VAL A 367 54.68 15.50 1.59
CA VAL A 367 53.63 16.27 0.89
C VAL A 367 53.19 15.64 -0.44
N LEU A 368 51.89 15.70 -0.70
CA LEU A 368 51.22 15.11 -1.86
C LEU A 368 50.36 16.15 -2.58
N VAL A 369 50.48 16.23 -3.90
CA VAL A 369 49.67 17.11 -4.76
C VAL A 369 48.78 16.26 -5.70
N PRO A 370 47.47 16.12 -5.42
CA PRO A 370 46.51 15.47 -6.30
C PRO A 370 46.02 16.34 -7.46
N GLY A 371 45.31 15.74 -8.41
CA GLY A 371 44.80 16.37 -9.63
C GLY A 371 43.60 17.31 -9.42
N GLY A 372 43.00 17.74 -10.53
CA GLY A 372 41.76 18.53 -10.58
C GLY A 372 41.89 19.82 -11.37
N PHE A 373 41.17 19.91 -12.49
CA PHE A 373 41.25 20.98 -13.50
C PHE A 373 40.90 22.39 -12.98
N GLY A 374 41.28 23.43 -13.71
CA GLY A 374 40.95 24.84 -13.47
C GLY A 374 41.93 25.61 -12.60
N VAL A 375 41.90 26.94 -12.69
CA VAL A 375 42.93 27.85 -12.15
C VAL A 375 42.98 27.89 -10.62
N ARG A 376 41.84 27.75 -9.93
CA ARG A 376 41.71 28.07 -8.49
C ARG A 376 42.82 27.44 -7.63
N GLY A 377 43.56 28.29 -6.92
CA GLY A 377 44.64 27.87 -6.00
C GLY A 377 45.91 27.32 -6.65
N THR A 378 46.06 27.36 -7.98
CA THR A 378 47.20 26.74 -8.68
C THR A 378 48.57 27.31 -8.27
N GLU A 379 48.67 28.62 -8.02
CA GLU A 379 49.92 29.24 -7.55
C GLU A 379 50.27 28.79 -6.11
N GLY A 380 49.27 28.45 -5.30
CA GLY A 380 49.49 27.86 -3.97
C GLY A 380 50.16 26.49 -4.05
N LYS A 381 49.79 25.67 -5.03
CA LYS A 381 50.49 24.40 -5.31
C LYS A 381 51.92 24.64 -5.77
N ILE A 382 52.18 25.65 -6.59
CA ILE A 382 53.56 26.02 -6.97
C ILE A 382 54.37 26.40 -5.72
N GLN A 383 53.81 27.15 -4.77
CA GLN A 383 54.49 27.43 -3.51
C GLN A 383 54.72 26.18 -2.65
N ALA A 384 53.77 25.25 -2.59
CA ALA A 384 53.96 23.97 -1.89
C ALA A 384 55.10 23.14 -2.48
N ILE A 385 55.16 23.06 -3.81
CA ILE A 385 56.22 22.35 -4.54
C ILE A 385 57.57 23.05 -4.32
N ALA A 386 57.61 24.38 -4.39
CA ALA A 386 58.82 25.16 -4.14
C ALA A 386 59.37 24.91 -2.73
N TRP A 387 58.50 24.90 -1.71
CA TRP A 387 58.89 24.50 -0.36
C TRP A 387 59.41 23.05 -0.31
N ALA A 388 58.70 22.11 -0.93
CA ALA A 388 59.11 20.71 -0.92
C ALA A 388 60.48 20.47 -1.59
N ARG A 389 60.78 21.20 -2.66
CA ARG A 389 62.09 21.15 -3.33
C ARG A 389 63.17 21.88 -2.52
N ASN A 390 62.87 23.02 -1.92
CA ASN A 390 63.84 23.83 -1.17
C ASN A 390 64.21 23.21 0.18
N GLN A 391 63.22 22.80 0.99
CA GLN A 391 63.44 22.20 2.31
C GLN A 391 63.72 20.69 2.26
N LYS A 392 63.61 20.08 1.07
CA LYS A 392 63.89 18.66 0.79
C LYS A 392 63.08 17.64 1.61
N LYS A 393 61.90 18.02 2.09
CA LYS A 393 60.86 17.08 2.53
C LYS A 393 60.31 16.28 1.33
N PRO A 394 59.97 14.99 1.48
CA PRO A 394 59.61 14.13 0.36
C PRO A 394 58.27 14.52 -0.29
N PHE A 395 58.19 14.39 -1.61
CA PHE A 395 57.11 14.89 -2.45
C PHE A 395 56.62 13.87 -3.49
N LEU A 396 55.30 13.82 -3.70
CA LEU A 396 54.67 13.18 -4.86
C LEU A 396 53.63 14.11 -5.49
N GLY A 397 53.60 14.16 -6.83
CA GLY A 397 52.54 14.78 -7.61
C GLY A 397 51.89 13.79 -8.58
N VAL A 398 50.56 13.74 -8.63
CA VAL A 398 49.80 12.89 -9.56
C VAL A 398 48.93 13.75 -10.48
N CYS A 399 48.79 13.37 -11.76
CA CYS A 399 48.12 14.19 -12.78
C CYS A 399 48.73 15.61 -12.81
N LEU A 400 47.99 16.65 -12.40
CA LEU A 400 48.50 18.03 -12.32
C LEU A 400 49.76 18.14 -11.48
N GLY A 401 49.97 17.30 -10.46
CA GLY A 401 51.16 17.39 -9.62
C GLY A 401 52.48 17.20 -10.40
N MET A 402 52.48 16.47 -11.51
CA MET A 402 53.64 16.40 -12.42
C MET A 402 53.79 17.68 -13.24
N GLN A 403 52.70 18.15 -13.84
CA GLN A 403 52.68 19.35 -14.68
C GLN A 403 53.12 20.59 -13.87
N LEU A 404 52.61 20.73 -12.66
CA LEU A 404 52.98 21.80 -11.73
C LEU A 404 54.42 21.66 -11.22
N ALA A 405 54.98 20.45 -11.12
CA ALA A 405 56.38 20.28 -10.76
C ALA A 405 57.32 20.81 -11.84
N VAL A 406 57.06 20.52 -13.12
CA VAL A 406 57.86 21.13 -14.20
C VAL A 406 57.60 22.63 -14.35
N VAL A 407 56.39 23.13 -14.05
CA VAL A 407 56.16 24.58 -13.94
C VAL A 407 57.01 25.18 -12.83
N GLU A 408 57.03 24.63 -11.62
CA GLU A 408 57.87 25.17 -10.54
C GLU A 408 59.37 25.10 -10.89
N PHE A 409 59.84 23.98 -11.42
CA PHE A 409 61.24 23.82 -11.81
C PHE A 409 61.63 24.83 -12.91
N SER A 410 60.79 25.02 -13.92
CA SER A 410 61.05 26.01 -14.97
C SER A 410 60.93 27.46 -14.45
N ARG A 411 59.97 27.74 -13.56
CA ARG A 411 59.81 29.06 -12.92
C ARG A 411 61.03 29.44 -12.09
N ASN A 412 61.51 28.56 -11.22
CA ASN A 412 62.53 28.89 -10.22
C ASN A 412 63.95 28.40 -10.54
N VAL A 413 64.13 27.26 -11.21
CA VAL A 413 65.46 26.71 -11.52
C VAL A 413 65.96 27.19 -12.88
N LEU A 414 65.13 27.15 -13.93
CA LEU A 414 65.44 27.76 -15.22
C LEU A 414 65.26 29.30 -15.17
N GLY A 415 64.56 29.82 -14.15
CA GLY A 415 64.44 31.25 -13.91
C GLY A 415 63.51 31.98 -14.88
N TRP A 416 62.48 31.30 -15.38
CA TRP A 416 61.47 31.87 -16.28
C TRP A 416 60.29 32.46 -15.48
N GLN A 417 60.33 33.76 -15.15
CA GLN A 417 59.39 34.38 -14.21
C GLN A 417 57.90 34.27 -14.60
N ASP A 418 57.59 34.11 -15.88
CA ASP A 418 56.23 33.90 -16.39
C ASP A 418 55.91 32.44 -16.79
N ALA A 419 56.75 31.46 -16.45
CA ALA A 419 56.47 30.05 -16.78
C ALA A 419 55.15 29.55 -16.17
N ASN A 420 54.29 28.99 -17.03
CA ASN A 420 52.95 28.54 -16.69
C ASN A 420 52.47 27.46 -17.69
N SER A 421 51.40 26.73 -17.36
CA SER A 421 50.70 25.89 -18.34
C SER A 421 49.73 26.72 -19.17
N THR A 422 49.48 26.29 -20.40
CA THR A 422 48.44 26.91 -21.25
C THR A 422 47.01 26.56 -20.82
N GLU A 423 46.83 25.71 -19.80
CA GLU A 423 45.51 25.58 -19.13
C GLU A 423 45.18 26.85 -18.34
N PHE A 424 46.16 27.38 -17.60
CA PHE A 424 45.95 28.50 -16.68
C PHE A 424 46.19 29.87 -17.34
N ASP A 425 47.15 29.98 -18.27
CA ASP A 425 47.37 31.21 -19.06
C ASP A 425 48.04 30.89 -20.42
N PRO A 426 47.35 31.05 -21.56
CA PRO A 426 47.92 30.78 -22.88
C PRO A 426 48.86 31.89 -23.38
N THR A 427 48.95 33.04 -22.70
CA THR A 427 49.61 34.26 -23.22
C THR A 427 51.10 34.39 -22.86
N THR A 428 51.64 33.51 -22.01
CA THR A 428 53.01 33.66 -21.46
C THR A 428 54.09 33.43 -22.53
N SER A 429 55.31 33.95 -22.27
CA SER A 429 56.51 33.34 -22.85
C SER A 429 56.78 31.97 -22.20
N HIS A 430 57.72 31.20 -22.76
CA HIS A 430 58.13 29.89 -22.27
C HIS A 430 56.97 28.93 -21.87
N PRO A 431 55.90 28.76 -22.68
CA PRO A 431 54.74 27.96 -22.28
C PRO A 431 55.13 26.48 -22.20
N VAL A 432 55.25 25.95 -20.98
CA VAL A 432 55.93 24.66 -20.72
C VAL A 432 55.01 23.43 -20.84
N VAL A 433 53.70 23.62 -20.78
CA VAL A 433 52.68 22.55 -20.88
C VAL A 433 51.53 22.96 -21.82
N VAL A 434 51.13 22.06 -22.71
CA VAL A 434 50.16 22.30 -23.80
C VAL A 434 49.10 21.19 -23.91
N ASP A 435 47.89 21.58 -24.29
CA ASP A 435 46.76 20.71 -24.64
C ASP A 435 47.12 19.85 -25.87
N MET A 436 47.27 18.53 -25.67
CA MET A 436 47.76 17.57 -26.66
C MET A 436 46.82 16.34 -26.76
N PRO A 437 45.64 16.46 -27.41
CA PRO A 437 44.69 15.37 -27.53
C PRO A 437 45.27 14.07 -28.11
N GLU A 438 44.81 12.92 -27.61
CA GLU A 438 45.21 11.61 -28.12
C GLU A 438 44.58 11.26 -29.49
N HIS A 439 43.37 11.78 -29.75
CA HIS A 439 42.60 11.53 -30.97
C HIS A 439 43.34 11.99 -32.23
N MET A 448 40.64 13.39 -25.08
CA MET A 448 41.26 13.19 -23.77
C MET A 448 41.91 11.80 -23.66
N ARG A 449 43.07 11.69 -22.99
CA ARG A 449 43.76 10.43 -22.73
C ARG A 449 43.16 9.78 -21.48
N LEU A 450 42.36 8.74 -21.69
CA LEU A 450 41.51 8.12 -20.67
C LEU A 450 41.70 6.60 -20.59
N GLY A 451 41.65 6.05 -19.38
CA GLY A 451 41.68 4.62 -19.15
C GLY A 451 43.08 4.02 -19.15
N LYS A 452 43.16 2.69 -19.30
CA LYS A 452 44.43 1.95 -19.27
C LYS A 452 45.34 2.33 -20.45
N ARG A 453 46.61 2.62 -20.20
CA ARG A 453 47.67 2.74 -21.22
C ARG A 453 49.02 2.27 -20.70
N ARG A 454 49.88 1.87 -21.63
CA ARG A 454 51.26 1.43 -21.43
C ARG A 454 52.20 2.63 -21.18
N THR A 455 53.19 2.48 -20.31
CA THR A 455 54.27 3.45 -20.07
C THR A 455 55.62 2.73 -20.03
N LEU A 456 56.65 3.24 -20.70
CA LEU A 456 57.98 2.64 -20.79
C LEU A 456 59.00 3.46 -19.99
N PHE A 457 59.87 2.77 -19.21
CA PHE A 457 61.01 3.40 -18.55
C PHE A 457 62.13 3.74 -19.55
N GLN A 458 62.63 4.97 -19.50
CA GLN A 458 63.73 5.46 -20.34
C GLN A 458 65.08 5.57 -19.59
N THR A 459 65.17 5.05 -18.36
CA THR A 459 66.40 5.00 -17.57
C THR A 459 66.40 3.80 -16.62
N LYS A 460 67.59 3.34 -16.21
CA LYS A 460 67.79 2.34 -15.15
C LYS A 460 68.01 2.96 -13.75
N ASN A 461 68.31 4.26 -13.66
CA ASN A 461 68.76 4.92 -12.43
C ASN A 461 67.63 5.34 -11.46
N SER A 462 66.38 5.41 -11.94
CA SER A 462 65.22 5.92 -11.19
C SER A 462 64.88 5.13 -9.92
N VAL A 463 64.48 5.84 -8.85
CA VAL A 463 63.92 5.20 -7.65
C VAL A 463 62.50 4.68 -7.91
N MET A 464 61.72 5.36 -8.75
CA MET A 464 60.38 4.90 -9.13
C MET A 464 60.42 3.55 -9.86
N ARG A 465 61.45 3.31 -10.67
CA ARG A 465 61.70 2.01 -11.32
C ARG A 465 61.88 0.88 -10.30
N LYS A 466 62.66 1.11 -9.24
CA LYS A 466 62.86 0.14 -8.15
C LYS A 466 61.56 -0.11 -7.39
N LEU A 467 60.80 0.95 -7.10
CA LEU A 467 59.50 0.84 -6.42
C LEU A 467 58.48 0.00 -7.21
N TYR A 468 58.40 0.14 -8.53
CA TYR A 468 57.57 -0.72 -9.39
C TYR A 468 58.11 -2.15 -9.61
N GLY A 469 59.19 -2.55 -8.95
CA GLY A 469 59.74 -3.90 -9.03
C GLY A 469 60.69 -4.12 -10.21
N ASP A 470 61.19 -3.06 -10.84
CA ASP A 470 62.26 -3.07 -11.84
C ASP A 470 61.95 -3.83 -13.16
N ALA A 471 60.67 -3.98 -13.50
CA ALA A 471 60.24 -4.31 -14.85
C ALA A 471 60.33 -3.07 -15.77
N ASP A 472 60.54 -3.27 -17.07
CA ASP A 472 60.83 -2.19 -18.04
C ASP A 472 59.61 -1.34 -18.46
N TYR A 473 58.39 -1.76 -18.10
CA TYR A 473 57.15 -1.05 -18.44
C TYR A 473 56.08 -1.16 -17.35
N LEU A 474 55.15 -0.23 -17.39
CA LEU A 474 53.95 -0.12 -16.56
C LEU A 474 52.71 -0.21 -17.44
N GLU A 475 51.61 -0.68 -16.87
CA GLU A 475 50.27 -0.37 -17.35
C GLU A 475 49.48 0.32 -16.23
N GLU A 476 48.92 1.49 -16.52
CA GLU A 476 48.33 2.42 -15.53
C GLU A 476 47.09 3.13 -16.10
N ARG A 477 46.28 3.77 -15.25
CA ARG A 477 45.02 4.42 -15.66
C ARG A 477 45.17 5.94 -15.72
N HIS A 478 44.89 6.55 -16.87
CA HIS A 478 45.01 8.00 -17.14
C HIS A 478 43.66 8.74 -17.20
N ARG A 479 43.71 10.06 -17.00
CA ARG A 479 42.58 11.00 -17.18
C ARG A 479 43.11 12.43 -17.32
N HIS A 480 43.59 12.82 -18.51
CA HIS A 480 44.16 14.15 -18.75
C HIS A 480 44.21 14.53 -20.23
N ARG A 481 44.46 15.81 -20.52
CA ARG A 481 44.71 16.33 -21.89
C ARG A 481 45.93 17.27 -22.07
N PHE A 482 46.64 17.62 -21.00
CA PHE A 482 47.80 18.51 -21.06
C PHE A 482 49.11 17.75 -20.83
N GLU A 483 50.15 18.04 -21.62
CA GLU A 483 51.48 17.42 -21.50
C GLU A 483 52.63 18.45 -21.68
N VAL A 484 53.82 18.08 -21.19
CA VAL A 484 55.04 18.88 -21.30
C VAL A 484 55.44 19.10 -22.76
N ASN A 485 55.78 20.34 -23.13
CA ASN A 485 56.19 20.71 -24.48
C ASN A 485 57.51 20.04 -24.90
N PRO A 486 57.56 19.29 -26.01
CA PRO A 486 58.78 18.67 -26.52
C PRO A 486 59.95 19.63 -26.81
N VAL A 487 59.70 20.91 -27.05
CA VAL A 487 60.75 21.93 -27.30
C VAL A 487 61.46 22.38 -26.02
N TRP A 488 60.75 22.56 -24.91
CA TRP A 488 61.34 22.93 -23.61
C TRP A 488 61.91 21.72 -22.86
N LYS A 489 61.35 20.52 -23.05
CA LYS A 489 61.85 19.23 -22.54
C LYS A 489 63.37 19.07 -22.75
N LYS A 490 63.88 19.50 -23.91
CA LYS A 490 65.30 19.47 -24.28
C LYS A 490 66.21 20.13 -23.24
N CYS A 491 65.87 21.34 -22.79
CA CYS A 491 66.71 22.11 -21.87
C CYS A 491 66.49 21.77 -20.38
N LEU A 492 65.32 21.24 -20.02
CA LEU A 492 65.00 20.85 -18.64
C LEU A 492 65.89 19.70 -18.14
N GLU A 493 66.12 18.69 -18.98
CA GLU A 493 66.98 17.55 -18.67
C GLU A 493 68.50 17.85 -18.68
N GLU A 494 68.91 19.07 -19.01
CA GLU A 494 70.29 19.53 -18.79
C GLU A 494 70.59 19.75 -17.29
N GLN A 495 69.56 19.83 -16.46
CA GLN A 495 69.63 20.00 -15.01
C GLN A 495 69.15 18.73 -14.26
N GLY A 496 68.88 18.82 -12.96
CA GLY A 496 68.56 17.66 -12.12
C GLY A 496 67.22 16.96 -12.39
N LEU A 497 66.29 17.56 -13.13
CA LEU A 497 64.98 16.97 -13.44
C LEU A 497 65.07 15.94 -14.59
N LYS A 498 64.65 14.70 -14.34
CA LYS A 498 64.76 13.55 -15.25
C LYS A 498 63.37 13.03 -15.62
N PHE A 499 63.05 12.99 -16.92
CA PHE A 499 61.83 12.37 -17.43
C PHE A 499 62.01 10.86 -17.55
N VAL A 500 61.79 10.18 -16.42
CA VAL A 500 62.01 8.75 -16.21
C VAL A 500 61.20 7.85 -17.14
N GLY A 501 59.95 8.24 -17.45
CA GLY A 501 59.00 7.36 -18.13
C GLY A 501 58.12 8.07 -19.14
N GLN A 502 57.78 7.37 -20.24
CA GLN A 502 57.16 7.95 -21.43
C GLN A 502 56.14 7.00 -22.10
N ASP A 503 55.32 7.58 -22.99
CA ASP A 503 54.46 6.86 -23.93
C ASP A 503 55.26 5.95 -24.90
N VAL A 504 54.58 5.02 -25.59
CA VAL A 504 55.19 3.84 -26.23
C VAL A 504 56.24 4.10 -27.34
N GLU A 505 56.28 5.28 -27.94
CA GLU A 505 57.39 5.70 -28.82
C GLU A 505 57.88 7.14 -28.50
N GLY A 506 57.73 7.56 -27.24
CA GLY A 506 58.30 8.80 -26.70
C GLY A 506 57.48 10.06 -26.96
N GLU A 507 56.22 9.96 -27.36
CA GLU A 507 55.39 11.11 -27.74
C GLU A 507 55.07 12.05 -26.55
N ARG A 508 54.86 11.46 -25.36
CA ARG A 508 54.33 12.11 -24.15
C ARG A 508 55.08 11.68 -22.89
N MET A 509 55.28 12.60 -21.96
CA MET A 509 55.98 12.36 -20.69
C MET A 509 55.03 11.82 -19.62
N GLU A 510 55.39 10.71 -18.98
CA GLU A 510 54.51 9.94 -18.08
C GLU A 510 55.00 9.89 -16.63
N ILE A 511 56.32 9.91 -16.41
CA ILE A 511 56.96 9.94 -15.08
C ILE A 511 58.12 10.93 -15.09
N VAL A 512 58.26 11.74 -14.03
CA VAL A 512 59.40 12.61 -13.80
C VAL A 512 59.95 12.44 -12.38
N GLU A 513 61.25 12.61 -12.21
CA GLU A 513 61.97 12.44 -10.94
C GLU A 513 63.07 13.51 -10.83
N LEU A 514 63.39 13.99 -9.63
CA LEU A 514 64.50 14.93 -9.41
C LEU A 514 65.66 14.22 -8.71
N GLU A 515 66.82 14.17 -9.33
CA GLU A 515 67.95 13.36 -8.84
C GLU A 515 68.69 13.98 -7.62
N ASP A 516 68.55 15.28 -7.40
CA ASP A 516 69.21 16.02 -6.31
C ASP A 516 68.55 15.85 -4.92
N HIS A 517 67.43 15.15 -4.83
CA HIS A 517 66.48 15.22 -3.72
C HIS A 517 66.18 13.82 -3.11
N PRO A 518 65.97 13.70 -1.78
CA PRO A 518 65.63 12.43 -1.13
C PRO A 518 64.49 11.62 -1.78
N PHE A 519 63.39 12.28 -2.14
CA PHE A 519 62.30 11.72 -2.93
C PHE A 519 61.39 12.83 -3.46
N PHE A 520 61.40 13.06 -4.77
CA PHE A 520 60.58 14.07 -5.44
C PHE A 520 60.25 13.58 -6.84
N VAL A 521 58.96 13.31 -7.08
CA VAL A 521 58.48 12.67 -8.31
C VAL A 521 57.12 13.19 -8.75
N GLY A 522 56.87 13.13 -10.05
CA GLY A 522 55.58 13.34 -10.66
C GLY A 522 55.19 12.18 -11.56
N VAL A 523 53.92 11.82 -11.58
CA VAL A 523 53.35 10.83 -12.50
C VAL A 523 52.08 11.38 -13.15
N GLN A 524 51.90 11.12 -14.44
CA GLN A 524 50.78 11.67 -15.20
C GLN A 524 49.45 10.92 -14.91
N TYR A 525 49.53 9.62 -14.62
CA TYR A 525 48.40 8.73 -14.33
C TYR A 525 47.88 8.85 -12.89
N HIS A 526 46.79 8.15 -12.57
CA HIS A 526 46.22 8.02 -11.23
C HIS A 526 46.63 6.69 -10.55
N PRO A 527 47.72 6.63 -9.78
CA PRO A 527 48.15 5.38 -9.13
C PRO A 527 47.15 4.87 -8.07
N GLU A 528 46.24 5.69 -7.59
CA GLU A 528 45.32 5.34 -6.50
C GLU A 528 44.29 4.27 -6.89
N PHE A 529 43.84 4.24 -8.14
CA PHE A 529 42.80 3.31 -8.57
C PHE A 529 43.27 1.84 -8.58
N LEU A 530 44.58 1.60 -8.67
CA LEU A 530 45.18 0.26 -8.62
C LEU A 530 45.69 -0.13 -7.21
N SER A 531 45.49 0.71 -6.20
CA SER A 531 45.78 0.34 -4.81
C SER A 531 44.77 -0.69 -4.28
N ARG A 532 45.20 -1.59 -3.38
CA ARG A 532 44.38 -2.64 -2.77
C ARG A 532 44.69 -2.77 -1.28
N PRO A 533 43.78 -3.24 -0.42
CA PRO A 533 44.04 -3.38 1.02
C PRO A 533 45.26 -4.25 1.34
N ILE A 534 45.47 -5.32 0.59
CA ILE A 534 46.60 -6.25 0.77
C ILE A 534 47.92 -5.69 0.18
N LYS A 535 47.87 -4.76 -0.79
CA LYS A 535 49.05 -4.23 -1.50
C LYS A 535 48.83 -2.79 -2.00
N PRO A 536 49.57 -1.80 -1.48
CA PRO A 536 49.50 -0.42 -1.97
C PRO A 536 50.14 -0.30 -3.36
N SER A 537 49.77 0.71 -4.13
CA SER A 537 50.43 1.02 -5.40
C SER A 537 51.75 1.78 -5.16
N PRO A 538 52.80 1.55 -5.96
CA PRO A 538 54.16 1.95 -5.58
C PRO A 538 54.39 3.44 -5.28
N PRO A 539 53.83 4.43 -6.01
CA PRO A 539 54.10 5.83 -5.73
C PRO A 539 53.75 6.26 -4.31
N TYR A 540 52.59 5.85 -3.77
CA TYR A 540 52.19 6.18 -2.40
C TYR A 540 53.03 5.46 -1.36
N PHE A 541 53.38 4.19 -1.59
CA PHE A 541 54.29 3.45 -0.72
C PHE A 541 55.69 4.07 -0.71
N GLY A 542 56.18 4.57 -1.85
CA GLY A 542 57.41 5.35 -1.95
C GLY A 542 57.37 6.65 -1.16
N LEU A 543 56.28 7.42 -1.24
CA LEU A 543 56.10 8.64 -0.45
C LEU A 543 56.19 8.34 1.06
N LEU A 544 55.50 7.32 1.55
CA LEU A 544 55.54 6.97 2.96
C LEU A 544 56.91 6.39 3.36
N LEU A 545 57.53 5.50 2.58
CA LEU A 545 58.87 5.00 2.87
C LEU A 545 59.90 6.14 2.97
N ALA A 546 59.83 7.13 2.08
CA ALA A 546 60.67 8.31 2.16
C ALA A 546 60.30 9.18 3.38
N SER A 547 59.01 9.32 3.68
CA SER A 547 58.53 10.14 4.80
C SER A 547 58.99 9.62 6.17
N VAL A 548 58.96 8.31 6.41
CA VAL A 548 59.55 7.69 7.61
C VAL A 548 61.06 7.44 7.49
N GLY A 549 61.69 7.83 6.38
CA GLY A 549 63.12 7.73 6.13
C GLY A 549 63.66 6.32 5.84
N ARG A 550 62.80 5.31 5.78
CA ARG A 550 63.16 3.89 5.65
C ARG A 550 63.40 3.45 4.19
N LEU A 551 63.13 4.29 3.19
CA LEU A 551 63.29 3.95 1.77
C LEU A 551 64.70 3.43 1.42
N SER A 552 65.74 4.05 1.94
CA SER A 552 67.13 3.64 1.68
C SER A 552 67.46 2.25 2.26
N HIS A 553 66.86 1.89 3.40
CA HIS A 553 66.97 0.55 3.98
C HIS A 553 66.12 -0.48 3.21
N TYR A 554 64.92 -0.10 2.78
CA TYR A 554 64.05 -0.97 1.97
C TYR A 554 64.71 -1.35 0.64
N LEU A 555 65.34 -0.39 -0.04
CA LEU A 555 66.23 -0.63 -1.18
C LEU A 555 67.64 -0.99 -0.71
N MET B 1 -17.83 21.60 20.01
CA MET B 1 -16.44 21.37 20.46
C MET B 1 -15.48 21.31 19.29
N LYS B 2 -14.19 21.57 19.56
CA LYS B 2 -13.07 21.30 18.65
C LYS B 2 -12.36 20.01 19.06
N TYR B 3 -11.80 19.26 18.12
CA TYR B 3 -11.08 18.00 18.38
C TYR B 3 -9.69 18.04 17.75
N ILE B 4 -8.67 17.57 18.46
CA ILE B 4 -7.31 17.39 17.95
C ILE B 4 -6.94 15.92 18.07
N LEU B 5 -6.57 15.25 16.98
CA LEU B 5 -6.08 13.88 17.02
C LEU B 5 -4.56 13.87 16.99
N VAL B 6 -3.93 13.07 17.84
CA VAL B 6 -2.47 12.82 17.82
C VAL B 6 -2.26 11.40 17.36
N THR B 7 -1.52 11.21 16.26
CA THR B 7 -1.25 9.92 15.63
C THR B 7 0.25 9.64 15.61
N GLY B 8 0.64 8.37 15.65
CA GLY B 8 2.03 7.95 15.73
C GLY B 8 2.58 7.39 14.44
N GLY B 9 3.80 7.76 14.11
CA GLY B 9 4.44 7.46 12.85
C GLY B 9 5.26 6.18 12.84
N VAL B 10 6.58 6.31 12.74
CA VAL B 10 7.47 5.25 12.27
C VAL B 10 7.57 4.07 13.26
N ILE B 11 7.61 4.37 14.56
CA ILE B 11 7.68 3.43 15.69
C ILE B 11 6.83 3.96 16.85
N SER B 12 6.48 3.11 17.82
CA SER B 12 6.08 3.58 19.15
C SER B 12 7.31 3.91 20.00
N GLY B 13 7.17 4.74 21.04
CA GLY B 13 8.33 5.26 21.80
C GLY B 13 8.90 6.57 21.25
N ILE B 14 8.23 7.23 20.31
CA ILE B 14 8.52 8.60 19.87
C ILE B 14 7.99 9.68 20.81
N GLY B 15 7.17 9.35 21.82
CA GLY B 15 6.68 10.32 22.78
C GLY B 15 5.37 11.01 22.39
N LYS B 16 4.34 10.27 21.98
CA LYS B 16 3.00 10.86 21.81
C LYS B 16 2.42 11.34 23.13
N GLY B 17 2.71 10.68 24.24
CA GLY B 17 2.12 11.03 25.55
C GLY B 17 2.56 12.38 26.05
N ILE B 18 3.85 12.70 25.92
CA ILE B 18 4.38 14.02 26.29
C ILE B 18 3.99 15.10 25.29
N ILE B 19 3.80 14.78 24.00
CA ILE B 19 3.30 15.73 23.00
C ILE B 19 1.80 16.03 23.22
N ALA B 20 0.95 15.03 23.41
CA ALA B 20 -0.47 15.24 23.70
C ALA B 20 -0.68 15.97 25.03
N SER B 21 0.09 15.66 26.07
CA SER B 21 0.05 16.40 27.33
C SER B 21 0.54 17.84 27.17
N SER B 22 1.57 18.08 26.35
CA SER B 22 2.05 19.43 26.07
C SER B 22 1.07 20.25 25.25
N VAL B 23 0.42 19.66 24.24
CA VAL B 23 -0.68 20.29 23.50
C VAL B 23 -1.83 20.67 24.44
N GLY B 24 -2.18 19.79 25.37
CA GLY B 24 -3.14 20.12 26.42
C GLY B 24 -2.69 21.28 27.30
N THR B 25 -1.40 21.35 27.64
CA THR B 25 -0.86 22.39 28.53
C THR B 25 -0.82 23.77 27.87
N ILE B 26 -0.36 23.88 26.62
CA ILE B 26 -0.33 25.16 25.91
C ILE B 26 -1.75 25.67 25.61
N LEU B 27 -2.72 24.79 25.36
CA LEU B 27 -4.13 25.18 25.21
C LEU B 27 -4.77 25.58 26.56
N LYS B 28 -4.53 24.83 27.66
CA LYS B 28 -4.93 25.23 29.02
C LYS B 28 -4.40 26.62 29.36
N SER B 29 -3.16 26.91 28.96
CA SER B 29 -2.51 28.21 29.20
C SER B 29 -3.16 29.39 28.47
N CYS B 30 -4.01 29.13 27.47
CA CYS B 30 -4.80 30.17 26.80
C CYS B 30 -6.12 30.51 27.51
N GLY B 31 -6.44 29.84 28.62
CA GLY B 31 -7.73 29.96 29.30
C GLY B 31 -8.84 29.08 28.72
N LEU B 32 -8.52 28.16 27.80
CA LEU B 32 -9.48 27.18 27.28
C LEU B 32 -9.75 26.07 28.31
N HIS B 33 -10.98 25.59 28.39
CA HIS B 33 -11.31 24.36 29.10
C HIS B 33 -10.99 23.15 28.24
N VAL B 34 -9.81 22.57 28.42
CA VAL B 34 -9.33 21.41 27.65
C VAL B 34 -9.80 20.12 28.30
N THR B 35 -10.02 19.09 27.50
CA THR B 35 -10.24 17.70 27.96
C THR B 35 -9.42 16.75 27.09
N SER B 36 -9.26 15.50 27.51
CA SER B 36 -8.42 14.54 26.80
C SER B 36 -9.04 13.16 26.75
N ILE B 37 -8.70 12.38 25.74
CA ILE B 37 -9.04 10.97 25.61
C ILE B 37 -7.78 10.20 25.27
N LYS B 38 -7.52 9.08 25.92
CA LYS B 38 -6.48 8.15 25.51
C LYS B 38 -7.15 6.96 24.88
N ILE B 39 -6.89 6.74 23.61
CA ILE B 39 -7.31 5.54 22.89
C ILE B 39 -6.11 4.62 22.89
N ASP B 40 -6.30 3.36 23.22
CA ASP B 40 -5.22 2.40 23.40
C ASP B 40 -5.71 1.00 23.01
N PRO B 41 -5.49 0.57 21.77
CA PRO B 41 -6.17 -0.60 21.21
C PRO B 41 -5.66 -1.97 21.69
N TYR B 42 -5.49 -2.17 23.00
CA TYR B 42 -5.42 -3.49 23.64
C TYR B 42 -6.82 -3.97 24.08
N ILE B 43 -6.97 -5.28 24.32
CA ILE B 43 -8.28 -5.91 24.54
C ILE B 43 -8.77 -5.78 25.98
N ASN B 44 -7.92 -5.48 26.96
CA ASN B 44 -8.32 -5.28 28.37
C ASN B 44 -9.40 -4.19 28.52
N ILE B 45 -10.44 -4.47 29.31
CA ILE B 45 -11.53 -3.52 29.57
C ILE B 45 -11.07 -2.35 30.43
N ASP B 46 -10.30 -2.64 31.48
CA ASP B 46 -9.77 -1.67 32.43
C ASP B 46 -8.46 -2.20 33.07
N ALA B 47 -7.74 -1.35 33.80
CA ALA B 47 -6.41 -1.68 34.29
C ALA B 47 -6.39 -2.64 35.50
N GLY B 48 -7.53 -2.94 36.11
CA GLY B 48 -7.60 -3.78 37.32
C GLY B 48 -7.10 -5.21 37.15
N THR B 49 -7.05 -5.71 35.91
CA THR B 49 -6.47 -7.03 35.56
C THR B 49 -4.94 -7.01 35.50
N PHE B 50 -4.29 -5.86 35.30
CA PHE B 50 -2.84 -5.80 35.07
C PHE B 50 -2.02 -6.24 36.28
N SER B 51 -0.97 -7.03 36.02
CA SER B 51 0.08 -7.30 37.00
C SER B 51 0.99 -6.07 37.14
N PRO B 52 1.19 -5.51 38.35
CA PRO B 52 2.01 -4.32 38.56
C PRO B 52 3.51 -4.58 38.35
N TYR B 53 3.95 -5.83 38.41
CA TYR B 53 5.31 -6.25 38.04
C TYR B 53 5.58 -6.13 36.54
N GLU B 54 4.56 -6.26 35.68
CA GLU B 54 4.71 -6.39 34.23
C GLU B 54 4.36 -5.11 33.46
N HIS B 55 3.20 -4.49 33.76
CA HIS B 55 2.71 -3.32 33.02
C HIS B 55 3.10 -1.97 33.66
N GLY B 56 3.61 -1.96 34.89
CA GLY B 56 3.72 -0.74 35.71
C GLY B 56 2.47 -0.52 36.56
N GLU B 57 2.36 0.63 37.24
CA GLU B 57 1.28 0.85 38.21
C GLU B 57 -0.12 0.91 37.57
N VAL B 58 -1.14 0.77 38.42
CA VAL B 58 -2.55 1.04 38.08
C VAL B 58 -2.93 2.39 38.67
N PHE B 59 -3.43 3.30 37.85
CA PHE B 59 -3.91 4.60 38.30
C PHE B 59 -5.37 4.51 38.73
N VAL B 60 -5.82 5.38 39.65
CA VAL B 60 -7.20 5.38 40.17
C VAL B 60 -7.82 6.76 39.96
N LEU B 61 -9.01 6.80 39.37
CA LEU B 61 -9.81 8.01 39.17
C LEU B 61 -10.84 8.22 40.29
N ASP B 62 -11.52 9.37 40.30
CA ASP B 62 -12.53 9.66 41.34
C ASP B 62 -13.67 8.63 41.34
N ASP B 63 -14.01 8.08 40.18
CA ASP B 63 -15.02 7.03 39.97
C ASP B 63 -14.67 5.69 40.64
N GLY B 64 -13.42 5.49 41.03
CA GLY B 64 -12.88 4.16 41.34
C GLY B 64 -12.53 3.34 40.10
N GLY B 65 -12.62 3.95 38.91
CA GLY B 65 -12.10 3.34 37.68
C GLY B 65 -10.59 3.16 37.76
N GLU B 66 -10.14 1.91 37.62
CA GLU B 66 -8.73 1.57 37.51
C GLU B 66 -8.28 1.77 36.07
N VAL B 67 -7.35 2.69 35.79
CA VAL B 67 -6.97 3.09 34.43
C VAL B 67 -5.46 3.08 34.21
N ASP B 68 -5.04 3.16 32.94
CA ASP B 68 -3.64 3.13 32.53
C ASP B 68 -2.86 4.37 33.00
N LEU B 69 -1.52 4.32 32.95
CA LEU B 69 -0.61 5.39 33.40
C LEU B 69 -0.93 6.75 32.77
N ASP B 70 -1.27 6.77 31.48
CA ASP B 70 -1.29 7.99 30.68
C ASP B 70 -2.45 8.94 31.03
N LEU B 71 -3.51 8.47 31.70
CA LEU B 71 -4.52 9.38 32.27
C LEU B 71 -4.03 10.09 33.52
N GLY B 72 -3.16 9.48 34.32
CA GLY B 72 -2.44 10.20 35.37
C GLY B 72 -1.53 11.28 34.79
N ASN B 73 -0.86 11.00 33.68
CA ASN B 73 -0.04 12.00 32.99
C ASN B 73 -0.90 13.17 32.49
N TYR B 74 -2.10 12.90 31.98
CA TYR B 74 -3.03 13.98 31.63
C TYR B 74 -3.49 14.75 32.86
N GLU B 75 -3.89 14.10 33.95
CA GLU B 75 -4.30 14.81 35.16
C GLU B 75 -3.18 15.70 35.70
N ARG B 76 -1.92 15.25 35.70
CA ARG B 76 -0.77 16.05 36.16
C ARG B 76 -0.47 17.28 35.31
N PHE B 77 -0.41 17.14 33.98
CA PHE B 77 -0.09 18.25 33.09
C PHE B 77 -1.28 19.22 32.88
N LEU B 78 -2.51 18.73 32.75
CA LEU B 78 -3.66 19.59 32.45
C LEU B 78 -4.35 20.16 33.71
N ASP B 79 -4.13 19.56 34.88
CA ASP B 79 -4.81 19.90 36.14
C ASP B 79 -6.35 19.81 36.04
N ILE B 80 -6.84 18.57 35.94
CA ILE B 80 -8.23 18.19 35.65
C ILE B 80 -8.62 16.92 36.43
N ARG B 81 -9.93 16.60 36.49
CA ARG B 81 -10.42 15.30 37.02
C ARG B 81 -10.99 14.48 35.87
N LEU B 82 -10.39 13.34 35.54
CA LEU B 82 -10.87 12.49 34.44
C LEU B 82 -11.90 11.46 34.90
N THR B 83 -12.59 10.85 33.93
CA THR B 83 -13.67 9.86 34.11
C THR B 83 -13.26 8.54 33.48
N LYS B 84 -13.73 7.40 34.01
CA LYS B 84 -13.27 6.05 33.62
C LYS B 84 -13.28 5.74 32.13
N ASP B 85 -14.13 6.39 31.34
CA ASP B 85 -14.30 6.16 29.91
C ASP B 85 -13.70 7.24 28.99
N ASN B 86 -12.89 8.17 29.54
CA ASN B 86 -11.87 8.92 28.78
C ASN B 86 -10.66 8.04 28.41
N ASN B 87 -10.59 6.82 28.92
CA ASN B 87 -9.71 5.77 28.42
C ASN B 87 -10.58 4.86 27.56
N LEU B 88 -10.18 4.63 26.32
CA LEU B 88 -11.03 4.06 25.27
C LEU B 88 -10.33 2.83 24.67
N THR B 89 -10.14 1.79 25.48
CA THR B 89 -9.55 0.54 25.01
C THR B 89 -10.43 -0.08 23.92
N THR B 90 -9.88 -0.83 22.98
CA THR B 90 -10.71 -1.42 21.91
C THR B 90 -11.65 -2.50 22.45
N GLY B 91 -11.25 -3.21 23.51
CA GLY B 91 -12.11 -4.18 24.17
C GLY B 91 -13.40 -3.59 24.73
N LYS B 92 -13.41 -2.33 25.18
CA LYS B 92 -14.65 -1.67 25.61
C LYS B 92 -15.59 -1.39 24.45
N ILE B 93 -15.09 -0.95 23.29
CA ILE B 93 -15.93 -0.71 22.12
C ILE B 93 -16.55 -2.00 21.60
N TYR B 94 -15.78 -3.08 21.48
CA TYR B 94 -16.35 -4.36 21.06
C TYR B 94 -17.34 -4.91 22.09
N GLN B 95 -17.07 -4.83 23.39
CA GLN B 95 -18.05 -5.27 24.39
C GLN B 95 -19.31 -4.42 24.38
N TYR B 96 -19.21 -3.11 24.18
CA TYR B 96 -20.36 -2.22 24.06
C TYR B 96 -21.25 -2.59 22.88
N VAL B 97 -20.67 -2.75 21.69
CA VAL B 97 -21.42 -3.10 20.48
C VAL B 97 -21.96 -4.54 20.54
N ILE B 98 -21.23 -5.51 21.08
CA ILE B 98 -21.73 -6.87 21.30
C ILE B 98 -22.94 -6.85 22.25
N ASN B 99 -22.92 -6.10 23.34
CA ASN B 99 -24.06 -6.02 24.24
C ASN B 99 -25.30 -5.41 23.55
N LYS B 100 -25.15 -4.35 22.74
CA LYS B 100 -26.26 -3.83 21.91
C LYS B 100 -26.78 -4.86 20.91
N GLU B 101 -25.90 -5.64 20.28
CA GLU B 101 -26.28 -6.75 19.40
C GLU B 101 -27.09 -7.81 20.16
N ARG B 102 -26.60 -8.35 21.29
CA ARG B 102 -27.30 -9.41 22.03
C ARG B 102 -28.60 -8.97 22.67
N LYS B 103 -28.78 -7.68 22.96
CA LYS B 103 -30.05 -7.08 23.40
C LYS B 103 -31.04 -6.82 22.26
N GLY B 104 -30.59 -6.82 21.00
CA GLY B 104 -31.43 -6.44 19.85
C GLY B 104 -31.63 -4.94 19.69
N ASP B 105 -30.74 -4.11 20.24
CA ASP B 105 -30.75 -2.65 20.04
C ASP B 105 -30.34 -2.27 18.61
N TYR B 106 -29.72 -3.19 17.86
CA TYR B 106 -29.69 -3.19 16.40
C TYR B 106 -30.77 -4.16 15.91
N LEU B 107 -31.70 -3.68 15.08
CA LEU B 107 -32.97 -4.35 14.83
C LEU B 107 -32.86 -5.48 13.79
N GLY B 108 -32.20 -6.58 14.17
CA GLY B 108 -32.07 -7.81 13.37
C GLY B 108 -31.11 -7.73 12.18
N LYS B 109 -30.63 -6.53 11.84
CA LYS B 109 -29.59 -6.30 10.82
C LYS B 109 -28.28 -6.95 11.22
N THR B 110 -27.49 -7.35 10.24
CA THR B 110 -26.08 -7.73 10.46
C THR B 110 -25.30 -6.51 10.97
N VAL B 111 -24.56 -6.68 12.06
CA VAL B 111 -23.75 -5.63 12.69
C VAL B 111 -22.32 -5.79 12.23
N GLN B 112 -21.69 -4.70 11.79
CA GLN B 112 -20.49 -4.73 10.95
C GLN B 112 -19.44 -3.73 11.42
N VAL B 113 -18.17 -3.95 11.08
CA VAL B 113 -17.09 -3.07 11.56
C VAL B 113 -17.25 -1.65 11.07
N VAL B 114 -17.33 -1.39 9.76
CA VAL B 114 -17.32 0.00 9.25
C VAL B 114 -18.62 0.77 9.51
N PRO B 115 -19.83 0.21 9.34
CA PRO B 115 -21.04 0.92 9.68
C PRO B 115 -21.30 1.06 11.20
N HIS B 116 -20.79 0.16 12.06
CA HIS B 116 -21.24 0.08 13.47
C HIS B 116 -20.13 0.15 14.52
N ILE B 117 -19.09 -0.68 14.50
CA ILE B 117 -17.96 -0.52 15.45
C ILE B 117 -17.33 0.86 15.26
N THR B 118 -17.06 1.21 14.02
CA THR B 118 -16.52 2.50 13.60
C THR B 118 -17.43 3.67 13.91
N ASP B 119 -18.73 3.45 14.16
CA ASP B 119 -19.68 4.50 14.54
C ASP B 119 -19.86 4.63 16.06
N ALA B 120 -19.79 3.51 16.79
CA ALA B 120 -19.70 3.52 18.24
C ALA B 120 -18.46 4.27 18.74
N ILE B 121 -17.33 4.19 18.04
CA ILE B 121 -16.13 4.98 18.34
C ILE B 121 -16.42 6.48 18.22
N GLN B 122 -17.08 6.93 17.15
CA GLN B 122 -17.41 8.34 16.95
C GLN B 122 -18.42 8.85 17.98
N GLU B 123 -19.43 8.05 18.31
CA GLU B 123 -20.39 8.36 19.37
C GLU B 123 -19.73 8.44 20.75
N TRP B 124 -18.87 7.48 21.12
CA TRP B 124 -18.15 7.49 22.39
C TRP B 124 -17.28 8.73 22.55
N VAL B 125 -16.54 9.11 21.50
CA VAL B 125 -15.69 10.30 21.51
C VAL B 125 -16.51 11.57 21.65
N MET B 126 -17.64 11.74 20.97
CA MET B 126 -18.51 12.91 21.18
C MET B 126 -19.11 12.94 22.58
N ARG B 127 -19.55 11.79 23.10
CA ARG B 127 -20.18 11.67 24.41
C ARG B 127 -19.22 11.98 25.55
N GLN B 128 -18.04 11.37 25.57
CA GLN B 128 -17.04 11.59 26.63
C GLN B 128 -16.27 12.91 26.51
N ALA B 129 -16.30 13.58 25.36
CA ALA B 129 -15.73 14.92 25.26
C ALA B 129 -16.58 15.98 25.98
N LEU B 130 -17.91 15.87 25.99
CA LEU B 130 -18.79 16.91 26.56
C LEU B 130 -18.88 16.97 28.09
N ILE B 131 -18.39 15.96 28.82
CA ILE B 131 -18.59 15.88 30.28
C ILE B 131 -17.71 16.90 31.03
N PRO B 132 -18.14 17.43 32.19
CA PRO B 132 -17.41 18.47 32.91
C PRO B 132 -16.19 17.93 33.66
N VAL B 133 -15.06 17.84 32.97
CA VAL B 133 -13.74 17.38 33.45
C VAL B 133 -12.99 18.41 34.30
N ASP B 134 -13.36 19.68 34.20
CA ASP B 134 -12.78 20.77 34.99
C ASP B 134 -13.45 20.92 36.37
N GLU B 135 -12.75 21.45 37.37
CA GLU B 135 -13.29 21.66 38.72
C GLU B 135 -14.30 22.83 38.78
N ASP B 136 -14.34 23.70 37.76
CA ASP B 136 -15.38 24.73 37.58
C ASP B 136 -16.75 24.15 37.18
N GLY B 137 -16.81 22.89 36.72
CA GLY B 137 -18.05 22.23 36.28
C GLY B 137 -18.53 22.63 34.88
N LEU B 138 -17.70 23.30 34.07
CA LEU B 138 -18.04 23.77 32.73
C LEU B 138 -17.79 22.70 31.64
N GLU B 139 -18.59 22.71 30.59
CA GLU B 139 -18.40 21.90 29.40
C GLU B 139 -17.15 22.35 28.62
N PRO B 140 -16.22 21.45 28.27
CA PRO B 140 -14.94 21.82 27.68
C PRO B 140 -15.07 22.34 26.23
N GLN B 141 -14.10 23.12 25.79
CA GLN B 141 -14.05 23.71 24.44
C GLN B 141 -13.30 22.85 23.43
N VAL B 142 -12.21 22.21 23.83
CA VAL B 142 -11.35 21.40 22.95
C VAL B 142 -11.01 20.06 23.58
N CYS B 143 -11.08 18.99 22.79
CA CYS B 143 -10.72 17.63 23.19
C CYS B 143 -9.45 17.21 22.48
N VAL B 144 -8.42 16.80 23.21
CA VAL B 144 -7.21 16.19 22.64
C VAL B 144 -7.37 14.69 22.69
N ILE B 145 -7.42 14.03 21.54
CA ILE B 145 -7.48 12.59 21.44
C ILE B 145 -6.09 12.09 21.11
N GLU B 146 -5.52 11.23 21.92
CA GLU B 146 -4.29 10.54 21.58
C GLU B 146 -4.63 9.12 21.15
N LEU B 147 -4.14 8.69 20.00
CA LEU B 147 -4.33 7.33 19.53
C LEU B 147 -3.05 6.52 19.72
N GLY B 148 -3.13 5.47 20.53
CA GLY B 148 -2.05 4.51 20.73
C GLY B 148 -1.77 3.65 19.50
N GLY B 149 -0.70 2.86 19.55
CA GLY B 149 -0.19 2.15 18.38
C GLY B 149 0.40 3.10 17.34
N THR B 150 0.67 2.59 16.14
CA THR B 150 1.17 3.39 15.01
C THR B 150 0.30 3.18 13.79
N VAL B 151 0.37 4.11 12.84
CA VAL B 151 -0.38 4.02 11.58
C VAL B 151 0.06 2.77 10.80
N GLY B 152 -0.90 2.04 10.24
CA GLY B 152 -0.63 0.79 9.53
C GLY B 152 -0.59 -0.47 10.39
N ASP B 153 -0.57 -0.35 11.72
CA ASP B 153 -0.86 -1.47 12.63
C ASP B 153 -2.32 -1.88 12.51
N ILE B 154 -2.63 -3.18 12.50
CA ILE B 154 -4.02 -3.64 12.28
C ILE B 154 -4.92 -3.29 13.46
N GLU B 155 -4.38 -3.17 14.67
CA GLU B 155 -5.13 -2.73 15.86
C GLU B 155 -5.65 -1.29 15.74
N SER B 156 -4.99 -0.43 14.96
CA SER B 156 -5.34 0.99 14.80
C SER B 156 -6.42 1.23 13.75
N MET B 157 -6.70 0.24 12.88
CA MET B 157 -7.56 0.40 11.71
C MET B 157 -9.00 0.83 12.04
N PRO B 158 -9.72 0.26 13.03
CA PRO B 158 -11.05 0.73 13.38
C PRO B 158 -11.09 2.20 13.79
N PHE B 159 -10.04 2.69 14.46
CA PHE B 159 -9.94 4.04 14.98
C PHE B 159 -9.52 5.05 13.92
N ILE B 160 -8.59 4.71 13.04
CA ILE B 160 -8.22 5.58 11.92
C ILE B 160 -9.37 5.68 10.91
N GLU B 161 -10.11 4.59 10.66
CA GLU B 161 -11.32 4.64 9.84
C GLU B 161 -12.45 5.41 10.53
N ALA B 162 -12.61 5.33 11.85
CA ALA B 162 -13.53 6.22 12.57
C ALA B 162 -13.16 7.68 12.41
N PHE B 163 -11.90 8.07 12.60
CA PHE B 163 -11.51 9.47 12.45
C PHE B 163 -11.50 9.95 11.00
N ARG B 164 -11.28 9.08 10.00
CA ARG B 164 -11.50 9.39 8.60
C ARG B 164 -12.92 9.89 8.34
N GLN B 165 -13.93 9.26 8.92
CA GLN B 165 -15.33 9.70 8.81
C GLN B 165 -15.66 10.88 9.72
N PHE B 166 -15.04 10.95 10.90
CA PHE B 166 -15.32 11.95 11.90
C PHE B 166 -15.07 13.38 11.43
N GLN B 167 -13.98 13.63 10.71
CA GLN B 167 -13.58 14.94 10.19
C GLN B 167 -14.58 15.58 9.20
N PHE B 168 -15.62 14.86 8.79
CA PHE B 168 -16.71 15.35 7.96
C PHE B 168 -18.03 15.53 8.73
N LYS B 169 -18.33 14.70 9.74
CA LYS B 169 -19.56 14.86 10.54
C LYS B 169 -19.42 15.96 11.60
N VAL B 170 -18.20 16.25 12.04
CA VAL B 170 -17.83 17.57 12.59
C VAL B 170 -17.11 18.31 11.46
N LYS B 171 -17.45 19.57 11.19
CA LYS B 171 -16.89 20.27 10.03
C LYS B 171 -15.40 20.55 10.23
N ARG B 172 -14.64 20.81 9.16
CA ARG B 172 -13.16 20.89 9.19
C ARG B 172 -12.61 21.95 10.13
N GLU B 173 -13.32 23.05 10.36
CA GLU B 173 -12.97 24.06 11.37
C GLU B 173 -13.05 23.56 12.83
N ASN B 174 -13.54 22.33 13.04
CA ASN B 174 -13.69 21.69 14.34
C ASN B 174 -12.85 20.41 14.51
N PHE B 175 -12.11 19.93 13.51
CA PHE B 175 -11.23 18.76 13.64
C PHE B 175 -9.87 19.00 13.02
N CYS B 176 -8.82 18.57 13.71
CA CYS B 176 -7.42 18.81 13.36
C CYS B 176 -6.54 17.61 13.72
N ASN B 177 -5.46 17.36 12.99
CA ASN B 177 -4.64 16.16 13.15
C ASN B 177 -3.15 16.49 13.25
N ILE B 178 -2.47 16.02 14.30
CA ILE B 178 -1.03 16.11 14.52
C ILE B 178 -0.43 14.74 14.28
N HIS B 179 0.63 14.64 13.48
CA HIS B 179 1.33 13.38 13.27
C HIS B 179 2.72 13.44 13.88
N VAL B 180 3.10 12.48 14.72
CA VAL B 180 4.44 12.44 15.33
C VAL B 180 5.28 11.41 14.60
N SER B 181 6.49 11.74 14.17
CA SER B 181 7.38 10.87 13.40
C SER B 181 8.78 10.82 13.96
N LEU B 182 9.49 9.71 13.75
CA LEU B 182 10.94 9.63 13.96
C LEU B 182 11.70 10.24 12.78
N VAL B 183 12.75 11.00 13.04
CA VAL B 183 13.70 11.48 12.02
C VAL B 183 15.11 10.96 12.37
N PRO B 184 15.49 9.76 11.92
CA PRO B 184 16.76 9.14 12.27
C PRO B 184 17.98 9.99 11.91
N GLN B 185 19.10 9.79 12.60
CA GLN B 185 20.39 10.40 12.29
C GLN B 185 21.49 9.37 12.52
N PRO B 186 21.71 8.44 11.58
CA PRO B 186 22.59 7.30 11.80
C PRO B 186 24.07 7.72 11.85
N SER B 187 24.79 7.17 12.82
CA SER B 187 26.20 7.52 13.13
C SER B 187 27.17 7.28 11.96
N SER B 188 26.81 6.41 11.02
CA SER B 188 27.57 6.13 9.79
C SER B 188 27.89 7.38 8.95
N THR B 189 26.99 8.37 8.92
CA THR B 189 27.16 9.63 8.16
C THR B 189 26.75 10.89 8.93
N GLY B 190 25.89 10.80 9.96
CA GLY B 190 25.43 11.95 10.73
C GLY B 190 24.41 12.85 10.02
N GLU B 191 23.94 12.50 8.83
CA GLU B 191 22.86 13.19 8.13
C GLU B 191 21.49 12.83 8.72
N GLN B 192 20.57 13.78 8.86
CA GLN B 192 19.19 13.50 9.28
C GLN B 192 18.33 12.97 8.12
N LYS B 193 17.59 11.88 8.35
CA LYS B 193 16.86 11.16 7.32
C LYS B 193 15.35 11.39 7.39
N THR B 194 14.75 11.85 6.30
CA THR B 194 13.29 12.04 6.20
C THR B 194 12.54 10.86 5.59
N LYS B 195 13.22 9.88 4.98
CA LYS B 195 12.57 8.82 4.21
C LYS B 195 11.50 8.04 4.99
N PRO B 196 11.69 7.60 6.24
CA PRO B 196 10.63 6.87 6.92
C PRO B 196 9.41 7.73 7.29
N THR B 197 9.58 9.04 7.50
CA THR B 197 8.43 9.95 7.69
C THR B 197 7.71 10.30 6.39
N GLN B 198 8.35 10.23 5.23
CA GLN B 198 7.65 10.34 3.94
C GLN B 198 6.73 9.15 3.73
N ASN B 199 7.19 7.92 3.99
CA ASN B 199 6.36 6.72 3.91
C ASN B 199 5.20 6.77 4.91
N SER B 200 5.47 7.18 6.15
CA SER B 200 4.44 7.27 7.19
C SER B 200 3.31 8.26 6.83
N VAL B 201 3.62 9.42 6.24
CA VAL B 201 2.58 10.34 5.78
C VAL B 201 1.89 9.83 4.53
N ARG B 202 2.55 9.15 3.58
CA ARG B 202 1.87 8.48 2.47
C ARG B 202 0.86 7.45 2.95
N GLU B 203 1.19 6.69 3.99
CA GLU B 203 0.28 5.71 4.57
C GLU B 203 -0.90 6.34 5.31
N LEU B 204 -0.67 7.33 6.18
CA LEU B 204 -1.75 8.06 6.84
C LEU B 204 -2.67 8.78 5.85
N ARG B 205 -2.10 9.41 4.82
CA ARG B 205 -2.83 10.08 3.74
C ARG B 205 -3.62 9.10 2.87
N GLY B 206 -3.15 7.88 2.70
CA GLY B 206 -3.86 6.78 2.05
C GLY B 206 -5.04 6.25 2.87
N LEU B 207 -4.89 6.13 4.19
CA LEU B 207 -6.00 5.85 5.10
C LEU B 207 -6.98 7.02 5.26
N GLY B 208 -6.72 8.18 4.66
CA GLY B 208 -7.71 9.25 4.52
C GLY B 208 -7.65 10.37 5.53
N LEU B 209 -6.58 10.47 6.33
CA LEU B 209 -6.27 11.62 7.18
C LEU B 209 -5.03 12.35 6.64
N SER B 210 -5.05 13.67 6.51
CA SER B 210 -3.85 14.46 6.22
C SER B 210 -3.34 15.14 7.50
N PRO B 211 -2.04 15.10 7.83
CA PRO B 211 -1.49 15.90 8.91
C PRO B 211 -1.78 17.39 8.70
N ASP B 212 -2.32 18.06 9.70
CA ASP B 212 -2.30 19.53 9.77
C ASP B 212 -0.97 20.06 10.32
N LEU B 213 -0.20 19.20 10.98
CA LEU B 213 1.03 19.48 11.68
C LEU B 213 1.88 18.20 11.73
N VAL B 214 3.15 18.25 11.40
CA VAL B 214 4.06 17.09 11.52
C VAL B 214 5.10 17.39 12.58
N VAL B 215 5.24 16.53 13.57
CA VAL B 215 6.15 16.72 14.71
C VAL B 215 7.26 15.69 14.63
N CYS B 216 8.51 16.12 14.56
CA CYS B 216 9.65 15.24 14.36
C CYS B 216 10.42 15.01 15.65
N ARG B 217 10.56 13.74 16.04
CA ARG B 217 11.37 13.31 17.16
C ARG B 217 12.74 12.88 16.64
N CYS B 218 13.77 13.55 17.11
CA CYS B 218 15.17 13.38 16.75
C CYS B 218 16.05 13.83 17.93
N SER B 219 17.32 13.42 17.97
CA SER B 219 18.22 13.78 19.07
C SER B 219 18.64 15.25 18.98
N ASN B 220 19.33 15.64 17.90
CA ASN B 220 19.65 17.03 17.57
C ASN B 220 18.46 17.75 16.90
N PRO B 221 18.41 19.10 16.89
CA PRO B 221 17.38 19.85 16.18
C PRO B 221 17.34 19.59 14.67
N LEU B 222 16.19 19.80 14.04
CA LEU B 222 16.07 19.81 12.57
C LEU B 222 16.83 20.99 11.97
N ASP B 223 17.48 20.77 10.82
CA ASP B 223 18.03 21.82 10.00
C ASP B 223 17.00 22.36 8.98
N THR B 224 17.35 23.43 8.27
CA THR B 224 16.46 24.07 7.29
C THR B 224 16.15 23.16 6.10
N SER B 225 17.12 22.36 5.65
CA SER B 225 16.98 21.47 4.51
C SER B 225 15.95 20.36 4.78
N VAL B 226 15.97 19.78 5.98
CA VAL B 226 15.00 18.75 6.37
C VAL B 226 13.59 19.30 6.55
N LYS B 227 13.40 20.48 7.17
CA LYS B 227 12.07 21.10 7.24
C LYS B 227 11.50 21.38 5.84
N GLU B 228 12.32 21.81 4.87
CA GLU B 228 11.87 21.97 3.49
C GLU B 228 11.57 20.64 2.80
N LYS B 229 12.41 19.61 2.94
CA LYS B 229 12.13 18.30 2.33
C LYS B 229 10.89 17.63 2.91
N ILE B 230 10.61 17.75 4.20
CA ILE B 230 9.35 17.26 4.78
C ILE B 230 8.16 18.09 4.28
N SER B 231 8.30 19.41 4.15
CA SER B 231 7.20 20.26 3.64
C SER B 231 6.76 19.87 2.22
N MET B 232 7.71 19.47 1.37
CA MET B 232 7.46 19.02 0.00
C MET B 232 6.61 17.75 -0.05
N PHE B 233 7.02 16.69 0.64
CA PHE B 233 6.39 15.37 0.54
C PHE B 233 5.16 15.19 1.44
N CYS B 234 5.02 15.98 2.51
CA CYS B 234 3.92 15.89 3.47
C CYS B 234 2.82 16.93 3.27
N HIS B 235 2.92 17.82 2.27
CA HIS B 235 1.90 18.81 1.92
C HIS B 235 1.55 19.83 3.04
N VAL B 236 2.49 20.08 3.94
CA VAL B 236 2.43 21.08 5.02
C VAL B 236 3.52 22.12 4.78
N GLU B 237 3.34 23.39 5.14
CA GLU B 237 4.39 24.40 4.96
C GLU B 237 5.63 24.10 5.82
N PRO B 238 6.83 24.62 5.52
CA PRO B 238 8.02 24.47 6.37
C PRO B 238 7.80 24.92 7.82
N GLU B 239 6.87 25.85 8.02
CA GLU B 239 6.48 26.40 9.32
C GLU B 239 5.60 25.46 10.17
N GLN B 240 5.06 24.40 9.56
CA GLN B 240 4.21 23.38 10.20
C GLN B 240 4.93 22.04 10.38
N VAL B 241 6.24 22.00 10.12
CA VAL B 241 7.12 20.91 10.55
C VAL B 241 7.77 21.32 11.85
N ILE B 242 7.39 20.67 12.94
CA ILE B 242 7.74 21.00 14.33
C ILE B 242 8.87 20.07 14.79
N CYS B 243 9.82 20.57 15.56
CA CYS B 243 10.97 19.83 16.05
C CYS B 243 10.88 19.57 17.56
N VAL B 244 11.03 18.33 18.00
CA VAL B 244 11.12 17.94 19.41
C VAL B 244 12.44 17.21 19.64
N HIS B 245 13.52 17.98 19.79
CA HIS B 245 14.84 17.49 20.18
C HIS B 245 14.88 17.10 21.66
N ASP B 246 15.94 16.40 22.07
CA ASP B 246 16.13 16.00 23.47
C ASP B 246 16.39 17.22 24.39
N VAL B 247 15.83 17.17 25.60
CA VAL B 247 15.85 18.24 26.62
C VAL B 247 16.04 17.67 28.03
N SER B 248 16.48 18.50 28.99
CA SER B 248 16.83 18.03 30.34
C SER B 248 15.65 17.48 31.15
N SER B 249 14.42 17.98 30.94
CA SER B 249 13.22 17.50 31.62
C SER B 249 11.94 17.75 30.81
N ILE B 250 10.89 16.97 31.10
CA ILE B 250 9.59 17.05 30.44
C ILE B 250 8.95 18.42 30.52
N TYR B 251 9.26 19.22 31.55
CA TYR B 251 8.70 20.56 31.70
C TYR B 251 9.13 21.54 30.60
N ARG B 252 10.17 21.23 29.83
CA ARG B 252 10.57 22.06 28.68
C ARG B 252 9.78 21.78 27.42
N VAL B 253 9.12 20.63 27.28
CA VAL B 253 8.39 20.27 26.04
C VAL B 253 7.25 21.25 25.71
N PRO B 254 6.37 21.68 26.63
CA PRO B 254 5.41 22.77 26.36
C PRO B 254 6.06 24.07 25.87
N LEU B 255 7.27 24.37 26.35
CA LEU B 255 8.00 25.57 25.98
C LEU B 255 8.57 25.47 24.55
N LEU B 256 9.03 24.29 24.12
CA LEU B 256 9.38 24.03 22.71
C LEU B 256 8.18 24.28 21.79
N LEU B 257 7.00 23.77 22.14
CA LEU B 257 5.82 23.95 21.30
C LEU B 257 5.37 25.41 21.27
N GLU B 258 5.45 26.18 22.36
CA GLU B 258 5.13 27.61 22.32
C GLU B 258 6.13 28.41 21.45
N GLU B 259 7.44 28.23 21.64
CA GLU B 259 8.43 29.02 20.91
C GLU B 259 8.49 28.67 19.41
N GLN B 260 8.01 27.49 19.01
CA GLN B 260 7.78 27.11 17.61
C GLN B 260 6.38 27.49 17.08
N GLY B 261 5.59 28.23 17.85
CA GLY B 261 4.32 28.80 17.38
C GLY B 261 3.17 27.81 17.23
N VAL B 262 3.21 26.63 17.86
CA VAL B 262 2.12 25.64 17.77
C VAL B 262 0.80 26.20 18.32
N VAL B 263 0.83 26.97 19.42
CA VAL B 263 -0.35 27.67 19.92
C VAL B 263 -0.87 28.72 18.94
N ASP B 264 0.01 29.48 18.29
CA ASP B 264 -0.38 30.45 17.25
C ASP B 264 -0.90 29.79 15.97
N TYR B 265 -0.70 28.48 15.78
CA TYR B 265 -1.31 27.72 14.70
C TYR B 265 -2.74 27.27 15.07
N PHE B 266 -2.94 26.59 16.19
CA PHE B 266 -4.28 26.09 16.54
C PHE B 266 -5.31 27.19 16.75
N LEU B 267 -4.94 28.35 17.29
CA LEU B 267 -5.83 29.50 17.41
C LEU B 267 -6.21 30.17 16.07
N ARG B 268 -5.75 29.63 14.93
CA ARG B 268 -6.22 29.97 13.56
C ARG B 268 -6.76 28.75 12.80
N ARG B 269 -6.12 27.58 12.91
CA ARG B 269 -6.56 26.32 12.29
C ARG B 269 -7.90 25.81 12.81
N LEU B 270 -8.23 26.07 14.08
CA LEU B 270 -9.49 25.70 14.72
C LEU B 270 -10.37 26.89 15.11
N ASP B 271 -10.01 28.12 14.73
CA ASP B 271 -10.69 29.39 15.07
C ASP B 271 -11.09 29.61 16.55
N LEU B 272 -10.37 28.96 17.47
CA LEU B 272 -10.57 29.03 18.93
C LEU B 272 -10.49 30.47 19.48
N PRO B 273 -11.17 30.77 20.60
CA PRO B 273 -11.06 32.05 21.32
C PRO B 273 -9.62 32.48 21.61
N LYS B 280 1.08 34.23 31.90
CA LYS B 280 0.40 32.95 31.63
C LYS B 280 0.95 31.81 32.49
N MET B 281 0.22 30.69 32.54
CA MET B 281 0.62 29.44 33.18
C MET B 281 2.03 28.96 32.77
N LEU B 282 2.41 29.13 31.50
CA LEU B 282 3.74 28.75 31.00
C LEU B 282 4.88 29.54 31.64
N MET B 283 4.65 30.73 32.21
CA MET B 283 5.70 31.46 32.93
C MET B 283 6.05 30.76 34.25
N LYS B 284 5.05 30.28 35.01
CA LYS B 284 5.29 29.39 36.17
C LYS B 284 5.96 28.09 35.73
N TRP B 285 5.58 27.54 34.59
CA TRP B 285 6.16 26.32 34.03
C TRP B 285 7.64 26.50 33.65
N LYS B 286 7.99 27.66 33.06
CA LYS B 286 9.37 28.05 32.73
C LYS B 286 10.22 28.24 33.97
N GLU B 287 9.73 28.93 34.99
CA GLU B 287 10.45 29.07 36.26
C GLU B 287 10.66 27.71 36.95
N MET B 288 9.64 26.83 36.95
CA MET B 288 9.75 25.46 37.45
C MET B 288 10.81 24.65 36.69
N ALA B 289 10.85 24.75 35.36
CA ALA B 289 11.86 24.07 34.55
C ALA B 289 13.29 24.58 34.85
N ASP B 290 13.48 25.89 35.02
CA ASP B 290 14.77 26.45 35.41
C ASP B 290 15.19 26.01 36.82
N ARG B 291 14.27 25.94 37.79
CA ARG B 291 14.57 25.43 39.14
C ARG B 291 15.11 23.99 39.09
N TYR B 292 14.45 23.10 38.36
CA TYR B 292 14.91 21.70 38.21
C TYR B 292 16.35 21.63 37.71
N ASP B 293 16.72 22.45 36.72
CA ASP B 293 18.08 22.50 36.19
C ASP B 293 19.10 23.09 37.17
N ARG B 294 18.79 24.18 37.89
CA ARG B 294 19.79 24.91 38.70
C ARG B 294 19.98 24.43 40.15
N LEU B 295 19.06 23.66 40.72
CA LEU B 295 19.18 23.15 42.10
C LEU B 295 20.28 22.08 42.23
N LEU B 296 21.13 22.20 43.26
CA LEU B 296 22.28 21.32 43.50
C LEU B 296 22.33 20.71 44.93
N GLU B 297 21.80 21.37 45.95
CA GLU B 297 21.72 20.81 47.31
C GLU B 297 20.77 19.61 47.33
N THR B 298 21.17 18.49 47.95
CA THR B 298 20.55 17.17 47.69
C THR B 298 19.97 16.50 48.93
N CYS B 299 18.92 15.71 48.72
CA CYS B 299 18.22 14.92 49.73
C CYS B 299 17.93 13.52 49.17
N SER B 300 18.04 12.46 49.99
CA SER B 300 17.82 11.07 49.54
C SER B 300 16.78 10.35 50.38
N ILE B 301 15.81 9.70 49.72
CA ILE B 301 14.68 9.00 50.35
C ILE B 301 14.74 7.51 50.01
N ALA B 302 14.62 6.65 51.01
CA ALA B 302 14.55 5.21 50.80
C ALA B 302 13.14 4.79 50.36
N LEU B 303 12.99 4.21 49.17
CA LEU B 303 11.75 3.61 48.70
C LEU B 303 11.83 2.08 48.88
N VAL B 304 11.20 1.55 49.93
CA VAL B 304 11.28 0.13 50.29
C VAL B 304 10.12 -0.64 49.64
N GLY B 305 10.35 -1.29 48.49
CA GLY B 305 9.26 -1.84 47.67
C GLY B 305 9.58 -3.08 46.82
N LYS B 306 8.67 -4.06 46.83
CA LYS B 306 8.80 -5.35 46.14
C LYS B 306 8.86 -5.24 44.60
N TYR B 307 8.31 -4.18 44.00
CA TYR B 307 8.28 -4.02 42.53
C TYR B 307 9.53 -3.33 41.96
N THR B 308 10.50 -2.97 42.79
CA THR B 308 11.66 -2.13 42.40
C THR B 308 12.58 -2.72 41.31
N LYS B 309 12.38 -3.98 40.89
CA LYS B 309 12.97 -4.54 39.66
C LYS B 309 12.47 -3.89 38.36
N PHE B 310 11.45 -3.02 38.42
CA PHE B 310 11.03 -2.13 37.34
C PHE B 310 10.70 -0.72 37.87
N SER B 311 10.73 0.29 36.99
CA SER B 311 10.56 1.70 37.34
C SER B 311 9.09 2.14 37.43
N ASP B 312 8.32 1.98 36.35
CA ASP B 312 6.98 2.58 36.27
C ASP B 312 5.93 1.83 37.12
N SER B 313 6.31 0.77 37.82
CA SER B 313 5.52 0.18 38.92
C SER B 313 5.32 1.13 40.11
N TYR B 314 6.07 2.23 40.21
CA TYR B 314 5.88 3.29 41.22
C TYR B 314 5.73 4.69 40.60
N ALA B 315 5.30 4.79 39.34
CA ALA B 315 5.35 6.03 38.57
C ALA B 315 4.73 7.24 39.29
N SER B 316 3.52 7.14 39.88
CA SER B 316 2.94 8.29 40.58
C SER B 316 3.64 8.59 41.88
N VAL B 317 4.17 7.59 42.59
CA VAL B 317 4.90 7.81 43.84
C VAL B 317 6.17 8.62 43.58
N ILE B 318 7.01 8.19 42.63
CA ILE B 318 8.24 8.92 42.33
C ILE B 318 7.95 10.31 41.73
N LYS B 319 6.87 10.48 40.96
CA LYS B 319 6.42 11.80 40.52
C LYS B 319 5.99 12.67 41.70
N ALA B 320 5.25 12.15 42.67
CA ALA B 320 4.82 12.90 43.85
C ALA B 320 6.01 13.32 44.73
N LEU B 321 7.02 12.45 44.87
CA LEU B 321 8.27 12.83 45.53
C LEU B 321 8.99 13.94 44.76
N GLU B 322 9.16 13.81 43.45
CA GLU B 322 9.80 14.85 42.63
C GLU B 322 9.05 16.19 42.68
N HIS B 323 7.72 16.19 42.61
CA HIS B 323 6.93 17.41 42.78
C HIS B 323 7.11 18.02 44.17
N SER B 324 7.33 17.22 45.20
CA SER B 324 7.64 17.73 46.53
C SER B 324 9.07 18.28 46.62
N ALA B 325 10.05 17.62 46.00
CA ALA B 325 11.44 18.01 46.08
C ALA B 325 11.70 19.39 45.46
N LEU B 326 11.04 19.73 44.36
CA LEU B 326 11.13 21.08 43.79
C LEU B 326 10.50 22.15 44.70
N ALA B 327 9.41 21.84 45.41
CA ALA B 327 8.85 22.76 46.41
C ALA B 327 9.76 22.90 47.65
N ILE B 328 10.54 21.86 47.96
CA ILE B 328 11.56 21.81 49.01
C ILE B 328 12.88 22.46 48.55
N ASN B 329 13.03 22.74 47.26
CA ASN B 329 14.25 23.23 46.62
C ASN B 329 15.48 22.34 46.87
N HIS B 330 15.32 21.02 46.75
CA HIS B 330 16.42 20.04 46.84
C HIS B 330 16.42 19.09 45.64
N LYS B 331 17.60 18.71 45.16
CA LYS B 331 17.80 17.73 44.09
C LYS B 331 17.70 16.31 44.66
N LEU B 332 16.55 15.68 44.43
CA LEU B 332 16.16 14.39 45.02
C LEU B 332 16.99 13.21 44.50
N GLU B 333 17.30 12.26 45.40
CA GLU B 333 17.73 10.90 45.05
C GLU B 333 16.74 9.86 45.59
N ILE B 334 16.23 8.98 44.73
CA ILE B 334 15.49 7.79 45.15
C ILE B 334 16.48 6.67 45.46
N LYS B 335 16.58 6.26 46.73
CA LYS B 335 17.29 5.05 47.13
C LYS B 335 16.33 3.88 47.09
N TYR B 336 16.21 3.23 45.93
CA TYR B 336 15.39 2.03 45.75
C TYR B 336 15.93 0.87 46.59
N ILE B 337 15.06 0.18 47.34
CA ILE B 337 15.39 -1.00 48.13
C ILE B 337 14.34 -2.08 47.90
N ASP B 338 14.75 -3.30 47.56
CA ASP B 338 13.84 -4.45 47.53
C ASP B 338 13.65 -5.00 48.95
N SER B 339 12.41 -5.01 49.42
CA SER B 339 12.04 -5.55 50.73
C SER B 339 12.49 -7.02 50.91
N ALA B 340 12.52 -7.79 49.82
CA ALA B 340 12.97 -9.18 49.86
C ALA B 340 14.49 -9.34 50.04
N ASP B 341 15.28 -8.31 49.74
CA ASP B 341 16.71 -8.27 50.10
C ASP B 341 16.91 -7.87 51.55
N LEU B 342 16.14 -6.88 52.01
CA LEU B 342 16.19 -6.36 53.37
C LEU B 342 15.70 -7.38 54.42
N GLU B 343 14.85 -8.32 54.03
CA GLU B 343 14.36 -9.41 54.87
C GLU B 343 15.50 -10.30 55.43
N PRO B 344 15.50 -10.66 56.73
CA PRO B 344 16.58 -11.42 57.38
C PRO B 344 17.09 -12.66 56.64
N ILE B 345 16.19 -13.37 55.95
CA ILE B 345 16.45 -14.61 55.20
C ILE B 345 17.59 -14.48 54.17
N THR B 346 17.87 -13.27 53.66
CA THR B 346 19.00 -13.04 52.74
C THR B 346 20.35 -13.42 53.35
N SER B 347 20.46 -13.38 54.69
CA SER B 347 21.65 -13.81 55.43
C SER B 347 22.02 -15.29 55.23
N GLN B 348 21.05 -16.13 54.86
CA GLN B 348 21.23 -17.56 54.58
C GLN B 348 21.59 -17.86 53.11
N GLU B 349 21.70 -16.85 52.24
CA GLU B 349 22.17 -17.02 50.85
C GLU B 349 23.38 -16.14 50.50
N GLU B 350 23.39 -14.85 50.85
CA GLU B 350 24.53 -13.96 50.66
C GLU B 350 24.42 -12.67 51.51
N PRO B 351 25.03 -12.61 52.71
CA PRO B 351 24.98 -11.45 53.60
C PRO B 351 25.39 -10.11 52.98
N VAL B 352 26.19 -10.08 51.91
CA VAL B 352 26.56 -8.83 51.23
C VAL B 352 25.33 -8.09 50.69
N ARG B 353 24.36 -8.80 50.10
CA ARG B 353 23.15 -8.19 49.53
C ARG B 353 22.20 -7.69 50.63
N TYR B 354 22.16 -8.40 51.76
CA TYR B 354 21.48 -7.97 52.98
C TYR B 354 22.12 -6.69 53.56
N HIS B 355 23.45 -6.71 53.73
CA HIS B 355 24.20 -5.61 54.33
C HIS B 355 24.12 -4.33 53.48
N GLU B 356 24.20 -4.43 52.14
CA GLU B 356 24.04 -3.24 51.31
C GLU B 356 22.58 -2.72 51.31
N ALA B 357 21.56 -3.59 51.34
CA ALA B 357 20.19 -3.14 51.50
C ALA B 357 20.02 -2.36 52.83
N TRP B 358 20.65 -2.83 53.91
CA TRP B 358 20.71 -2.06 55.15
C TRP B 358 21.47 -0.75 55.02
N GLN B 359 22.66 -0.71 54.41
CA GLN B 359 23.42 0.55 54.31
C GLN B 359 22.72 1.58 53.39
N LYS B 360 21.99 1.11 52.36
CA LYS B 360 21.14 1.95 51.50
C LYS B 360 20.00 2.57 52.30
N LEU B 361 19.42 1.84 53.26
CA LEU B 361 18.42 2.39 54.19
C LEU B 361 19.07 3.35 55.21
N CYS B 362 20.12 2.92 55.91
CA CYS B 362 20.73 3.68 57.02
C CYS B 362 21.31 5.02 56.57
N SER B 363 21.78 5.13 55.32
CA SER B 363 22.32 6.36 54.74
C SER B 363 21.25 7.31 54.17
N ALA B 364 19.98 6.90 54.10
CA ALA B 364 18.89 7.78 53.62
C ALA B 364 18.50 8.84 54.66
N HIS B 365 18.00 9.99 54.18
CA HIS B 365 17.50 11.08 55.04
C HIS B 365 16.05 10.87 55.50
N GLY B 366 15.40 9.78 55.10
CA GLY B 366 14.00 9.44 55.38
C GLY B 366 13.56 8.20 54.59
N VAL B 367 12.43 7.61 54.95
CA VAL B 367 11.98 6.32 54.39
C VAL B 367 10.48 6.28 54.09
N LEU B 368 10.13 5.65 52.96
CA LEU B 368 8.79 5.55 52.41
C LEU B 368 8.44 4.09 52.11
N VAL B 369 7.25 3.65 52.54
CA VAL B 369 6.72 2.31 52.26
C VAL B 369 5.45 2.41 51.39
N PRO B 370 5.53 2.12 50.07
CA PRO B 370 4.39 2.06 49.17
C PRO B 370 3.60 0.74 49.27
N GLY B 371 2.43 0.70 48.63
CA GLY B 371 1.50 -0.43 48.63
C GLY B 371 1.93 -1.63 47.78
N GLY B 372 1.01 -2.59 47.61
CA GLY B 372 1.16 -3.75 46.72
C GLY B 372 0.91 -5.09 47.44
N PHE B 373 -0.15 -5.79 47.05
CA PHE B 373 -0.67 -7.01 47.68
C PHE B 373 0.32 -8.20 47.69
N GLY B 374 0.06 -9.19 48.54
CA GLY B 374 0.78 -10.47 48.63
C GLY B 374 1.97 -10.50 49.59
N VAL B 375 2.39 -11.69 50.00
CA VAL B 375 3.32 -11.92 51.12
C VAL B 375 4.75 -11.46 50.83
N ARG B 376 5.23 -11.55 49.58
CA ARG B 376 6.66 -11.42 49.24
C ARG B 376 7.33 -10.18 49.87
N GLY B 377 8.37 -10.41 50.67
CA GLY B 377 9.16 -9.35 51.32
C GLY B 377 8.47 -8.61 52.46
N THR B 378 7.27 -9.00 52.92
CA THR B 378 6.50 -8.25 53.93
C THR B 378 7.22 -8.10 55.28
N GLU B 379 7.95 -9.13 55.73
CA GLU B 379 8.74 -9.05 56.97
C GLU B 379 9.92 -8.06 56.84
N GLY B 380 10.46 -7.89 55.62
CA GLY B 380 11.48 -6.87 55.34
C GLY B 380 10.95 -5.45 55.54
N LYS B 381 9.70 -5.19 55.16
CA LYS B 381 9.03 -3.91 55.46
C LYS B 381 8.84 -3.72 56.96
N ILE B 382 8.48 -4.76 57.70
CA ILE B 382 8.40 -4.69 59.17
C ILE B 382 9.77 -4.32 59.77
N GLN B 383 10.88 -4.88 59.27
CA GLN B 383 12.20 -4.47 59.71
C GLN B 383 12.55 -3.02 59.33
N ALA B 384 12.17 -2.55 58.15
CA ALA B 384 12.35 -1.14 57.76
C ALA B 384 11.60 -0.18 58.68
N ILE B 385 10.35 -0.50 59.01
CA ILE B 385 9.51 0.28 59.92
C ILE B 385 10.10 0.25 61.33
N ALA B 386 10.55 -0.92 61.81
CA ALA B 386 11.18 -1.06 63.11
C ALA B 386 12.44 -0.19 63.23
N TRP B 387 13.29 -0.19 62.20
CA TRP B 387 14.42 0.74 62.12
C TRP B 387 13.97 2.21 62.14
N ALA B 388 12.98 2.57 61.32
CA ALA B 388 12.49 3.94 61.25
C ALA B 388 11.92 4.45 62.59
N ARG B 389 11.24 3.59 63.34
CA ARG B 389 10.72 3.92 64.68
C ARG B 389 11.85 3.94 65.73
N ASN B 390 12.80 3.03 65.67
CA ASN B 390 13.89 2.93 66.66
C ASN B 390 14.94 4.03 66.50
N GLN B 391 15.44 4.28 65.28
CA GLN B 391 16.45 5.30 64.99
C GLN B 391 15.85 6.70 64.79
N LYS B 392 14.52 6.82 64.75
CA LYS B 392 13.75 8.07 64.62
C LYS B 392 14.05 8.92 63.37
N LYS B 393 14.53 8.29 62.30
CA LYS B 393 14.48 8.86 60.94
C LYS B 393 13.02 8.96 60.46
N PRO B 394 12.64 10.01 59.70
CA PRO B 394 11.25 10.26 59.34
C PRO B 394 10.67 9.21 58.37
N PHE B 395 9.39 8.88 58.55
CA PHE B 395 8.71 7.77 57.90
C PHE B 395 7.32 8.14 57.36
N LEU B 396 6.99 7.62 56.18
CA LEU B 396 5.62 7.58 55.65
C LEU B 396 5.29 6.18 55.13
N GLY B 397 4.07 5.70 55.42
CA GLY B 397 3.49 4.51 54.81
C GLY B 397 2.16 4.81 54.12
N VAL B 398 1.97 4.35 52.88
CA VAL B 398 0.71 4.50 52.12
C VAL B 398 0.11 3.13 51.80
N CYS B 399 -1.22 3.01 51.84
CA CYS B 399 -1.92 1.72 51.71
C CYS B 399 -1.35 0.70 52.72
N LEU B 400 -0.66 -0.35 52.28
CA LEU B 400 -0.02 -1.33 53.17
C LEU B 400 0.93 -0.69 54.18
N GLY B 401 1.56 0.44 53.88
CA GLY B 401 2.48 1.08 54.82
C GLY B 401 1.82 1.49 56.15
N MET B 402 0.52 1.77 56.16
CA MET B 402 -0.23 1.99 57.40
C MET B 402 -0.49 0.67 58.14
N GLN B 403 -0.97 -0.34 57.42
CA GLN B 403 -1.30 -1.66 57.97
C GLN B 403 -0.05 -2.32 58.58
N LEU B 404 1.08 -2.25 57.89
CA LEU B 404 2.37 -2.74 58.36
C LEU B 404 2.92 -1.92 59.54
N ALA B 405 2.62 -0.63 59.64
CA ALA B 405 3.02 0.17 60.80
C ALA B 405 2.30 -0.28 62.08
N VAL B 406 0.99 -0.54 62.03
CA VAL B 406 0.30 -1.10 63.20
C VAL B 406 0.70 -2.56 63.47
N VAL B 407 1.05 -3.35 62.45
CA VAL B 407 1.68 -4.67 62.67
C VAL B 407 3.01 -4.52 63.40
N GLU B 408 3.92 -3.65 62.97
CA GLU B 408 5.20 -3.45 63.68
C GLU B 408 4.99 -2.94 65.11
N PHE B 409 4.12 -1.96 65.31
CA PHE B 409 3.84 -1.42 66.64
C PHE B 409 3.24 -2.49 67.56
N SER B 410 2.30 -3.30 67.07
CA SER B 410 1.73 -4.39 67.87
C SER B 410 2.75 -5.54 68.09
N ARG B 411 3.58 -5.86 67.10
CA ARG B 411 4.65 -6.87 67.23
C ARG B 411 5.67 -6.48 68.30
N ASN B 412 6.19 -5.25 68.26
CA ASN B 412 7.33 -4.84 69.08
C ASN B 412 6.99 -3.98 70.30
N VAL B 413 5.95 -3.13 70.25
CA VAL B 413 5.59 -2.25 71.38
C VAL B 413 4.56 -2.92 72.30
N LEU B 414 3.50 -3.52 71.75
CA LEU B 414 2.57 -4.35 72.52
C LEU B 414 3.17 -5.74 72.83
N GLY B 415 4.24 -6.13 72.13
CA GLY B 415 5.00 -7.35 72.41
C GLY B 415 4.29 -8.64 72.00
N TRP B 416 3.48 -8.59 70.95
CA TRP B 416 2.77 -9.76 70.40
C TRP B 416 3.62 -10.46 69.33
N GLN B 417 4.41 -11.47 69.70
CA GLN B 417 5.43 -12.07 68.81
C GLN B 417 4.88 -12.66 67.51
N ASP B 418 3.61 -13.04 67.45
CA ASP B 418 2.94 -13.53 66.24
C ASP B 418 1.99 -12.50 65.58
N ALA B 419 2.01 -11.22 65.96
CA ALA B 419 1.15 -10.21 65.33
C ALA B 419 1.40 -10.08 63.81
N ASN B 420 0.32 -10.19 63.04
CA ASN B 420 0.33 -10.19 61.58
C ASN B 420 -1.04 -9.76 61.02
N SER B 421 -1.11 -9.41 59.73
CA SER B 421 -2.40 -9.26 59.04
C SER B 421 -2.94 -10.61 58.59
N THR B 422 -4.27 -10.73 58.51
CA THR B 422 -4.90 -11.92 57.93
C THR B 422 -4.77 -12.02 56.41
N GLU B 423 -4.17 -11.03 55.74
CA GLU B 423 -3.73 -11.20 54.34
C GLU B 423 -2.55 -12.17 54.26
N PHE B 424 -1.58 -12.03 55.16
CA PHE B 424 -0.33 -12.80 55.12
C PHE B 424 -0.40 -14.10 55.92
N ASP B 425 -1.12 -14.14 57.05
CA ASP B 425 -1.37 -15.37 57.82
C ASP B 425 -2.67 -15.27 58.64
N PRO B 426 -3.73 -16.03 58.31
CA PRO B 426 -4.99 -16.01 59.04
C PRO B 426 -4.95 -16.77 60.38
N THR B 427 -3.88 -17.52 60.67
CA THR B 427 -3.85 -18.50 61.78
C THR B 427 -3.32 -17.94 63.11
N THR B 428 -2.82 -16.70 63.15
CA THR B 428 -2.13 -16.14 64.33
C THR B 428 -3.09 -15.87 65.50
N SER B 429 -2.55 -15.78 66.72
CA SER B 429 -3.20 -14.98 67.76
C SER B 429 -3.09 -13.49 67.43
N HIS B 430 -3.81 -12.64 68.18
CA HIS B 430 -3.82 -11.19 68.03
C HIS B 430 -3.91 -10.66 66.57
N PRO B 431 -4.82 -11.17 65.71
CA PRO B 431 -4.87 -10.79 64.30
C PRO B 431 -5.31 -9.33 64.17
N VAL B 432 -4.38 -8.44 63.84
CA VAL B 432 -4.56 -6.97 64.00
C VAL B 432 -5.21 -6.29 62.79
N VAL B 433 -5.21 -6.93 61.63
CA VAL B 433 -5.81 -6.41 60.37
C VAL B 433 -6.62 -7.50 59.65
N VAL B 434 -7.82 -7.15 59.20
CA VAL B 434 -8.83 -8.07 58.62
C VAL B 434 -9.45 -7.54 57.32
N ASP B 435 -9.76 -8.45 56.41
CA ASP B 435 -10.52 -8.23 55.17
C ASP B 435 -11.94 -7.74 55.50
N MET B 436 -12.25 -6.47 55.18
CA MET B 436 -13.47 -5.76 55.55
C MET B 436 -14.11 -5.08 54.31
N PRO B 437 -14.77 -5.84 53.41
CA PRO B 437 -15.38 -5.29 52.21
C PRO B 437 -16.36 -4.12 52.47
N GLU B 438 -16.38 -3.13 51.56
CA GLU B 438 -17.30 -2.00 51.64
C GLU B 438 -18.75 -2.37 51.25
N HIS B 439 -18.91 -3.36 50.36
CA HIS B 439 -20.20 -3.82 49.84
C HIS B 439 -21.12 -4.34 50.95
N MET B 448 -14.25 -4.31 47.31
CA MET B 448 -13.07 -3.49 47.52
C MET B 448 -13.42 -2.00 47.66
N ARG B 449 -12.74 -1.26 48.54
CA ARG B 449 -12.91 0.19 48.72
C ARG B 449 -12.06 0.93 47.69
N LEU B 450 -12.72 1.47 46.66
CA LEU B 450 -12.10 2.01 45.46
C LEU B 450 -12.58 3.42 45.13
N GLY B 451 -11.67 4.27 44.64
CA GLY B 451 -12.00 5.60 44.16
C GLY B 451 -12.09 6.64 45.26
N LYS B 452 -12.72 7.78 44.95
CA LYS B 452 -12.86 8.92 45.88
C LYS B 452 -13.71 8.56 47.09
N ARG B 453 -13.26 8.86 48.30
CA ARG B 453 -14.05 8.83 49.54
C ARG B 453 -13.62 9.92 50.52
N ARG B 454 -14.55 10.30 51.40
CA ARG B 454 -14.40 11.26 52.48
C ARG B 454 -13.64 10.65 53.67
N THR B 455 -12.79 11.43 54.34
CA THR B 455 -12.11 11.06 55.60
C THR B 455 -12.21 12.22 56.60
N LEU B 456 -12.54 11.94 57.86
CA LEU B 456 -12.72 12.94 58.92
C LEU B 456 -11.58 12.87 59.94
N PHE B 457 -11.04 14.04 60.35
CA PHE B 457 -10.09 14.13 61.45
C PHE B 457 -10.77 13.94 62.81
N GLN B 458 -10.22 13.07 63.65
CA GLN B 458 -10.71 12.80 65.02
C GLN B 458 -9.85 13.45 66.12
N THR B 459 -8.90 14.32 65.77
CA THR B 459 -8.08 15.08 66.71
C THR B 459 -7.65 16.43 66.12
N LYS B 460 -7.33 17.41 66.97
CA LYS B 460 -6.71 18.68 66.60
C LYS B 460 -5.18 18.67 66.69
N ASN B 461 -4.57 17.68 67.36
CA ASN B 461 -3.15 17.67 67.71
C ASN B 461 -2.21 17.18 66.58
N SER B 462 -2.74 16.50 65.56
CA SER B 462 -1.96 15.86 64.49
C SER B 462 -1.12 16.82 63.64
N VAL B 463 0.09 16.40 63.26
CA VAL B 463 0.91 17.12 62.27
C VAL B 463 0.34 16.96 60.86
N MET B 464 -0.25 15.80 60.54
CA MET B 464 -0.90 15.57 59.24
C MET B 464 -2.08 16.53 59.01
N ARG B 465 -2.82 16.87 60.07
CA ARG B 465 -3.88 17.89 60.03
C ARG B 465 -3.36 19.27 59.62
N LYS B 466 -2.21 19.70 60.17
CA LYS B 466 -1.56 20.96 59.80
C LYS B 466 -1.08 20.93 58.35
N LEU B 467 -0.48 19.82 57.92
CA LEU B 467 -0.01 19.64 56.54
C LEU B 467 -1.15 19.74 55.51
N TYR B 468 -2.33 19.16 55.78
CA TYR B 468 -3.52 19.32 54.93
C TYR B 468 -4.21 20.70 55.02
N GLY B 469 -3.65 21.67 55.74
CA GLY B 469 -4.19 23.03 55.84
C GLY B 469 -5.27 23.20 56.91
N ASP B 470 -5.39 22.26 57.84
CA ASP B 470 -6.23 22.36 59.05
C ASP B 470 -7.75 22.49 58.82
N ALA B 471 -8.24 22.03 57.67
CA ALA B 471 -9.65 21.72 57.47
C ALA B 471 -10.03 20.39 58.16
N ASP B 472 -11.29 20.23 58.57
CA ASP B 472 -11.74 19.08 59.40
C ASP B 472 -11.92 17.75 58.64
N TYR B 473 -11.86 17.78 57.30
CA TYR B 473 -12.03 16.59 56.46
C TYR B 473 -11.16 16.62 55.20
N LEU B 474 -10.94 15.45 54.64
CA LEU B 474 -10.24 15.17 53.39
C LEU B 474 -11.20 14.50 52.41
N GLU B 475 -10.96 14.68 51.12
CA GLU B 475 -11.41 13.75 50.09
C GLU B 475 -10.19 13.20 49.33
N GLU B 476 -10.07 11.88 49.25
CA GLU B 476 -8.87 11.17 48.78
C GLU B 476 -9.24 9.90 47.99
N ARG B 477 -8.30 9.31 47.26
CA ARG B 477 -8.55 8.13 46.40
C ARG B 477 -8.01 6.85 47.03
N HIS B 478 -8.87 5.85 47.22
CA HIS B 478 -8.56 4.55 47.85
C HIS B 478 -8.46 3.38 46.86
N ARG B 479 -7.78 2.31 47.27
CA ARG B 479 -7.70 1.01 46.57
C ARG B 479 -7.24 -0.08 47.54
N HIS B 480 -8.14 -0.61 48.38
CA HIS B 480 -7.80 -1.64 49.38
C HIS B 480 -9.02 -2.42 49.88
N ARG B 481 -8.79 -3.53 50.58
CA ARG B 481 -9.83 -4.32 51.28
C ARG B 481 -9.52 -4.73 52.74
N PHE B 482 -8.34 -4.44 53.27
CA PHE B 482 -7.95 -4.79 54.63
C PHE B 482 -7.91 -3.56 55.55
N GLU B 483 -8.42 -3.67 56.77
CA GLU B 483 -8.43 -2.60 57.78
C GLU B 483 -8.09 -3.11 59.20
N VAL B 484 -7.67 -2.20 60.07
CA VAL B 484 -7.35 -2.47 61.48
C VAL B 484 -8.58 -2.97 62.24
N ASN B 485 -8.42 -4.03 63.03
CA ASN B 485 -9.49 -4.64 63.83
C ASN B 485 -10.00 -3.69 64.93
N PRO B 486 -11.31 -3.36 64.98
CA PRO B 486 -11.89 -2.53 66.03
C PRO B 486 -11.69 -3.01 67.47
N VAL B 487 -11.45 -4.30 67.70
CA VAL B 487 -11.20 -4.87 69.05
C VAL B 487 -9.78 -4.59 69.56
N TRP B 488 -8.75 -4.66 68.70
CA TRP B 488 -7.37 -4.35 69.09
C TRP B 488 -7.08 -2.84 69.06
N LYS B 489 -7.76 -2.07 68.20
CA LYS B 489 -7.73 -0.60 68.14
C LYS B 489 -7.84 0.05 69.53
N LYS B 490 -8.69 -0.50 70.40
CA LYS B 490 -8.91 -0.06 71.79
C LYS B 490 -7.62 0.04 72.60
N CYS B 491 -6.78 -1.00 72.57
CA CYS B 491 -5.57 -1.06 73.39
C CYS B 491 -4.35 -0.38 72.74
N LEU B 492 -4.32 -0.24 71.41
CA LEU B 492 -3.22 0.42 70.69
C LEU B 492 -3.12 1.91 71.03
N GLU B 493 -4.25 2.61 71.11
CA GLU B 493 -4.31 4.03 71.47
C GLU B 493 -4.07 4.34 72.96
N GLU B 494 -3.87 3.32 73.80
CA GLU B 494 -3.36 3.51 75.18
C GLU B 494 -1.88 3.91 75.19
N GLN B 495 -1.18 3.71 74.07
CA GLN B 495 0.24 4.05 73.88
C GLN B 495 0.40 5.21 72.86
N GLY B 496 1.61 5.44 72.35
CA GLY B 496 1.92 6.60 71.50
C GLY B 496 1.28 6.62 70.10
N LEU B 497 0.73 5.52 69.60
CA LEU B 497 0.10 5.43 68.27
C LEU B 497 -1.33 6.00 68.29
N LYS B 498 -1.61 7.00 67.45
CA LYS B 498 -2.87 7.75 67.39
C LYS B 498 -3.54 7.57 66.03
N PHE B 499 -4.79 7.07 66.01
CA PHE B 499 -5.60 6.99 64.79
C PHE B 499 -6.27 8.34 64.52
N VAL B 500 -5.50 9.20 63.85
CA VAL B 500 -5.82 10.59 63.55
C VAL B 500 -7.09 10.77 62.72
N GLY B 501 -7.36 9.87 61.77
CA GLY B 501 -8.40 10.06 60.76
C GLY B 501 -9.15 8.79 60.40
N GLN B 502 -10.45 8.92 60.12
CA GLN B 502 -11.39 7.81 59.99
C GLN B 502 -12.46 8.03 58.90
N ASP B 503 -13.14 6.95 58.53
CA ASP B 503 -14.36 6.94 57.71
C ASP B 503 -15.52 7.74 58.38
N VAL B 504 -16.57 8.07 57.62
CA VAL B 504 -17.55 9.12 57.95
C VAL B 504 -18.37 8.94 59.24
N GLU B 505 -18.48 7.73 59.79
CA GLU B 505 -19.02 7.50 61.14
C GLU B 505 -18.15 6.54 61.98
N GLY B 506 -16.84 6.52 61.69
CA GLY B 506 -15.82 5.83 62.49
C GLY B 506 -15.66 4.33 62.19
N GLU B 507 -16.19 3.82 61.08
CA GLU B 507 -16.18 2.39 60.77
C GLU B 507 -14.77 1.83 60.51
N ARG B 508 -13.91 2.64 59.87
CA ARG B 508 -12.60 2.26 59.31
C ARG B 508 -11.53 3.32 59.58
N MET B 509 -10.30 2.89 59.85
CA MET B 509 -9.16 3.76 60.14
C MET B 509 -8.47 4.21 58.85
N GLU B 510 -8.26 5.52 58.68
CA GLU B 510 -7.80 6.14 57.43
C GLU B 510 -6.44 6.83 57.54
N ILE B 511 -6.11 7.38 58.72
CA ILE B 511 -4.81 8.02 59.02
C ILE B 511 -4.34 7.58 60.40
N VAL B 512 -3.04 7.27 60.55
CA VAL B 512 -2.39 7.01 61.83
C VAL B 512 -1.09 7.82 61.96
N GLU B 513 -0.75 8.22 63.18
CA GLU B 513 0.42 9.03 63.51
C GLU B 513 1.02 8.56 64.83
N LEU B 514 2.34 8.63 65.01
CA LEU B 514 3.01 8.31 66.29
C LEU B 514 3.49 9.59 66.97
N GLU B 515 3.00 9.87 68.17
CA GLU B 515 3.26 11.16 68.84
C GLU B 515 4.69 11.28 69.45
N ASP B 516 5.36 10.17 69.68
CA ASP B 516 6.71 10.12 70.28
C ASP B 516 7.87 10.46 69.31
N HIS B 517 7.58 10.68 68.03
CA HIS B 517 8.54 10.61 66.92
C HIS B 517 8.55 11.91 66.08
N PRO B 518 9.71 12.36 65.54
CA PRO B 518 9.80 13.54 64.68
C PRO B 518 8.80 13.61 63.52
N PHE B 519 8.60 12.50 62.79
CA PHE B 519 7.56 12.33 61.79
C PHE B 519 7.41 10.85 61.42
N PHE B 520 6.29 10.24 61.79
CA PHE B 520 5.97 8.84 61.52
C PHE B 520 4.46 8.69 61.37
N VAL B 521 4.02 8.37 60.15
CA VAL B 521 2.60 8.36 59.78
C VAL B 521 2.27 7.26 58.78
N GLY B 522 1.02 6.80 58.83
CA GLY B 522 0.42 5.94 57.84
C GLY B 522 -0.89 6.52 57.31
N VAL B 523 -1.16 6.35 56.03
CA VAL B 523 -2.44 6.70 55.39
C VAL B 523 -2.94 5.54 54.55
N GLN B 524 -4.25 5.29 54.60
CA GLN B 524 -4.85 4.14 53.90
C GLN B 524 -4.99 4.39 52.37
N TYR B 525 -5.20 5.64 51.97
CA TYR B 525 -5.38 6.08 50.59
C TYR B 525 -4.06 6.24 49.82
N HIS B 526 -4.12 6.54 48.52
CA HIS B 526 -2.99 6.86 47.65
C HIS B 526 -2.83 8.39 47.45
N PRO B 527 -2.04 9.10 48.27
CA PRO B 527 -1.87 10.56 48.12
C PRO B 527 -1.18 10.96 46.80
N GLU B 528 -0.50 10.06 46.11
CA GLU B 528 0.28 10.36 44.92
C GLU B 528 -0.58 10.77 43.72
N PHE B 529 -1.79 10.23 43.57
CA PHE B 529 -2.63 10.52 42.41
C PHE B 529 -3.15 11.97 42.38
N LEU B 530 -3.21 12.65 43.53
CA LEU B 530 -3.60 14.05 43.65
C LEU B 530 -2.41 15.03 43.68
N SER B 531 -1.17 14.55 43.53
CA SER B 531 0.00 15.42 43.38
C SER B 531 0.00 16.11 42.00
N ARG B 532 0.53 17.33 41.91
CA ARG B 532 0.62 18.13 40.68
C ARG B 532 1.97 18.84 40.60
N PRO B 533 2.50 19.18 39.41
CA PRO B 533 3.80 19.85 39.29
C PRO B 533 3.89 21.17 40.07
N ILE B 534 2.81 21.94 40.08
CA ILE B 534 2.73 23.23 40.79
C ILE B 534 2.52 23.05 42.32
N LYS B 535 1.98 21.93 42.78
CA LYS B 535 1.63 21.68 44.19
C LYS B 535 1.69 20.19 44.57
N PRO B 536 2.61 19.76 45.45
CA PRO B 536 2.67 18.38 45.93
C PRO B 536 1.50 18.08 46.86
N SER B 537 1.13 16.81 47.01
CA SER B 537 0.14 16.39 48.01
C SER B 537 0.77 16.30 49.41
N PRO B 538 0.04 16.65 50.49
CA PRO B 538 0.67 16.93 51.78
C PRO B 538 1.53 15.82 52.40
N PRO B 539 1.18 14.51 52.36
CA PRO B 539 1.99 13.48 52.99
C PRO B 539 3.43 13.42 52.48
N TYR B 540 3.66 13.52 51.17
CA TYR B 540 5.01 13.51 50.59
C TYR B 540 5.78 14.79 50.91
N PHE B 541 5.12 15.95 50.88
CA PHE B 541 5.73 17.21 51.29
C PHE B 541 6.11 17.20 52.77
N GLY B 542 5.29 16.59 53.64
CA GLY B 542 5.60 16.35 55.04
C GLY B 542 6.82 15.45 55.25
N LEU B 543 6.93 14.35 54.50
CA LEU B 543 8.10 13.47 54.55
C LEU B 543 9.39 14.24 54.20
N LEU B 544 9.39 15.02 53.12
CA LEU B 544 10.56 15.79 52.74
C LEU B 544 10.85 16.94 53.73
N LEU B 545 9.85 17.69 54.19
CA LEU B 545 10.06 18.73 55.20
C LEU B 545 10.67 18.16 56.49
N ALA B 546 10.22 16.98 56.94
CA ALA B 546 10.82 16.30 58.07
C ALA B 546 12.23 15.79 57.73
N SER B 547 12.44 15.28 56.52
CA SER B 547 13.73 14.74 56.09
C SER B 547 14.85 15.80 56.04
N VAL B 548 14.57 17.01 55.54
CA VAL B 548 15.50 18.15 55.62
C VAL B 548 15.44 18.90 56.96
N GLY B 549 14.62 18.44 57.91
CA GLY B 549 14.48 18.99 59.26
C GLY B 549 13.74 20.33 59.37
N ARG B 550 13.22 20.87 58.27
CA ARG B 550 12.60 22.20 58.18
C ARG B 550 11.11 22.21 58.59
N LEU B 551 10.48 21.05 58.83
CA LEU B 551 9.06 20.96 59.18
C LEU B 551 8.67 21.83 60.39
N SER B 552 9.49 21.85 61.44
CA SER B 552 9.22 22.64 62.65
C SER B 552 9.26 24.16 62.39
N HIS B 553 10.12 24.61 61.46
CA HIS B 553 10.16 26.01 61.01
C HIS B 553 8.98 26.34 60.07
N TYR B 554 8.62 25.42 59.18
CA TYR B 554 7.46 25.59 58.28
C TYR B 554 6.15 25.75 59.08
N LEU B 555 5.95 24.94 60.11
CA LEU B 555 4.89 25.11 61.10
C LEU B 555 5.33 26.10 62.18
N MET C 1 -2.99 30.11 -16.42
CA MET C 1 -3.86 29.04 -16.96
C MET C 1 -4.46 28.19 -15.86
N LYS C 2 -5.58 27.52 -16.14
CA LYS C 2 -6.16 26.44 -15.33
C LYS C 2 -5.80 25.07 -15.93
N TYR C 3 -5.64 24.05 -15.12
CA TYR C 3 -5.31 22.69 -15.55
C TYR C 3 -6.31 21.67 -15.00
N ILE C 4 -6.75 20.72 -15.80
CA ILE C 4 -7.59 19.60 -15.38
C ILE C 4 -6.85 18.31 -15.69
N LEU C 5 -6.60 17.44 -14.71
CA LEU C 5 -6.01 16.13 -14.93
C LEU C 5 -7.09 15.07 -14.98
N VAL C 6 -7.04 14.16 -15.95
CA VAL C 6 -7.92 12.98 -16.03
C VAL C 6 -7.07 11.76 -15.75
N THR C 7 -7.42 10.99 -14.72
CA THR C 7 -6.69 9.80 -14.26
C THR C 7 -7.58 8.56 -14.34
N GLY C 8 -6.99 7.39 -14.56
CA GLY C 8 -7.71 6.14 -14.75
C GLY C 8 -7.66 5.21 -13.56
N GLY C 9 -8.78 4.59 -13.26
CA GLY C 9 -8.97 3.79 -12.07
C GLY C 9 -8.68 2.31 -12.25
N VAL C 10 -9.72 1.48 -12.20
CA VAL C 10 -9.61 0.05 -11.91
C VAL C 10 -8.92 -0.74 -13.03
N ILE C 11 -9.21 -0.40 -14.28
CA ILE C 11 -8.67 -0.99 -15.52
C ILE C 11 -8.47 0.12 -16.57
N SER C 12 -7.68 -0.13 -17.62
CA SER C 12 -7.78 0.64 -18.86
C SER C 12 -8.94 0.12 -19.72
N GLY C 13 -9.46 0.94 -20.64
CA GLY C 13 -10.69 0.59 -21.39
C GLY C 13 -11.98 1.07 -20.72
N ILE C 14 -11.90 1.90 -19.68
CA ILE C 14 -13.04 2.62 -19.09
C ILE C 14 -13.45 3.87 -19.87
N GLY C 15 -12.68 4.32 -20.87
CA GLY C 15 -13.04 5.47 -21.68
C GLY C 15 -12.56 6.82 -21.15
N LYS C 16 -11.27 6.95 -20.79
CA LYS C 16 -10.71 8.28 -20.48
C LYS C 16 -10.68 9.17 -21.71
N GLY C 17 -10.49 8.63 -22.90
CA GLY C 17 -10.36 9.45 -24.12
C GLY C 17 -11.64 10.17 -24.49
N ILE C 18 -12.79 9.49 -24.38
CA ILE C 18 -14.10 10.12 -24.62
C ILE C 18 -14.52 11.04 -23.47
N ILE C 19 -14.10 10.78 -22.22
CA ILE C 19 -14.34 11.69 -21.10
C ILE C 19 -13.48 12.96 -21.20
N ALA C 20 -12.18 12.85 -21.48
CA ALA C 20 -11.32 14.02 -21.67
C ALA C 20 -11.74 14.85 -22.89
N SER C 21 -12.13 14.22 -24.00
CA SER C 21 -12.66 14.93 -25.16
C SER C 21 -14.01 15.59 -24.84
N SER C 22 -14.88 14.96 -24.05
CA SER C 22 -16.15 15.56 -23.64
C SER C 22 -15.96 16.72 -22.68
N VAL C 23 -15.03 16.63 -21.72
CA VAL C 23 -14.65 17.75 -20.86
C VAL C 23 -14.12 18.93 -21.69
N GLY C 24 -13.30 18.65 -22.70
CA GLY C 24 -12.89 19.67 -23.65
C GLY C 24 -14.06 20.29 -24.41
N THR C 25 -15.05 19.49 -24.81
CA THR C 25 -16.20 19.97 -25.59
C THR C 25 -17.15 20.85 -24.77
N ILE C 26 -17.50 20.46 -23.54
CA ILE C 26 -18.37 21.27 -22.68
C ILE C 26 -17.68 22.58 -22.26
N LEU C 27 -16.36 22.59 -22.07
CA LEU C 27 -15.61 23.82 -21.81
C LEU C 27 -15.49 24.71 -23.07
N LYS C 28 -15.19 24.14 -24.25
CA LYS C 28 -15.25 24.86 -25.54
C LYS C 28 -16.61 25.53 -25.74
N SER C 29 -17.68 24.83 -25.36
CA SER C 29 -19.06 25.34 -25.48
C SER C 29 -19.37 26.54 -24.59
N CYS C 30 -18.53 26.83 -23.59
CA CYS C 30 -18.64 28.04 -22.76
C CYS C 30 -17.95 29.27 -23.36
N GLY C 31 -17.32 29.15 -24.53
CA GLY C 31 -16.50 30.21 -25.13
C GLY C 31 -15.07 30.27 -24.59
N LEU C 32 -14.62 29.29 -23.81
CA LEU C 32 -13.23 29.19 -23.37
C LEU C 32 -12.32 28.71 -24.50
N HIS C 33 -11.10 29.23 -24.58
CA HIS C 33 -10.04 28.66 -25.42
C HIS C 33 -9.40 27.47 -24.72
N VAL C 34 -9.86 26.26 -25.02
CA VAL C 34 -9.37 25.02 -24.43
C VAL C 34 -8.17 24.49 -25.20
N THR C 35 -7.26 23.81 -24.52
CA THR C 35 -6.17 23.03 -25.13
C THR C 35 -6.06 21.68 -24.42
N SER C 36 -5.33 20.73 -25.00
CA SER C 36 -5.24 19.38 -24.44
C SER C 36 -3.83 18.82 -24.53
N ILE C 37 -3.50 17.90 -23.63
CA ILE C 37 -2.27 17.12 -23.66
C ILE C 37 -2.64 15.66 -23.47
N LYS C 38 -2.08 14.76 -24.27
CA LYS C 38 -2.17 13.32 -24.02
C LYS C 38 -0.84 12.86 -23.50
N ILE C 39 -0.81 12.38 -22.28
CA ILE C 39 0.35 11.73 -21.69
C ILE C 39 0.13 10.23 -21.86
N ASP C 40 1.11 9.51 -22.33
CA ASP C 40 1.00 8.10 -22.67
C ASP C 40 2.33 7.40 -22.43
N PRO C 41 2.53 6.78 -21.26
CA PRO C 41 3.85 6.36 -20.81
C PRO C 41 4.40 5.08 -21.47
N TYR C 42 4.36 4.98 -22.80
CA TYR C 42 5.19 4.06 -23.60
C TYR C 42 6.51 4.73 -24.02
N ILE C 43 7.51 3.94 -24.41
CA ILE C 43 8.88 4.41 -24.64
C ILE C 43 9.08 5.02 -26.04
N ASN C 44 8.21 4.76 -27.01
CA ASN C 44 8.29 5.35 -28.36
C ASN C 44 8.31 6.89 -28.33
N ILE C 45 9.22 7.51 -29.10
CA ILE C 45 9.34 8.97 -29.19
C ILE C 45 8.15 9.59 -29.93
N ASP C 46 7.75 8.97 -31.04
CA ASP C 46 6.65 9.41 -31.89
C ASP C 46 6.04 8.20 -32.65
N ALA C 47 4.90 8.40 -33.31
CA ALA C 47 4.14 7.31 -33.90
C ALA C 47 4.73 6.75 -35.20
N GLY C 48 5.74 7.40 -35.80
CA GLY C 48 6.31 7.00 -37.10
C GLY C 48 6.94 5.60 -37.12
N THR C 49 7.31 5.06 -35.96
CA THR C 49 7.82 3.68 -35.79
C THR C 49 6.71 2.63 -35.80
N PHE C 50 5.45 2.98 -35.50
CA PHE C 50 4.37 2.00 -35.33
C PHE C 50 4.03 1.26 -36.62
N SER C 51 3.82 -0.06 -36.52
CA SER C 51 3.21 -0.86 -37.56
C SER C 51 1.69 -0.60 -37.60
N PRO C 52 1.11 -0.19 -38.74
CA PRO C 52 -0.32 0.12 -38.85
C PRO C 52 -1.21 -1.13 -38.75
N TYR C 53 -0.67 -2.32 -38.98
CA TYR C 53 -1.34 -3.60 -38.73
C TYR C 53 -1.55 -3.88 -37.23
N GLU C 54 -0.68 -3.37 -36.35
CA GLU C 54 -0.64 -3.74 -34.94
C GLU C 54 -1.22 -2.67 -34.00
N HIS C 55 -0.83 -1.40 -34.17
CA HIS C 55 -1.25 -0.31 -33.28
C HIS C 55 -2.49 0.47 -33.76
N GLY C 56 -2.93 0.26 -35.01
CA GLY C 56 -3.88 1.15 -35.68
C GLY C 56 -3.17 2.28 -36.44
N GLU C 57 -3.93 3.26 -36.97
CA GLU C 57 -3.34 4.28 -37.85
C GLU C 57 -2.34 5.20 -37.15
N VAL C 58 -1.55 5.91 -37.95
CA VAL C 58 -0.71 7.03 -37.52
C VAL C 58 -1.39 8.33 -37.93
N PHE C 59 -1.62 9.23 -36.98
CA PHE C 59 -2.19 10.54 -37.25
C PHE C 59 -1.09 11.54 -37.62
N VAL C 60 -1.41 12.58 -38.40
CA VAL C 60 -0.45 13.59 -38.85
C VAL C 60 -0.94 14.98 -38.45
N LEU C 61 -0.08 15.76 -37.81
CA LEU C 61 -0.32 17.15 -37.42
C LEU C 61 0.22 18.14 -38.46
N ASP C 62 -0.08 19.44 -38.30
CA ASP C 62 0.40 20.46 -39.24
C ASP C 62 1.93 20.51 -39.32
N ASP C 63 2.61 20.22 -38.21
CA ASP C 63 4.07 20.15 -38.09
C ASP C 63 4.72 19.03 -38.92
N GLY C 64 3.93 18.06 -39.40
CA GLY C 64 4.45 16.78 -39.89
C GLY C 64 4.82 15.80 -38.77
N GLY C 65 4.52 16.16 -37.52
CA GLY C 65 4.62 15.23 -36.39
C GLY C 65 3.66 14.06 -36.57
N GLU C 66 4.19 12.84 -36.59
CA GLU C 66 3.42 11.61 -36.60
C GLU C 66 3.03 11.27 -35.16
N VAL C 67 1.74 11.25 -34.83
CA VAL C 67 1.25 11.11 -33.44
C VAL C 67 0.17 10.04 -33.29
N ASP C 68 -0.12 9.65 -32.05
CA ASP C 68 -1.09 8.62 -31.71
C ASP C 68 -2.53 9.02 -32.07
N LEU C 69 -3.46 8.05 -32.09
CA LEU C 69 -4.88 8.24 -32.45
C LEU C 69 -5.56 9.36 -31.65
N ASP C 70 -5.27 9.46 -30.36
CA ASP C 70 -6.06 10.24 -29.41
C ASP C 70 -5.89 11.76 -29.59
N LEU C 71 -4.83 12.25 -30.26
CA LEU C 71 -4.76 13.65 -30.67
C LEU C 71 -5.67 13.97 -31.85
N GLY C 72 -5.91 13.03 -32.76
CA GLY C 72 -6.97 13.17 -33.74
C GLY C 72 -8.35 13.25 -33.09
N ASN C 73 -8.59 12.46 -32.05
CA ASN C 73 -9.83 12.52 -31.29
C ASN C 73 -10.00 13.88 -30.61
N TYR C 74 -8.93 14.46 -30.08
CA TYR C 74 -8.98 15.83 -29.56
C TYR C 74 -9.24 16.85 -30.66
N GLU C 75 -8.55 16.78 -31.81
CA GLU C 75 -8.81 17.72 -32.90
C GLU C 75 -10.25 17.66 -33.39
N ARG C 76 -10.86 16.46 -33.49
CA ARG C 76 -12.26 16.29 -33.92
C ARG C 76 -13.28 16.86 -32.94
N PHE C 77 -13.16 16.56 -31.64
CA PHE C 77 -14.12 17.03 -30.64
C PHE C 77 -13.92 18.51 -30.26
N LEU C 78 -12.69 19.00 -30.13
CA LEU C 78 -12.44 20.37 -29.67
C LEU C 78 -12.39 21.40 -30.82
N ASP C 79 -12.19 20.96 -32.07
CA ASP C 79 -12.00 21.83 -33.25
C ASP C 79 -10.81 22.81 -33.08
N ILE C 80 -9.60 22.25 -33.10
CA ILE C 80 -8.33 22.91 -32.80
C ILE C 80 -7.20 22.36 -33.70
N ARG C 81 -6.04 23.04 -33.73
CA ARG C 81 -4.82 22.52 -34.39
C ARG C 81 -3.78 22.19 -33.33
N LEU C 82 -3.41 20.93 -33.17
CA LEU C 82 -2.43 20.52 -32.15
C LEU C 82 -0.99 20.55 -32.68
N THR C 83 -0.02 20.48 -31.75
CA THR C 83 1.42 20.53 -32.00
C THR C 83 2.07 19.23 -31.55
N LYS C 84 3.17 18.81 -32.19
CA LYS C 84 3.79 17.48 -31.99
C LYS C 84 4.09 17.09 -30.54
N ASP C 85 4.28 18.04 -29.65
CA ASP C 85 4.64 17.83 -28.25
C ASP C 85 3.50 18.07 -27.24
N ASN C 86 2.25 18.25 -27.70
CA ASN C 86 1.03 17.98 -26.90
C ASN C 86 0.78 16.47 -26.71
N ASN C 87 1.55 15.62 -27.37
CA ASN C 87 1.66 14.20 -27.03
C ASN C 87 2.96 14.06 -26.24
N LEU C 88 2.89 13.46 -25.06
CA LEU C 88 3.95 13.52 -24.05
C LEU C 88 4.32 12.09 -23.63
N THR C 89 4.86 11.31 -24.57
CA THR C 89 5.32 9.95 -24.28
C THR C 89 6.44 9.99 -23.24
N THR C 90 6.60 8.96 -22.41
CA THR C 90 7.66 8.99 -21.39
C THR C 90 9.06 8.93 -22.01
N GLY C 91 9.21 8.28 -23.16
CA GLY C 91 10.47 8.25 -23.89
C GLY C 91 10.97 9.63 -24.31
N LYS C 92 10.09 10.59 -24.61
CA LYS C 92 10.50 11.97 -24.90
C LYS C 92 11.05 12.68 -23.67
N ILE C 93 10.44 12.51 -22.50
CA ILE C 93 10.93 13.13 -21.26
C ILE C 93 12.29 12.57 -20.86
N TYR C 94 12.49 11.25 -20.91
CA TYR C 94 13.81 10.68 -20.62
C TYR C 94 14.85 11.09 -21.66
N GLN C 95 14.54 11.12 -22.95
CA GLN C 95 15.50 11.60 -23.95
C GLN C 95 15.82 13.08 -23.77
N TYR C 96 14.85 13.92 -23.43
CA TYR C 96 15.08 15.33 -23.15
C TYR C 96 16.03 15.55 -21.98
N VAL C 97 15.79 14.88 -20.86
CA VAL C 97 16.63 15.01 -19.66
C VAL C 97 18.00 14.37 -19.86
N ILE C 98 18.12 13.23 -20.54
CA ILE C 98 19.42 12.63 -20.90
C ILE C 98 20.23 13.59 -21.78
N ASN C 99 19.64 14.24 -22.77
CA ASN C 99 20.36 15.20 -23.60
C ASN C 99 20.87 16.41 -22.79
N LYS C 100 20.07 16.96 -21.86
CA LYS C 100 20.55 18.00 -20.93
C LYS C 100 21.69 17.50 -20.04
N GLU C 101 21.62 16.27 -19.54
CA GLU C 101 22.70 15.63 -18.79
C GLU C 101 23.98 15.53 -19.62
N ARG C 102 23.95 14.94 -20.83
CA ARG C 102 25.15 14.74 -21.65
C ARG C 102 25.75 16.04 -22.18
N LYS C 103 24.97 17.12 -22.30
CA LYS C 103 25.46 18.48 -22.60
C LYS C 103 26.05 19.20 -21.40
N GLY C 104 25.79 18.75 -20.17
CA GLY C 104 26.18 19.46 -18.95
C GLY C 104 25.30 20.66 -18.60
N ASP C 105 24.06 20.70 -19.09
CA ASP C 105 23.07 21.72 -18.71
C ASP C 105 22.58 21.54 -17.27
N TYR C 106 22.80 20.37 -16.67
CA TYR C 106 22.85 20.17 -15.22
C TYR C 106 24.32 20.16 -14.80
N LEU C 107 24.70 21.05 -13.88
CA LEU C 107 26.09 21.42 -13.64
C LEU C 107 26.85 20.41 -12.76
N GLY C 108 27.11 19.22 -13.29
CA GLY C 108 27.90 18.16 -12.65
C GLY C 108 27.21 17.41 -11.51
N LYS C 109 26.05 17.89 -11.05
CA LYS C 109 25.20 17.22 -10.06
C LYS C 109 24.68 15.90 -10.59
N THR C 110 24.43 14.94 -9.71
CA THR C 110 23.66 13.73 -10.04
C THR C 110 22.23 14.12 -10.44
N VAL C 111 21.77 13.62 -11.58
CA VAL C 111 20.43 13.89 -12.12
C VAL C 111 19.52 12.73 -11.75
N GLN C 112 18.34 13.02 -11.21
CA GLN C 112 17.53 12.08 -10.43
C GLN C 112 16.06 12.12 -10.84
N VAL C 113 15.32 11.04 -10.59
CA VAL C 113 13.91 10.98 -11.01
C VAL C 113 13.06 12.05 -10.35
N VAL C 114 13.01 12.13 -9.01
CA VAL C 114 12.07 13.06 -8.34
C VAL C 114 12.45 14.54 -8.44
N PRO C 115 13.72 14.95 -8.28
CA PRO C 115 14.09 16.33 -8.49
C PRO C 115 14.11 16.79 -9.96
N HIS C 116 14.32 15.91 -10.95
CA HIS C 116 14.63 16.32 -12.33
C HIS C 116 13.73 15.73 -13.41
N ILE C 117 13.56 14.42 -13.54
CA ILE C 117 12.58 13.87 -14.52
C ILE C 117 11.19 14.39 -14.20
N THR C 118 10.81 14.31 -12.94
CA THR C 118 9.55 14.81 -12.40
C THR C 118 9.39 16.31 -12.53
N ASP C 119 10.46 17.08 -12.74
CA ASP C 119 10.40 18.53 -12.94
C ASP C 119 10.37 18.92 -14.42
N ALA C 120 11.06 18.16 -15.28
CA ALA C 120 10.92 18.28 -16.72
C ALA C 120 9.48 18.02 -17.19
N ILE C 121 8.75 17.10 -16.56
CA ILE C 121 7.33 16.87 -16.82
C ILE C 121 6.51 18.13 -16.51
N GLN C 122 6.72 18.78 -15.36
CA GLN C 122 6.00 19.99 -14.99
C GLN C 122 6.33 21.18 -15.89
N GLU C 123 7.59 21.33 -16.27
CA GLU C 123 8.02 22.35 -17.24
C GLU C 123 7.42 22.11 -18.63
N TRP C 124 7.44 20.88 -19.15
CA TRP C 124 6.87 20.54 -20.44
C TRP C 124 5.37 20.84 -20.50
N VAL C 125 4.63 20.48 -19.44
CA VAL C 125 3.19 20.75 -19.35
C VAL C 125 2.89 22.23 -19.30
N MET C 126 3.62 23.05 -18.55
CA MET C 126 3.43 24.51 -18.58
C MET C 126 3.78 25.12 -19.94
N ARG C 127 4.86 24.66 -20.57
CA ARG C 127 5.34 25.16 -21.85
C ARG C 127 4.38 24.86 -22.99
N GLN C 128 3.95 23.61 -23.14
CA GLN C 128 3.03 23.20 -24.21
C GLN C 128 1.57 23.60 -23.97
N ALA C 129 1.17 23.96 -22.75
CA ALA C 129 -0.15 24.51 -22.52
C ALA C 129 -0.30 25.94 -23.06
N LEU C 130 0.73 26.78 -23.03
CA LEU C 130 0.62 28.20 -23.43
C LEU C 130 0.57 28.48 -24.93
N ILE C 131 0.88 27.51 -25.80
CA ILE C 131 1.01 27.77 -27.25
C ILE C 131 -0.37 27.98 -27.91
N PRO C 132 -0.48 28.80 -28.98
CA PRO C 132 -1.76 29.12 -29.60
C PRO C 132 -2.31 27.98 -30.47
N VAL C 133 -3.03 27.05 -29.85
CA VAL C 133 -3.68 25.87 -30.44
C VAL C 133 -4.97 26.19 -31.20
N ASP C 134 -5.58 27.34 -30.94
CA ASP C 134 -6.79 27.81 -31.61
C ASP C 134 -6.47 28.55 -32.93
N GLU C 135 -7.40 28.55 -33.90
CA GLU C 135 -7.21 29.25 -35.18
C GLU C 135 -7.29 30.78 -35.06
N ASP C 136 -7.82 31.31 -33.94
CA ASP C 136 -7.77 32.74 -33.59
C ASP C 136 -6.36 33.22 -33.20
N GLY C 137 -5.43 32.31 -32.89
CA GLY C 137 -4.06 32.64 -32.47
C GLY C 137 -3.91 33.09 -31.01
N LEU C 138 -4.94 32.91 -30.17
CA LEU C 138 -4.95 33.31 -28.76
C LEU C 138 -4.34 32.25 -27.83
N GLU C 139 -3.72 32.68 -26.74
CA GLU C 139 -3.24 31.83 -25.66
C GLU C 139 -4.41 31.19 -24.90
N PRO C 140 -4.45 29.87 -24.71
CA PRO C 140 -5.60 29.18 -24.13
C PRO C 140 -5.80 29.46 -22.63
N GLN C 141 -7.02 29.30 -22.15
CA GLN C 141 -7.40 29.53 -20.75
C GLN C 141 -7.30 28.28 -19.88
N VAL C 142 -7.66 27.11 -20.40
CA VAL C 142 -7.68 25.84 -19.67
C VAL C 142 -7.03 24.72 -20.47
N CYS C 143 -6.20 23.91 -19.81
CA CYS C 143 -5.54 22.74 -20.39
C CYS C 143 -6.14 21.48 -19.79
N VAL C 144 -6.63 20.56 -20.61
CA VAL C 144 -7.06 19.23 -20.18
C VAL C 144 -5.90 18.27 -20.41
N ILE C 145 -5.36 17.70 -19.34
CA ILE C 145 -4.32 16.70 -19.40
C ILE C 145 -4.96 15.34 -19.20
N GLU C 146 -4.81 14.43 -20.14
CA GLU C 146 -5.21 13.05 -19.95
C GLU C 146 -3.97 12.22 -19.67
N LEU C 147 -3.96 11.44 -18.60
CA LEU C 147 -2.87 10.55 -18.29
C LEU C 147 -3.24 9.11 -18.64
N GLY C 148 -2.50 8.51 -19.55
CA GLY C 148 -2.63 7.10 -19.92
C GLY C 148 -2.18 6.15 -18.82
N GLY C 149 -2.41 4.86 -19.01
CA GLY C 149 -2.23 3.85 -17.96
C GLY C 149 -3.26 3.99 -16.84
N THR C 150 -3.05 3.31 -15.73
CA THR C 150 -3.90 3.40 -14.54
C THR C 150 -3.07 3.71 -13.31
N VAL C 151 -3.72 4.20 -12.26
CA VAL C 151 -3.06 4.51 -10.99
C VAL C 151 -2.48 3.22 -10.38
N GLY C 152 -1.24 3.30 -9.87
CA GLY C 152 -0.55 2.13 -9.32
C GLY C 152 0.25 1.30 -10.33
N ASP C 153 0.10 1.54 -11.64
CA ASP C 153 1.03 1.05 -12.66
C ASP C 153 2.37 1.75 -12.52
N ILE C 154 3.50 1.03 -12.65
CA ILE C 154 4.82 1.64 -12.41
C ILE C 154 5.18 2.65 -13.50
N GLU C 155 4.65 2.51 -14.72
CA GLU C 155 4.83 3.49 -15.80
C GLU C 155 4.22 4.86 -15.49
N SER C 156 3.18 4.92 -14.65
CA SER C 156 2.46 6.16 -14.30
C SER C 156 3.13 6.95 -13.18
N MET C 157 4.06 6.33 -12.42
CA MET C 157 4.62 6.89 -11.20
C MET C 157 5.34 8.24 -11.41
N PRO C 158 6.21 8.44 -12.43
CA PRO C 158 6.83 9.75 -12.65
C PRO C 158 5.83 10.87 -12.88
N PHE C 159 4.70 10.57 -13.54
CA PHE C 159 3.67 11.53 -13.90
C PHE C 159 2.72 11.83 -12.75
N ILE C 160 2.33 10.84 -11.96
CA ILE C 160 1.51 11.08 -10.77
C ILE C 160 2.33 11.82 -9.70
N GLU C 161 3.62 11.52 -9.54
CA GLU C 161 4.50 12.30 -8.67
C GLU C 161 4.75 13.71 -9.20
N ALA C 162 4.85 13.92 -10.51
CA ALA C 162 4.87 15.27 -11.08
C ALA C 162 3.60 16.04 -10.77
N PHE C 163 2.41 15.47 -10.97
CA PHE C 163 1.17 16.19 -10.67
C PHE C 163 0.90 16.35 -9.17
N ARG C 164 1.40 15.45 -8.30
CA ARG C 164 1.41 15.66 -6.86
C ARG C 164 2.10 16.97 -6.47
N GLN C 165 3.24 17.29 -7.08
CA GLN C 165 3.95 18.55 -6.84
C GLN C 165 3.33 19.73 -7.60
N PHE C 166 2.78 19.49 -8.79
CA PHE C 166 2.24 20.52 -9.65
C PHE C 166 1.09 21.31 -9.02
N GLN C 167 0.17 20.65 -8.33
CA GLN C 167 -1.00 21.25 -7.67
C GLN C 167 -0.67 22.28 -6.57
N PHE C 168 0.60 22.43 -6.20
CA PHE C 168 1.09 23.44 -5.26
C PHE C 168 1.88 24.57 -5.94
N LYS C 169 2.62 24.31 -7.03
CA LYS C 169 3.35 25.36 -7.75
C LYS C 169 2.45 26.18 -8.67
N VAL C 170 1.35 25.59 -9.14
CA VAL C 170 0.14 26.35 -9.54
C VAL C 170 -0.84 26.25 -8.37
N LYS C 171 -1.44 27.34 -7.94
CA LYS C 171 -2.28 27.32 -6.72
C LYS C 171 -3.56 26.51 -6.96
N ARG C 172 -4.23 26.05 -5.91
CA ARG C 172 -5.36 25.08 -5.99
C ARG C 172 -6.54 25.57 -6.83
N GLU C 173 -6.80 26.88 -6.90
CA GLU C 173 -7.79 27.48 -7.79
C GLU C 173 -7.46 27.35 -9.29
N ASN C 174 -6.27 26.84 -9.62
CA ASN C 174 -5.77 26.63 -10.98
C ASN C 174 -5.51 25.17 -11.35
N PHE C 175 -5.66 24.19 -10.45
CA PHE C 175 -5.49 22.77 -10.76
C PHE C 175 -6.61 21.92 -10.18
N CYS C 176 -7.11 20.97 -10.96
CA CYS C 176 -8.27 20.14 -10.66
C CYS C 176 -8.09 18.72 -11.19
N ASN C 177 -8.66 17.70 -10.56
CA ASN C 177 -8.44 16.30 -10.90
C ASN C 177 -9.74 15.52 -11.02
N ILE C 178 -9.96 14.84 -12.16
CA ILE C 178 -11.07 13.94 -12.44
C ILE C 178 -10.54 12.52 -12.39
N HIS C 179 -11.20 11.62 -11.66
CA HIS C 179 -10.83 10.21 -11.63
C HIS C 179 -11.91 9.37 -12.29
N VAL C 180 -11.56 8.52 -13.26
CA VAL C 180 -12.53 7.64 -13.93
C VAL C 180 -12.39 6.23 -13.38
N SER C 181 -13.47 5.59 -12.97
CA SER C 181 -13.47 4.26 -12.35
C SER C 181 -14.48 3.32 -12.98
N LEU C 182 -14.21 2.01 -12.94
CA LEU C 182 -15.21 0.98 -13.23
C LEU C 182 -16.13 0.76 -12.01
N VAL C 183 -17.43 0.60 -12.24
CA VAL C 183 -18.39 0.16 -11.22
C VAL C 183 -19.06 -1.13 -11.69
N PRO C 184 -18.49 -2.31 -11.40
CA PRO C 184 -19.00 -3.59 -11.88
C PRO C 184 -20.45 -3.86 -11.48
N GLN C 185 -21.15 -4.70 -12.25
CA GLN C 185 -22.49 -5.18 -11.92
C GLN C 185 -22.59 -6.65 -12.33
N PRO C 186 -22.05 -7.59 -11.52
CA PRO C 186 -21.91 -8.98 -11.92
C PRO C 186 -23.27 -9.70 -11.99
N SER C 187 -23.47 -10.47 -13.05
CA SER C 187 -24.73 -11.15 -13.38
C SER C 187 -25.22 -12.13 -12.30
N SER C 188 -24.31 -12.61 -11.45
CA SER C 188 -24.61 -13.50 -10.30
C SER C 188 -25.66 -12.92 -9.33
N THR C 189 -25.69 -11.59 -9.15
CA THR C 189 -26.64 -10.90 -8.25
C THR C 189 -27.26 -9.63 -8.84
N GLY C 190 -26.62 -8.98 -9.83
CA GLY C 190 -27.12 -7.75 -10.44
C GLY C 190 -26.98 -6.49 -9.58
N GLU C 191 -26.33 -6.55 -8.42
CA GLU C 191 -26.00 -5.40 -7.58
C GLU C 191 -24.79 -4.64 -8.15
N GLN C 192 -24.79 -3.31 -8.13
CA GLN C 192 -23.62 -2.50 -8.51
C GLN C 192 -22.57 -2.43 -7.39
N LYS C 193 -21.30 -2.67 -7.72
CA LYS C 193 -20.23 -2.81 -6.74
C LYS C 193 -19.30 -1.59 -6.71
N THR C 194 -19.13 -0.98 -5.55
CA THR C 194 -18.21 0.16 -5.35
C THR C 194 -16.82 -0.24 -4.85
N LYS C 195 -16.61 -1.48 -4.40
CA LYS C 195 -15.37 -1.88 -3.73
C LYS C 195 -14.09 -1.61 -4.54
N PRO C 196 -13.98 -1.90 -5.85
CA PRO C 196 -12.74 -1.61 -6.56
C PRO C 196 -12.48 -0.11 -6.76
N THR C 197 -13.52 0.73 -6.82
CA THR C 197 -13.32 2.20 -6.85
C THR C 197 -12.98 2.79 -5.49
N GLN C 198 -13.34 2.16 -4.37
CA GLN C 198 -12.85 2.56 -3.05
C GLN C 198 -11.35 2.33 -2.94
N ASN C 199 -10.85 1.17 -3.36
CA ASN C 199 -9.42 0.87 -3.38
C ASN C 199 -8.66 1.82 -4.32
N SER C 200 -9.19 2.08 -5.50
CA SER C 200 -8.57 2.98 -6.47
C SER C 200 -8.42 4.42 -5.95
N VAL C 201 -9.42 4.96 -5.25
CA VAL C 201 -9.27 6.29 -4.63
C VAL C 201 -8.37 6.25 -3.41
N ARG C 202 -8.33 5.20 -2.59
CA ARG C 202 -7.32 5.05 -1.53
C ARG C 202 -5.90 5.07 -2.08
N GLU C 203 -5.67 4.43 -3.22
CA GLU C 203 -4.36 4.42 -3.87
C GLU C 203 -3.98 5.78 -4.47
N LEU C 204 -4.87 6.43 -5.22
CA LEU C 204 -4.63 7.77 -5.74
C LEU C 204 -4.42 8.81 -4.63
N ARG C 205 -5.20 8.74 -3.56
CA ARG C 205 -5.09 9.60 -2.37
C ARG C 205 -3.81 9.34 -1.59
N GLY C 206 -3.30 8.12 -1.59
CA GLY C 206 -2.00 7.75 -1.04
C GLY C 206 -0.81 8.28 -1.86
N LEU C 207 -0.90 8.25 -3.19
CA LEU C 207 0.05 8.92 -4.07
C LEU C 207 -0.06 10.46 -4.05
N GLY C 208 -1.02 11.03 -3.33
CA GLY C 208 -1.04 12.46 -3.01
C GLY C 208 -1.91 13.34 -3.88
N LEU C 209 -2.78 12.77 -4.71
CA LEU C 209 -3.84 13.47 -5.44
C LEU C 209 -5.21 13.07 -4.87
N SER C 210 -6.10 14.02 -4.59
CA SER C 210 -7.50 13.72 -4.26
C SER C 210 -8.40 14.00 -5.48
N PRO C 211 -9.32 13.12 -5.87
CA PRO C 211 -10.33 13.44 -6.87
C PRO C 211 -11.14 14.68 -6.47
N ASP C 212 -11.26 15.65 -7.36
CA ASP C 212 -12.29 16.69 -7.26
C ASP C 212 -13.64 16.21 -7.80
N LEU C 213 -13.63 15.15 -8.60
CA LEU C 213 -14.75 14.58 -9.31
C LEU C 213 -14.48 13.09 -9.56
N VAL C 214 -15.42 12.20 -9.28
CA VAL C 214 -15.28 10.77 -9.58
C VAL C 214 -16.29 10.38 -10.65
N VAL C 215 -15.84 9.80 -11.75
CA VAL C 215 -16.69 9.44 -12.89
C VAL C 215 -16.77 7.93 -12.99
N CYS C 216 -17.97 7.37 -12.93
CA CYS C 216 -18.17 5.92 -12.89
C CYS C 216 -18.63 5.38 -14.24
N ARG C 217 -17.87 4.42 -14.78
CA ARG C 217 -18.22 3.69 -15.98
C ARG C 217 -18.88 2.38 -15.58
N CYS C 218 -20.12 2.20 -16.02
CA CYS C 218 -20.99 1.08 -15.74
C CYS C 218 -21.99 0.93 -16.90
N SER C 219 -22.62 -0.24 -17.06
CA SER C 219 -23.58 -0.47 -18.15
C SER C 219 -24.90 0.28 -17.90
N ASN C 220 -25.60 -0.05 -16.82
CA ASN C 220 -26.79 0.68 -16.34
C ASN C 220 -26.39 1.93 -15.53
N PRO C 221 -27.28 2.93 -15.36
CA PRO C 221 -27.03 4.10 -14.52
C PRO C 221 -26.74 3.76 -13.05
N LEU C 222 -26.03 4.63 -12.34
CA LEU C 222 -25.88 4.54 -10.88
C LEU C 222 -27.21 4.78 -10.18
N ASP C 223 -27.47 4.04 -9.10
CA ASP C 223 -28.56 4.32 -8.18
C ASP C 223 -28.14 5.29 -7.06
N THR C 224 -29.10 5.73 -6.24
CA THR C 224 -28.85 6.68 -5.15
C THR C 224 -27.94 6.11 -4.06
N SER C 225 -28.07 4.81 -3.76
CA SER C 225 -27.29 4.14 -2.73
C SER C 225 -25.80 4.09 -3.08
N VAL C 226 -25.47 3.81 -4.34
CA VAL C 226 -24.08 3.78 -4.81
C VAL C 226 -23.45 5.17 -4.85
N LYS C 227 -24.15 6.22 -5.32
CA LYS C 227 -23.63 7.59 -5.24
C LYS C 227 -23.35 8.02 -3.80
N GLU C 228 -24.18 7.64 -2.83
CA GLU C 228 -23.91 7.91 -1.42
C GLU C 228 -22.74 7.07 -0.88
N LYS C 229 -22.64 5.79 -1.18
CA LYS C 229 -21.50 4.97 -0.72
C LYS C 229 -20.17 5.42 -1.30
N ILE C 230 -20.11 5.84 -2.56
CA ILE C 230 -18.89 6.44 -3.14
C ILE C 230 -18.59 7.79 -2.48
N SER C 231 -19.59 8.62 -2.20
CA SER C 231 -19.36 9.92 -1.54
C SER C 231 -18.70 9.78 -0.16
N MET C 232 -19.07 8.74 0.59
CA MET C 232 -18.51 8.43 1.90
C MET C 232 -17.02 8.10 1.84
N PHE C 233 -16.62 7.14 1.02
CA PHE C 233 -15.25 6.62 0.98
C PHE C 233 -14.28 7.45 0.13
N CYS C 234 -14.77 8.24 -0.82
CA CYS C 234 -13.97 9.05 -1.74
C CYS C 234 -13.88 10.53 -1.36
N HIS C 235 -14.51 10.97 -0.27
CA HIS C 235 -14.45 12.35 0.24
C HIS C 235 -14.95 13.44 -0.73
N VAL C 236 -15.84 13.08 -1.64
CA VAL C 236 -16.55 13.97 -2.58
C VAL C 236 -18.04 13.93 -2.27
N GLU C 237 -18.81 15.00 -2.48
CA GLU C 237 -20.25 14.98 -2.23
C GLU C 237 -20.98 14.00 -3.18
N PRO C 238 -22.19 13.51 -2.87
CA PRO C 238 -22.99 12.69 -3.79
C PRO C 238 -23.21 13.33 -5.17
N GLU C 239 -23.19 14.66 -5.21
CA GLU C 239 -23.35 15.48 -6.41
C GLU C 239 -22.11 15.51 -7.32
N GLN C 240 -20.95 15.07 -6.82
CA GLN C 240 -19.67 15.00 -7.53
C GLN C 240 -19.27 13.56 -7.90
N VAL C 241 -20.17 12.60 -7.72
CA VAL C 241 -20.08 11.27 -8.31
C VAL C 241 -20.89 11.26 -9.59
N ILE C 242 -20.22 11.19 -10.73
CA ILE C 242 -20.77 11.35 -12.08
C ILE C 242 -20.96 9.96 -12.70
N CYS C 243 -22.04 9.75 -13.46
CA CYS C 243 -22.38 8.49 -14.08
C CYS C 243 -22.21 8.55 -15.60
N VAL C 244 -21.48 7.61 -16.20
CA VAL C 244 -21.34 7.44 -17.65
C VAL C 244 -21.81 6.03 -18.03
N HIS C 245 -23.12 5.86 -18.14
CA HIS C 245 -23.75 4.65 -18.64
C HIS C 245 -23.58 4.51 -20.16
N ASP C 246 -23.89 3.33 -20.70
CA ASP C 246 -23.83 3.08 -22.15
C ASP C 246 -24.89 3.88 -22.92
N VAL C 247 -24.51 4.38 -24.10
CA VAL C 247 -25.31 5.25 -24.98
C VAL C 247 -25.13 4.88 -26.46
N SER C 248 -26.06 5.27 -27.33
CA SER C 248 -26.05 4.87 -28.75
C SER C 248 -24.86 5.38 -29.56
N SER C 249 -24.30 6.55 -29.23
CA SER C 249 -23.14 7.13 -29.91
C SER C 249 -22.35 8.09 -29.02
N ILE C 250 -21.07 8.30 -29.35
CA ILE C 250 -20.15 9.17 -28.62
C ILE C 250 -20.64 10.60 -28.51
N TYR C 251 -21.47 11.08 -29.44
CA TYR C 251 -21.99 12.45 -29.41
C TYR C 251 -22.92 12.71 -28.22
N ARG C 252 -23.43 11.68 -27.55
CA ARG C 252 -24.24 11.86 -26.33
C ARG C 252 -23.41 12.06 -25.07
N VAL C 253 -22.13 11.68 -25.03
CA VAL C 253 -21.30 11.77 -23.81
C VAL C 253 -21.13 13.22 -23.31
N PRO C 254 -20.84 14.25 -24.13
CA PRO C 254 -20.88 15.65 -23.69
C PRO C 254 -22.23 16.07 -23.08
N LEU C 255 -23.34 15.51 -23.58
CA LEU C 255 -24.67 15.82 -23.10
C LEU C 255 -24.94 15.19 -21.73
N LEU C 256 -24.44 13.97 -21.46
CA LEU C 256 -24.45 13.38 -20.11
C LEU C 256 -23.71 14.28 -19.12
N LEU C 257 -22.52 14.77 -19.46
CA LEU C 257 -21.76 15.61 -18.56
C LEU C 257 -22.43 16.96 -18.32
N GLU C 258 -23.08 17.58 -19.32
CA GLU C 258 -23.83 18.82 -19.10
C GLU C 258 -25.06 18.60 -18.19
N GLU C 259 -25.89 17.59 -18.46
CA GLU C 259 -27.12 17.38 -17.68
C GLU C 259 -26.85 16.91 -16.24
N GLN C 260 -25.67 16.35 -15.97
CA GLN C 260 -25.18 16.08 -14.61
C GLN C 260 -24.40 17.25 -13.98
N GLY C 261 -24.38 18.42 -14.61
CA GLY C 261 -23.83 19.65 -14.02
C GLY C 261 -22.31 19.71 -13.93
N VAL C 262 -21.55 18.91 -14.69
CA VAL C 262 -20.08 18.95 -14.68
C VAL C 262 -19.54 20.33 -15.09
N VAL C 263 -20.15 20.98 -16.09
CA VAL C 263 -19.80 22.36 -16.45
C VAL C 263 -20.11 23.35 -15.32
N ASP C 264 -21.23 23.21 -14.63
CA ASP C 264 -21.57 24.05 -13.47
C ASP C 264 -20.68 23.79 -12.25
N TYR C 265 -19.91 22.69 -12.23
CA TYR C 265 -18.89 22.44 -11.22
C TYR C 265 -17.57 23.14 -11.57
N PHE C 266 -17.00 22.94 -12.75
CA PHE C 266 -15.72 23.54 -13.10
C PHE C 266 -15.74 25.07 -13.12
N LEU C 267 -16.83 25.69 -13.54
CA LEU C 267 -16.99 27.15 -13.48
C LEU C 267 -17.11 27.73 -12.05
N ARG C 268 -17.01 26.89 -11.00
CA ARG C 268 -16.84 27.29 -9.58
C ARG C 268 -15.58 26.71 -8.95
N ARG C 269 -15.23 25.45 -9.23
CA ARG C 269 -14.02 24.78 -8.74
C ARG C 269 -12.73 25.40 -9.25
N LEU C 270 -12.73 25.97 -10.46
CA LEU C 270 -11.59 26.64 -11.09
C LEU C 270 -11.80 28.15 -11.28
N ASP C 271 -12.89 28.73 -10.78
CA ASP C 271 -13.30 30.15 -10.93
C ASP C 271 -13.23 30.76 -12.36
N LEU C 272 -13.34 29.91 -13.39
CA LEU C 272 -13.32 30.27 -14.81
C LEU C 272 -14.40 31.31 -15.19
N PRO C 273 -14.17 32.12 -16.23
CA PRO C 273 -15.15 33.05 -16.80
C PRO C 273 -16.51 32.39 -17.11
N LYS C 280 -25.94 27.48 -27.61
CA LYS C 280 -24.55 27.01 -27.46
C LYS C 280 -24.20 25.92 -28.48
N MET C 281 -22.90 25.63 -28.63
CA MET C 281 -22.36 24.53 -29.43
C MET C 281 -23.03 23.17 -29.15
N LEU C 282 -23.35 22.88 -27.88
CA LEU C 282 -24.03 21.63 -27.51
C LEU C 282 -25.44 21.48 -28.10
N MET C 283 -26.11 22.55 -28.51
CA MET C 283 -27.41 22.44 -29.18
C MET C 283 -27.24 21.85 -30.60
N LYS C 284 -26.23 22.29 -31.35
CA LYS C 284 -25.83 21.63 -32.61
C LYS C 284 -25.41 20.19 -32.38
N TRP C 285 -24.70 19.93 -31.29
CA TRP C 285 -24.25 18.59 -30.91
C TRP C 285 -25.42 17.65 -30.58
N LYS C 286 -26.45 18.16 -29.88
CA LYS C 286 -27.69 17.45 -29.57
C LYS C 286 -28.50 17.14 -30.82
N GLU C 287 -28.67 18.10 -31.73
CA GLU C 287 -29.35 17.85 -33.00
C GLU C 287 -28.58 16.82 -33.86
N MET C 288 -27.26 16.89 -33.92
CA MET C 288 -26.41 15.90 -34.58
C MET C 288 -26.58 14.50 -33.97
N ALA C 289 -26.62 14.38 -32.64
CA ALA C 289 -26.83 13.10 -31.97
C ALA C 289 -28.23 12.52 -32.27
N ASP C 290 -29.28 13.34 -32.30
CA ASP C 290 -30.63 12.89 -32.68
C ASP C 290 -30.69 12.46 -34.15
N ARG C 291 -30.02 13.16 -35.07
CA ARG C 291 -29.95 12.75 -36.49
C ARG C 291 -29.34 11.35 -36.64
N TYR C 292 -28.22 11.08 -35.99
CA TYR C 292 -27.57 9.75 -36.03
C TYR C 292 -28.54 8.64 -35.61
N ASP C 293 -29.33 8.85 -34.54
CA ASP C 293 -30.32 7.88 -34.08
C ASP C 293 -31.51 7.72 -35.04
N ARG C 294 -32.07 8.80 -35.60
CA ARG C 294 -33.33 8.73 -36.37
C ARG C 294 -33.21 8.43 -37.86
N LEU C 295 -32.04 8.58 -38.48
CA LEU C 295 -31.84 8.29 -39.92
C LEU C 295 -31.90 6.79 -40.23
N LEU C 296 -32.65 6.41 -41.27
CA LEU C 296 -32.89 5.02 -41.67
C LEU C 296 -32.57 4.71 -43.16
N GLU C 297 -32.69 5.68 -44.07
CA GLU C 297 -32.32 5.49 -45.48
C GLU C 297 -30.79 5.29 -45.60
N THR C 298 -30.35 4.30 -46.37
CA THR C 298 -28.98 3.75 -46.24
C THR C 298 -28.15 3.81 -47.52
N CYS C 299 -26.84 3.95 -47.36
CA CYS C 299 -25.83 3.99 -48.42
C CYS C 299 -24.63 3.13 -48.02
N SER C 300 -24.02 2.39 -48.96
CA SER C 300 -22.89 1.50 -48.67
C SER C 300 -21.67 1.80 -49.53
N ILE C 301 -20.49 1.93 -48.91
CA ILE C 301 -19.22 2.28 -49.56
C ILE C 301 -18.22 1.14 -49.41
N ALA C 302 -17.59 0.72 -50.50
CA ALA C 302 -16.53 -0.28 -50.46
C ALA C 302 -15.21 0.34 -50.00
N LEU C 303 -14.64 -0.11 -48.89
CA LEU C 303 -13.30 0.26 -48.43
C LEU C 303 -12.32 -0.86 -48.79
N VAL C 304 -11.56 -0.68 -49.86
CA VAL C 304 -10.65 -1.71 -50.40
C VAL C 304 -9.25 -1.53 -49.79
N GLY C 305 -8.91 -2.29 -48.74
CA GLY C 305 -7.70 -2.03 -47.93
C GLY C 305 -7.04 -3.24 -47.26
N LYS C 306 -5.70 -3.31 -47.34
CA LYS C 306 -4.87 -4.40 -46.81
C LYS C 306 -4.92 -4.55 -45.28
N TYR C 307 -5.23 -3.48 -44.53
CA TYR C 307 -5.24 -3.52 -43.06
C TYR C 307 -6.59 -3.96 -42.46
N THR C 308 -7.58 -4.27 -43.29
CA THR C 308 -8.98 -4.52 -42.86
C THR C 308 -9.19 -5.71 -41.89
N LYS C 309 -8.15 -6.52 -41.62
CA LYS C 309 -8.12 -7.47 -40.49
C LYS C 309 -8.16 -6.81 -39.10
N PHE C 310 -8.03 -5.48 -39.01
CA PHE C 310 -8.28 -4.69 -37.81
C PHE C 310 -9.05 -3.39 -38.15
N SER C 311 -9.72 -2.79 -37.17
CA SER C 311 -10.59 -1.63 -37.33
C SER C 311 -9.84 -0.29 -37.30
N ASP C 312 -9.12 0.00 -36.22
CA ASP C 312 -8.56 1.34 -36.00
C ASP C 312 -7.32 1.63 -36.88
N SER C 313 -6.90 0.69 -37.72
CA SER C 313 -5.98 0.95 -38.84
C SER C 313 -6.55 1.91 -39.90
N TYR C 314 -7.85 2.19 -39.90
CA TYR C 314 -8.49 3.19 -40.77
C TYR C 314 -9.32 4.22 -39.98
N ALA C 315 -9.02 4.44 -38.69
CA ALA C 315 -9.88 5.20 -37.79
C ALA C 315 -10.30 6.58 -38.33
N SER C 316 -9.38 7.41 -38.86
CA SER C 316 -9.79 8.72 -39.39
C SER C 316 -10.57 8.60 -40.69
N VAL C 317 -10.29 7.61 -41.53
CA VAL C 317 -11.03 7.41 -42.78
C VAL C 317 -12.49 7.08 -42.49
N ILE C 318 -12.76 6.08 -41.64
CA ILE C 318 -14.14 5.72 -41.31
C ILE C 318 -14.86 6.84 -40.54
N LYS C 319 -14.15 7.61 -39.71
CA LYS C 319 -14.72 8.82 -39.09
C LYS C 319 -15.07 9.87 -40.13
N ALA C 320 -14.22 10.13 -41.12
CA ALA C 320 -14.48 11.10 -42.18
C ALA C 320 -15.67 10.68 -43.06
N LEU C 321 -15.81 9.38 -43.36
CA LEU C 321 -17.01 8.87 -44.03
C LEU C 321 -18.25 9.07 -43.16
N GLU C 322 -18.23 8.70 -41.88
CA GLU C 322 -19.37 8.90 -40.98
C GLU C 322 -19.76 10.39 -40.84
N HIS C 323 -18.79 11.30 -40.70
CA HIS C 323 -19.07 12.73 -40.68
C HIS C 323 -19.69 13.21 -42.00
N SER C 324 -19.34 12.61 -43.13
CA SER C 324 -19.99 12.92 -44.41
C SER C 324 -21.40 12.34 -44.49
N ALA C 325 -21.62 11.12 -44.01
CA ALA C 325 -22.90 10.44 -44.11
C ALA C 325 -24.02 11.17 -43.34
N LEU C 326 -23.72 11.74 -42.18
CA LEU C 326 -24.68 12.58 -41.45
C LEU C 326 -25.01 13.88 -42.19
N ALA C 327 -24.05 14.50 -42.89
CA ALA C 327 -24.32 15.66 -43.75
C ALA C 327 -25.14 15.27 -45.00
N ILE C 328 -25.00 14.04 -45.46
CA ILE C 328 -25.75 13.42 -46.56
C ILE C 328 -27.14 12.91 -46.10
N ASN C 329 -27.37 12.86 -44.78
CA ASN C 329 -28.56 12.29 -44.15
C ASN C 329 -28.84 10.84 -44.57
N HIS C 330 -27.81 9.99 -44.60
CA HIS C 330 -27.93 8.54 -44.85
C HIS C 330 -27.22 7.72 -43.78
N LYS C 331 -27.79 6.58 -43.40
CA LYS C 331 -27.20 5.62 -42.47
C LYS C 331 -26.18 4.74 -43.20
N LEU C 332 -24.91 5.05 -42.99
CA LEU C 332 -23.76 4.47 -43.71
C LEU C 332 -23.52 2.99 -43.38
N GLU C 333 -23.13 2.21 -44.39
CA GLU C 333 -22.48 0.91 -44.23
C GLU C 333 -21.08 0.91 -44.85
N ILE C 334 -20.06 0.53 -44.07
CA ILE C 334 -18.73 0.24 -44.59
C ILE C 334 -18.68 -1.21 -45.08
N LYS C 335 -18.53 -1.41 -46.39
CA LYS C 335 -18.23 -2.72 -46.96
C LYS C 335 -16.72 -2.90 -47.02
N TYR C 336 -16.14 -3.42 -45.94
CA TYR C 336 -14.71 -3.73 -45.87
C TYR C 336 -14.33 -4.83 -46.87
N ILE C 337 -13.27 -4.63 -47.65
CA ILE C 337 -12.73 -5.61 -48.59
C ILE C 337 -11.22 -5.68 -48.43
N ASP C 338 -10.65 -6.88 -48.26
CA ASP C 338 -9.20 -7.07 -48.33
C ASP C 338 -8.75 -7.16 -49.80
N SER C 339 -7.87 -6.26 -50.20
CA SER C 339 -7.29 -6.24 -51.55
C SER C 339 -6.61 -7.57 -51.92
N ALA C 340 -6.05 -8.28 -50.94
CA ALA C 340 -5.41 -9.57 -51.16
C ALA C 340 -6.42 -10.71 -51.43
N ASP C 341 -7.69 -10.56 -51.05
CA ASP C 341 -8.76 -11.48 -51.47
C ASP C 341 -9.25 -11.15 -52.87
N LEU C 342 -9.40 -9.86 -53.17
CA LEU C 342 -9.86 -9.36 -54.46
C LEU C 342 -8.85 -9.63 -55.60
N GLU C 343 -7.56 -9.76 -55.28
CA GLU C 343 -6.50 -10.10 -56.23
C GLU C 343 -6.74 -11.45 -56.94
N PRO C 344 -6.55 -11.56 -58.28
CA PRO C 344 -6.84 -12.76 -59.06
C PRO C 344 -6.31 -14.09 -58.50
N ILE C 345 -5.14 -14.06 -57.85
CA ILE C 345 -4.44 -15.21 -57.27
C ILE C 345 -5.30 -16.03 -56.29
N THR C 346 -6.31 -15.42 -55.65
CA THR C 346 -7.25 -16.14 -54.76
C THR C 346 -7.99 -17.28 -55.49
N SER C 347 -8.16 -17.16 -56.81
CA SER C 347 -8.76 -18.20 -57.66
C SER C 347 -7.99 -19.53 -57.64
N GLN C 348 -6.69 -19.51 -57.33
CA GLN C 348 -5.83 -20.69 -57.24
C GLN C 348 -5.80 -21.33 -55.83
N GLU C 349 -6.54 -20.79 -54.85
CA GLU C 349 -6.70 -21.40 -53.52
C GLU C 349 -8.16 -21.65 -53.13
N GLU C 350 -9.07 -20.69 -53.32
CA GLU C 350 -10.51 -20.87 -53.08
C GLU C 350 -11.34 -19.76 -53.76
N PRO C 351 -11.89 -20.01 -54.97
CA PRO C 351 -12.70 -19.04 -55.72
C PRO C 351 -13.90 -18.44 -54.97
N VAL C 352 -14.44 -19.10 -53.94
CA VAL C 352 -15.53 -18.53 -53.13
C VAL C 352 -15.14 -17.22 -52.45
N ARG C 353 -13.91 -17.14 -51.90
CA ARG C 353 -13.43 -15.93 -51.21
C ARG C 353 -13.15 -14.79 -52.19
N TYR C 354 -12.68 -15.13 -53.39
CA TYR C 354 -12.55 -14.21 -54.52
C TYR C 354 -13.92 -13.67 -54.98
N HIS C 355 -14.87 -14.58 -55.21
CA HIS C 355 -16.20 -14.24 -55.71
C HIS C 355 -16.99 -13.37 -54.71
N GLU C 356 -16.92 -13.66 -53.40
CA GLU C 356 -17.58 -12.79 -52.42
C GLU C 356 -16.89 -11.42 -52.29
N ALA C 357 -15.55 -11.33 -52.37
CA ALA C 357 -14.88 -10.04 -52.42
C ALA C 357 -15.36 -9.21 -53.63
N TRP C 358 -15.54 -9.85 -54.79
CA TRP C 358 -16.17 -9.20 -55.93
C TRP C 358 -17.63 -8.81 -55.68
N GLN C 359 -18.48 -9.67 -55.13
CA GLN C 359 -19.90 -9.31 -54.91
C GLN C 359 -20.05 -8.20 -53.85
N LYS C 360 -19.15 -8.16 -52.85
CA LYS C 360 -19.08 -7.07 -51.85
C LYS C 360 -18.72 -5.74 -52.52
N LEU C 361 -17.85 -5.75 -53.54
CA LEU C 361 -17.55 -4.56 -54.34
C LEU C 361 -18.73 -4.20 -55.27
N CYS C 362 -19.22 -5.15 -56.06
CA CYS C 362 -20.23 -4.90 -57.10
C CYS C 362 -21.57 -4.39 -56.53
N SER C 363 -21.91 -4.79 -55.29
CA SER C 363 -23.13 -4.35 -54.60
C SER C 363 -22.99 -3.00 -53.87
N ALA C 364 -21.78 -2.42 -53.78
CA ALA C 364 -21.58 -1.11 -53.15
C ALA C 364 -22.07 0.05 -54.03
N HIS C 365 -22.49 1.15 -53.41
CA HIS C 365 -22.93 2.38 -54.10
C HIS C 365 -21.75 3.29 -54.52
N GLY C 366 -20.51 2.90 -54.22
CA GLY C 366 -19.28 3.66 -54.47
C GLY C 366 -18.07 3.00 -53.81
N VAL C 367 -16.86 3.39 -54.19
CA VAL C 367 -15.62 2.72 -53.77
C VAL C 367 -14.49 3.68 -53.39
N LEU C 368 -13.76 3.34 -52.33
CA LEU C 368 -12.69 4.13 -51.74
C LEU C 368 -11.40 3.30 -51.59
N VAL C 369 -10.27 3.85 -52.02
CA VAL C 369 -8.94 3.23 -51.87
C VAL C 369 -8.06 4.07 -50.94
N PRO C 370 -7.86 3.66 -49.67
CA PRO C 370 -6.94 4.29 -48.74
C PRO C 370 -5.47 3.91 -48.95
N GLY C 371 -4.57 4.61 -48.26
CA GLY C 371 -3.12 4.45 -48.35
C GLY C 371 -2.55 3.19 -47.67
N GLY C 372 -1.22 3.12 -47.57
CA GLY C 372 -0.49 2.09 -46.85
C GLY C 372 0.58 1.38 -47.70
N PHE C 373 1.85 1.57 -47.34
CA PHE C 373 3.04 1.14 -48.09
C PHE C 373 3.15 -0.39 -48.29
N GLY C 374 3.98 -0.82 -49.24
CA GLY C 374 4.34 -2.23 -49.51
C GLY C 374 3.45 -2.95 -50.52
N VAL C 375 3.95 -4.04 -51.09
CA VAL C 375 3.38 -4.72 -52.27
C VAL C 375 2.04 -5.41 -52.01
N ARG C 376 1.82 -5.95 -50.80
CA ARG C 376 0.72 -6.89 -50.52
C ARG C 376 -0.65 -6.39 -51.02
N GLY C 377 -1.28 -7.18 -51.89
CA GLY C 377 -2.61 -6.88 -52.44
C GLY C 377 -2.69 -5.74 -53.46
N THR C 378 -1.58 -5.15 -53.90
CA THR C 378 -1.59 -3.95 -54.77
C THR C 378 -2.27 -4.19 -56.13
N GLU C 379 -2.11 -5.37 -56.74
CA GLU C 379 -2.80 -5.71 -57.99
C GLU C 379 -4.33 -5.84 -57.79
N GLY C 380 -4.77 -6.23 -56.60
CA GLY C 380 -6.20 -6.24 -56.25
C GLY C 380 -6.81 -4.84 -56.25
N LYS C 381 -6.07 -3.83 -55.78
CA LYS C 381 -6.48 -2.42 -55.90
C LYS C 381 -6.54 -1.98 -57.36
N ILE C 382 -5.60 -2.38 -58.20
CA ILE C 382 -5.67 -2.10 -59.65
C ILE C 382 -6.94 -2.72 -60.26
N GLN C 383 -7.33 -3.93 -59.88
CA GLN C 383 -8.59 -4.51 -60.33
C GLN C 383 -9.82 -3.76 -59.80
N ALA C 384 -9.81 -3.30 -58.55
CA ALA C 384 -10.90 -2.47 -58.01
C ALA C 384 -11.06 -1.15 -58.77
N ILE C 385 -9.95 -0.48 -59.08
CA ILE C 385 -9.94 0.77 -59.85
C ILE C 385 -10.41 0.51 -61.28
N ALA C 386 -9.94 -0.58 -61.92
CA ALA C 386 -10.36 -0.96 -63.25
C ALA C 386 -11.88 -1.20 -63.33
N TRP C 387 -12.45 -1.90 -62.35
CA TRP C 387 -13.90 -2.03 -62.21
C TRP C 387 -14.59 -0.67 -62.03
N ALA C 388 -14.08 0.17 -61.13
CA ALA C 388 -14.68 1.48 -60.87
C ALA C 388 -14.68 2.40 -62.11
N ARG C 389 -13.63 2.35 -62.93
CA ARG C 389 -13.55 3.10 -64.19
C ARG C 389 -14.43 2.46 -65.28
N ASN C 390 -14.48 1.14 -65.38
CA ASN C 390 -15.24 0.44 -66.43
C ASN C 390 -16.76 0.48 -66.19
N GLN C 391 -17.22 0.17 -64.97
CA GLN C 391 -18.65 0.16 -64.61
C GLN C 391 -19.18 1.55 -64.21
N LYS C 392 -18.29 2.55 -64.10
CA LYS C 392 -18.60 3.96 -63.79
C LYS C 392 -19.34 4.21 -62.46
N LYS C 393 -19.19 3.30 -61.49
CA LYS C 393 -19.49 3.58 -60.07
C LYS C 393 -18.49 4.61 -59.51
N PRO C 394 -18.89 5.52 -58.62
CA PRO C 394 -18.05 6.62 -58.17
C PRO C 394 -16.86 6.15 -57.30
N PHE C 395 -15.73 6.82 -57.47
CA PHE C 395 -14.43 6.43 -56.92
C PHE C 395 -13.66 7.58 -56.27
N LEU C 396 -13.00 7.30 -55.14
CA LEU C 396 -11.96 8.16 -54.56
C LEU C 396 -10.72 7.32 -54.19
N GLY C 397 -9.53 7.85 -54.47
CA GLY C 397 -8.26 7.34 -53.99
C GLY C 397 -7.47 8.39 -53.20
N VAL C 398 -6.96 8.04 -52.02
CA VAL C 398 -6.12 8.92 -51.19
C VAL C 398 -4.73 8.33 -51.01
N CYS C 399 -3.68 9.16 -50.99
CA CYS C 399 -2.28 8.70 -50.99
C CYS C 399 -2.03 7.71 -52.14
N LEU C 400 -1.79 6.42 -51.86
CA LEU C 400 -1.62 5.39 -52.89
C LEU C 400 -2.79 5.32 -53.86
N GLY C 401 -4.02 5.65 -53.46
CA GLY C 401 -5.17 5.58 -54.36
C GLY C 401 -5.03 6.49 -55.59
N MET C 402 -4.29 7.59 -55.51
CA MET C 402 -3.95 8.42 -56.69
C MET C 402 -2.89 7.74 -57.56
N GLN C 403 -1.81 7.26 -56.94
CA GLN C 403 -0.70 6.61 -57.63
C GLN C 403 -1.18 5.35 -58.37
N LEU C 404 -2.01 4.54 -57.73
CA LEU C 404 -2.62 3.35 -58.32
C LEU C 404 -3.64 3.70 -59.41
N ALA C 405 -4.32 4.85 -59.35
CA ALA C 405 -5.21 5.28 -60.43
C ALA C 405 -4.44 5.60 -61.71
N VAL C 406 -3.32 6.31 -61.63
CA VAL C 406 -2.48 6.53 -62.83
C VAL C 406 -1.79 5.24 -63.29
N VAL C 407 -1.44 4.31 -62.39
CA VAL C 407 -0.99 2.97 -62.79
C VAL C 407 -2.09 2.24 -63.56
N GLU C 408 -3.33 2.18 -63.07
CA GLU C 408 -4.42 1.53 -63.81
C GLU C 408 -4.69 2.20 -65.16
N PHE C 409 -4.75 3.53 -65.20
CA PHE C 409 -4.99 4.27 -66.44
C PHE C 409 -3.86 4.03 -67.46
N SER C 410 -2.59 4.04 -67.02
CA SER C 410 -1.47 3.75 -67.91
C SER C 410 -1.43 2.26 -68.32
N ARG C 411 -1.76 1.33 -67.42
CA ARG C 411 -1.84 -0.11 -67.71
C ARG C 411 -2.90 -0.41 -68.77
N ASN C 412 -4.11 0.11 -68.62
CA ASN C 412 -5.26 -0.29 -69.43
C ASN C 412 -5.67 0.70 -70.53
N VAL C 413 -5.51 2.02 -70.33
CA VAL C 413 -5.90 3.03 -71.33
C VAL C 413 -4.75 3.38 -72.27
N LEU C 414 -3.54 3.61 -71.74
CA LEU C 414 -2.33 3.76 -72.56
C LEU C 414 -1.83 2.38 -73.07
N GLY C 415 -2.29 1.28 -72.46
CA GLY C 415 -2.01 -0.08 -72.93
C GLY C 415 -0.59 -0.56 -72.64
N TRP C 416 0.02 -0.09 -71.55
CA TRP C 416 1.36 -0.50 -71.12
C TRP C 416 1.28 -1.71 -70.17
N GLN C 417 1.39 -2.93 -70.70
CA GLN C 417 1.11 -4.17 -69.95
C GLN C 417 1.97 -4.37 -68.68
N ASP C 418 3.16 -3.77 -68.62
CA ASP C 418 4.04 -3.80 -67.44
C ASP C 418 4.05 -2.49 -66.62
N ALA C 419 3.13 -1.55 -66.85
CA ALA C 419 3.09 -0.31 -66.06
C ALA C 419 2.89 -0.56 -64.55
N ASN C 420 3.78 0.01 -63.74
CA ASN C 420 3.85 -0.17 -62.30
C ASN C 420 4.56 1.02 -61.63
N SER C 421 4.44 1.16 -60.31
CA SER C 421 5.29 2.08 -59.54
C SER C 421 6.64 1.43 -59.23
N THR C 422 7.67 2.25 -59.09
CA THR C 422 8.99 1.77 -58.64
C THR C 422 9.04 1.43 -57.15
N GLU C 423 7.95 1.64 -56.39
CA GLU C 423 7.82 1.05 -55.04
C GLU C 423 7.64 -0.47 -55.13
N PHE C 424 6.80 -0.93 -56.06
CA PHE C 424 6.43 -2.35 -56.17
C PHE C 424 7.34 -3.13 -57.12
N ASP C 425 7.83 -2.53 -58.20
CA ASP C 425 8.82 -3.14 -59.11
C ASP C 425 9.66 -2.07 -59.84
N PRO C 426 10.97 -1.93 -59.56
CA PRO C 426 11.82 -0.95 -60.22
C PRO C 426 12.26 -1.37 -61.64
N THR C 427 11.99 -2.60 -62.07
CA THR C 427 12.59 -3.20 -63.29
C THR C 427 11.76 -3.00 -64.57
N THR C 428 10.54 -2.46 -64.48
CA THR C 428 9.60 -2.39 -65.62
C THR C 428 10.05 -1.40 -66.69
N SER C 429 9.53 -1.56 -67.92
CA SER C 429 9.41 -0.42 -68.83
C SER C 429 8.31 0.53 -68.33
N HIS C 430 8.21 1.72 -68.94
CA HIS C 430 7.22 2.75 -68.62
C HIS C 430 7.00 3.02 -67.10
N PRO C 431 8.05 3.18 -66.26
CA PRO C 431 7.88 3.31 -64.82
C PRO C 431 7.20 4.65 -64.50
N VAL C 432 5.93 4.60 -64.11
CA VAL C 432 5.04 5.79 -64.09
C VAL C 432 5.09 6.58 -62.77
N VAL C 433 5.59 5.99 -61.69
CA VAL C 433 5.73 6.62 -60.36
C VAL C 433 7.10 6.32 -59.73
N VAL C 434 7.75 7.34 -59.18
CA VAL C 434 9.14 7.31 -58.67
C VAL C 434 9.28 7.97 -57.29
N ASP C 435 10.18 7.42 -56.49
CA ASP C 435 10.64 7.96 -55.19
C ASP C 435 11.30 9.33 -55.39
N MET C 436 10.66 10.40 -54.91
CA MET C 436 11.04 11.80 -55.13
C MET C 436 11.09 12.58 -53.79
N PRO C 437 12.13 12.39 -52.96
CA PRO C 437 12.25 13.06 -51.67
C PRO C 437 12.14 14.60 -51.74
N GLU C 438 11.52 15.21 -50.73
CA GLU C 438 11.40 16.66 -50.62
C GLU C 438 12.72 17.35 -50.21
N HIS C 439 13.55 16.65 -49.44
CA HIS C 439 14.83 17.15 -48.91
C HIS C 439 15.81 17.54 -50.03
N MET C 448 11.00 12.40 -46.75
CA MET C 448 9.56 12.19 -46.92
C MET C 448 8.78 13.51 -46.86
N ARG C 449 7.74 13.68 -47.68
CA ARG C 449 6.85 14.84 -47.68
C ARG C 449 5.78 14.66 -46.60
N LEU C 450 5.93 15.38 -45.49
CA LEU C 450 5.17 15.19 -44.26
C LEU C 450 4.55 16.50 -43.75
N GLY C 451 3.34 16.41 -43.20
CA GLY C 451 2.68 17.54 -42.55
C GLY C 451 1.98 18.48 -43.52
N LYS C 452 1.66 19.69 -43.04
CA LYS C 452 0.92 20.70 -43.82
C LYS C 452 1.74 21.18 -45.03
N ARG C 453 1.14 21.22 -46.21
CA ARG C 453 1.67 21.90 -47.41
C ARG C 453 0.57 22.50 -48.27
N ARG C 454 0.93 23.51 -49.05
CA ARG C 454 0.11 24.23 -50.02
C ARG C 454 -0.08 23.40 -51.31
N THR C 455 -1.26 23.45 -51.92
CA THR C 455 -1.56 22.87 -53.25
C THR C 455 -2.33 23.89 -54.10
N LEU C 456 -1.96 24.07 -55.36
CA LEU C 456 -2.57 25.03 -56.29
C LEU C 456 -3.39 24.31 -57.36
N PHE C 457 -4.61 24.82 -57.65
CA PHE C 457 -5.42 24.36 -58.78
C PHE C 457 -4.86 24.86 -60.12
N GLN C 458 -4.69 23.96 -61.08
CA GLN C 458 -4.22 24.27 -62.44
C GLN C 458 -5.34 24.27 -63.50
N THR C 459 -6.61 24.19 -63.09
CA THR C 459 -7.77 24.28 -63.98
C THR C 459 -8.98 24.88 -63.25
N LYS C 460 -9.92 25.46 -64.00
CA LYS C 460 -11.24 25.90 -63.51
C LYS C 460 -12.35 24.84 -63.67
N ASN C 461 -12.13 23.79 -64.48
CA ASN C 461 -13.17 22.84 -64.90
C ASN C 461 -13.46 21.71 -63.88
N SER C 462 -12.56 21.47 -62.92
CA SER C 462 -12.62 20.35 -61.97
C SER C 462 -13.85 20.35 -61.06
N VAL C 463 -14.42 19.17 -60.79
CA VAL C 463 -15.46 19.00 -59.76
C VAL C 463 -14.87 19.11 -58.35
N MET C 464 -13.63 18.65 -58.15
CA MET C 464 -12.94 18.79 -56.86
C MET C 464 -12.74 20.25 -56.46
N ARG C 465 -12.49 21.14 -57.43
CA ARG C 465 -12.43 22.59 -57.22
C ARG C 465 -13.74 23.16 -56.66
N LYS C 466 -14.88 22.75 -57.22
CA LYS C 466 -16.21 23.16 -56.73
C LYS C 466 -16.47 22.63 -55.32
N LEU C 467 -16.11 21.37 -55.06
CA LEU C 467 -16.26 20.75 -53.73
C LEU C 467 -15.45 21.49 -52.64
N TYR C 468 -14.22 21.92 -52.92
CA TYR C 468 -13.43 22.76 -52.00
C TYR C 468 -13.89 24.23 -51.90
N GLY C 469 -14.99 24.62 -52.53
CA GLY C 469 -15.55 25.97 -52.44
C GLY C 469 -14.94 26.97 -53.42
N ASP C 470 -14.24 26.49 -54.46
CA ASP C 470 -13.77 27.29 -55.60
C ASP C 470 -12.74 28.40 -55.28
N ALA C 471 -12.02 28.27 -54.18
CA ALA C 471 -10.78 29.01 -53.95
C ALA C 471 -9.62 28.40 -54.77
N ASP C 472 -8.62 29.20 -55.14
CA ASP C 472 -7.55 28.79 -56.08
C ASP C 472 -6.46 27.88 -55.47
N TYR C 473 -6.45 27.69 -54.15
CA TYR C 473 -5.47 26.86 -53.44
C TYR C 473 -6.06 26.14 -52.23
N LEU C 474 -5.38 25.08 -51.83
CA LEU C 474 -5.63 24.25 -50.65
C LEU C 474 -4.43 24.32 -49.71
N GLU C 475 -4.67 24.13 -48.42
CA GLU C 475 -3.65 23.65 -47.49
C GLU C 475 -4.12 22.33 -46.86
N GLU C 476 -3.30 21.29 -46.95
CA GLU C 476 -3.64 19.90 -46.62
C GLU C 476 -2.46 19.16 -45.98
N ARG C 477 -2.70 18.00 -45.35
CA ARG C 477 -1.67 17.23 -44.63
C ARG C 477 -1.20 16.02 -45.44
N HIS C 478 0.10 15.92 -45.71
CA HIS C 478 0.75 14.85 -46.50
C HIS C 478 1.53 13.83 -45.66
N ARG C 479 1.75 12.65 -46.23
CA ARG C 479 2.63 11.58 -45.69
C ARG C 479 3.00 10.60 -46.81
N HIS C 480 3.98 10.94 -47.66
CA HIS C 480 4.39 10.10 -48.79
C HIS C 480 5.79 10.44 -49.32
N ARG C 481 6.36 9.57 -50.16
CA ARG C 481 7.62 9.80 -50.90
C ARG C 481 7.62 9.47 -52.41
N PHE C 482 6.53 8.93 -52.96
CA PHE C 482 6.43 8.57 -54.37
C PHE C 482 5.50 9.53 -55.14
N GLU C 483 5.89 9.95 -56.33
CA GLU C 483 5.11 10.84 -57.21
C GLU C 483 5.15 10.41 -58.69
N VAL C 484 4.17 10.88 -59.47
CA VAL C 484 4.06 10.63 -60.91
C VAL C 484 5.26 11.21 -61.67
N ASN C 485 5.84 10.44 -62.59
CA ASN C 485 6.99 10.84 -63.40
C ASN C 485 6.65 12.00 -64.35
N PRO C 486 7.37 13.14 -64.30
CA PRO C 486 7.17 14.27 -65.21
C PRO C 486 7.28 13.95 -66.71
N VAL C 487 7.99 12.89 -67.10
CA VAL C 487 8.14 12.48 -68.52
C VAL C 487 6.90 11.76 -69.06
N TRP C 488 6.24 10.90 -68.28
CA TRP C 488 5.01 10.20 -68.68
C TRP C 488 3.76 11.08 -68.48
N LYS C 489 3.76 11.99 -67.51
CA LYS C 489 2.72 13.02 -67.27
C LYS C 489 2.29 13.72 -68.58
N LYS C 490 3.25 14.02 -69.46
CA LYS C 490 3.04 14.65 -70.77
C LYS C 490 1.99 13.93 -71.63
N CYS C 491 2.11 12.61 -71.77
CA CYS C 491 1.23 11.82 -72.64
C CYS C 491 -0.09 11.39 -71.97
N LEU C 492 -0.14 11.31 -70.64
CA LEU C 492 -1.35 10.93 -69.90
C LEU C 492 -2.48 11.97 -70.07
N GLU C 493 -2.14 13.26 -70.01
CA GLU C 493 -3.09 14.36 -70.19
C GLU C 493 -3.56 14.59 -71.65
N GLU C 494 -3.04 13.82 -72.61
CA GLU C 494 -3.60 13.78 -73.97
C GLU C 494 -4.95 13.03 -74.02
N GLN C 495 -5.27 12.28 -72.96
CA GLN C 495 -6.51 11.52 -72.80
C GLN C 495 -7.38 12.12 -71.65
N GLY C 496 -8.39 11.38 -71.18
CA GLY C 496 -9.37 11.90 -70.21
C GLY C 496 -8.86 12.19 -68.79
N LEU C 497 -7.67 11.72 -68.40
CA LEU C 497 -7.10 11.93 -67.07
C LEU C 497 -6.45 13.33 -66.95
N LYS C 498 -6.91 14.14 -65.98
CA LYS C 498 -6.51 15.54 -65.77
C LYS C 498 -5.83 15.71 -64.42
N PHE C 499 -4.59 16.20 -64.39
CA PHE C 499 -3.88 16.57 -63.17
C PHE C 499 -4.32 17.95 -62.69
N VAL C 500 -5.44 17.96 -61.97
CA VAL C 500 -6.15 19.14 -61.49
C VAL C 500 -5.32 20.05 -60.58
N GLY C 501 -4.46 19.47 -59.73
CA GLY C 501 -3.80 20.21 -58.66
C GLY C 501 -2.36 19.78 -58.42
N GLN C 502 -1.49 20.74 -58.06
CA GLN C 502 -0.04 20.57 -58.02
C GLN C 502 0.63 21.35 -56.86
N ASP C 503 1.88 20.99 -56.59
CA ASP C 503 2.81 21.73 -55.72
C ASP C 503 3.07 23.18 -56.23
N VAL C 504 3.63 24.05 -55.39
CA VAL C 504 3.60 25.52 -55.54
C VAL C 504 4.25 26.11 -56.80
N GLU C 505 5.14 25.39 -57.49
CA GLU C 505 5.62 25.76 -58.83
C GLU C 505 5.62 24.57 -59.81
N GLY C 506 4.70 23.62 -59.60
CA GLY C 506 4.41 22.52 -60.52
C GLY C 506 5.33 21.31 -60.41
N GLU C 507 6.12 21.17 -59.35
CA GLU C 507 7.12 20.11 -59.21
C GLU C 507 6.50 18.70 -59.08
N ARG C 508 5.35 18.61 -58.39
CA ARG C 508 4.70 17.37 -57.94
C ARG C 508 3.18 17.42 -58.14
N MET C 509 2.58 16.29 -58.52
CA MET C 509 1.13 16.16 -58.76
C MET C 509 0.38 15.86 -57.46
N GLU C 510 -0.66 16.63 -57.15
CA GLU C 510 -1.36 16.60 -55.85
C GLU C 510 -2.82 16.17 -55.94
N ILE C 511 -3.50 16.47 -57.06
CA ILE C 511 -4.89 16.07 -57.35
C ILE C 511 -5.00 15.59 -58.79
N VAL C 512 -5.73 14.50 -59.04
CA VAL C 512 -6.09 14.01 -60.37
C VAL C 512 -7.58 13.71 -60.47
N GLU C 513 -8.16 13.91 -61.64
CA GLU C 513 -9.58 13.72 -61.93
C GLU C 513 -9.75 13.12 -63.33
N LEU C 514 -10.77 12.29 -63.56
CA LEU C 514 -11.08 11.74 -64.89
C LEU C 514 -12.35 12.40 -65.44
N GLU C 515 -12.25 13.09 -66.57
CA GLU C 515 -13.36 13.91 -67.10
C GLU C 515 -14.50 13.08 -67.75
N ASP C 516 -14.23 11.85 -68.15
CA ASP C 516 -15.20 10.95 -68.82
C ASP C 516 -16.22 10.28 -67.87
N HIS C 517 -16.10 10.48 -66.56
CA HIS C 517 -16.70 9.64 -65.52
C HIS C 517 -17.56 10.46 -64.52
N PRO C 518 -18.68 9.92 -64.00
CA PRO C 518 -19.52 10.60 -63.01
C PRO C 518 -18.79 11.20 -61.80
N PHE C 519 -17.85 10.46 -61.20
CA PHE C 519 -16.93 10.94 -60.17
C PHE C 519 -15.78 9.94 -59.98
N PHE C 520 -14.57 10.33 -60.37
CA PHE C 520 -13.36 9.51 -60.24
C PHE C 520 -12.17 10.43 -60.04
N VAL C 521 -11.56 10.36 -58.85
CA VAL C 521 -10.51 11.28 -58.41
C VAL C 521 -9.46 10.61 -57.54
N GLY C 522 -8.25 11.15 -57.58
CA GLY C 522 -7.17 10.83 -56.67
C GLY C 522 -6.60 12.09 -56.02
N VAL C 523 -6.23 12.00 -54.76
CA VAL C 523 -5.52 13.06 -54.02
C VAL C 523 -4.31 12.48 -53.30
N GLN C 524 -3.20 13.20 -53.30
CA GLN C 524 -1.94 12.72 -52.72
C GLN C 524 -1.94 12.81 -51.18
N TYR C 525 -2.63 13.80 -50.62
CA TYR C 525 -2.74 14.08 -49.18
C TYR C 525 -3.77 13.18 -48.47
N HIS C 526 -3.87 13.29 -47.14
CA HIS C 526 -4.86 12.63 -46.30
C HIS C 526 -6.02 13.59 -45.93
N PRO C 527 -7.13 13.65 -46.69
CA PRO C 527 -8.25 14.55 -46.37
C PRO C 527 -8.95 14.20 -45.06
N GLU C 528 -8.78 13.01 -44.52
CA GLU C 528 -9.50 12.55 -43.33
C GLU C 528 -9.11 13.30 -42.05
N PHE C 529 -7.86 13.72 -41.90
CA PHE C 529 -7.40 14.38 -40.68
C PHE C 529 -8.02 15.76 -40.45
N LEU C 530 -8.50 16.42 -41.51
CA LEU C 530 -9.19 17.71 -41.44
C LEU C 530 -10.73 17.59 -41.41
N SER C 531 -11.28 16.37 -41.38
CA SER C 531 -12.72 16.17 -41.18
C SER C 531 -13.13 16.49 -39.73
N ARG C 532 -14.36 16.99 -39.53
CA ARG C 532 -14.91 17.36 -38.22
C ARG C 532 -16.37 16.91 -38.12
N PRO C 533 -16.93 16.65 -36.92
CA PRO C 533 -18.32 16.22 -36.78
C PRO C 533 -19.34 17.19 -37.40
N ILE C 534 -19.10 18.49 -37.28
CA ILE C 534 -19.96 19.55 -37.82
C ILE C 534 -19.76 19.75 -39.34
N LYS C 535 -18.61 19.38 -39.92
CA LYS C 535 -18.26 19.61 -41.33
C LYS C 535 -17.29 18.54 -41.88
N PRO C 536 -17.71 17.71 -42.84
CA PRO C 536 -16.82 16.74 -43.49
C PRO C 536 -15.81 17.45 -44.39
N SER C 537 -14.67 16.81 -44.68
CA SER C 537 -13.72 17.32 -45.67
C SER C 537 -14.18 16.98 -47.10
N PRO C 538 -13.94 17.86 -48.09
CA PRO C 538 -14.65 17.78 -49.37
C PRO C 538 -14.54 16.47 -50.16
N PRO C 539 -13.38 15.78 -50.25
CA PRO C 539 -13.28 14.55 -51.04
C PRO C 539 -14.26 13.46 -50.62
N TYR C 540 -14.43 13.21 -49.31
CA TYR C 540 -15.37 12.21 -48.81
C TYR C 540 -16.82 12.63 -49.01
N PHE C 541 -17.15 13.91 -48.81
CA PHE C 541 -18.48 14.43 -49.09
C PHE C 541 -18.81 14.34 -50.58
N GLY C 542 -17.84 14.57 -51.47
CA GLY C 542 -17.97 14.35 -52.91
C GLY C 542 -18.24 12.89 -53.28
N LEU C 543 -17.52 11.94 -52.67
CA LEU C 543 -17.76 10.51 -52.88
C LEU C 543 -19.20 10.13 -52.51
N LEU C 544 -19.70 10.56 -51.34
CA LEU C 544 -21.06 10.25 -50.93
C LEU C 544 -22.10 11.00 -51.79
N LEU C 545 -21.92 12.28 -52.11
CA LEU C 545 -22.84 13.00 -53.00
C LEU C 545 -22.94 12.32 -54.37
N ALA C 546 -21.83 11.84 -54.93
CA ALA C 546 -21.84 11.08 -56.17
C ALA C 546 -22.50 9.70 -55.96
N SER C 547 -22.24 9.05 -54.83
CA SER C 547 -22.78 7.72 -54.53
C SER C 547 -24.31 7.70 -54.41
N VAL C 548 -24.92 8.69 -53.76
CA VAL C 548 -26.39 8.88 -53.74
C VAL C 548 -26.92 9.61 -54.98
N GLY C 549 -26.06 9.96 -55.94
CA GLY C 549 -26.41 10.61 -57.20
C GLY C 549 -26.80 12.09 -57.12
N ARG C 550 -26.74 12.70 -55.94
CA ARG C 550 -27.21 14.07 -55.66
C ARG C 550 -26.16 15.15 -56.00
N LEU C 551 -24.92 14.79 -56.34
CA LEU C 551 -23.84 15.75 -56.63
C LEU C 551 -24.22 16.79 -57.71
N SER C 552 -24.88 16.36 -58.78
CA SER C 552 -25.29 17.25 -59.88
C SER C 552 -26.36 18.27 -59.43
N HIS C 553 -27.24 17.89 -58.51
CA HIS C 553 -28.22 18.81 -57.89
C HIS C 553 -27.55 19.74 -56.87
N TYR C 554 -26.60 19.24 -56.08
CA TYR C 554 -25.84 20.05 -55.11
C TYR C 554 -25.05 21.16 -55.81
N LEU C 555 -24.39 20.85 -56.93
CA LEU C 555 -23.79 21.82 -57.84
C LEU C 555 -24.84 22.35 -58.82
N MET D 1 -4.08 -32.54 10.47
CA MET D 1 -5.06 -32.11 9.44
C MET D 1 -4.41 -31.25 8.38
N LYS D 2 -5.04 -31.18 7.20
CA LYS D 2 -4.75 -30.20 6.14
C LYS D 2 -5.78 -29.06 6.17
N TYR D 3 -5.41 -27.85 5.81
CA TYR D 3 -6.29 -26.68 5.78
C TYR D 3 -6.25 -26.00 4.42
N ILE D 4 -7.39 -25.59 3.88
CA ILE D 4 -7.51 -24.79 2.66
C ILE D 4 -8.21 -23.49 3.01
N LEU D 5 -7.61 -22.33 2.74
CA LEU D 5 -8.25 -21.04 2.92
C LEU D 5 -8.80 -20.54 1.59
N VAL D 6 -10.03 -20.04 1.57
CA VAL D 6 -10.63 -19.37 0.40
C VAL D 6 -10.75 -17.90 0.74
N THR D 7 -10.12 -17.03 -0.06
CA THR D 7 -10.08 -15.57 0.13
C THR D 7 -10.70 -14.86 -1.06
N GLY D 8 -11.29 -13.68 -0.84
CA GLY D 8 -12.01 -12.93 -1.86
C GLY D 8 -11.26 -11.73 -2.37
N GLY D 9 -11.31 -11.51 -3.67
CA GLY D 9 -10.54 -10.51 -4.37
C GLY D 9 -11.23 -9.17 -4.53
N VAL D 10 -11.60 -8.82 -5.76
CA VAL D 10 -11.86 -7.44 -6.18
C VAL D 10 -13.12 -6.85 -5.54
N ILE D 11 -14.18 -7.65 -5.42
CA ILE D 11 -15.49 -7.33 -4.83
C ILE D 11 -16.02 -8.55 -4.07
N SER D 12 -17.00 -8.37 -3.18
CA SER D 12 -17.87 -9.47 -2.75
C SER D 12 -18.97 -9.73 -3.79
N GLY D 13 -19.56 -10.93 -3.81
CA GLY D 13 -20.49 -11.33 -4.88
C GLY D 13 -19.82 -12.02 -6.07
N ILE D 14 -18.54 -12.38 -5.97
CA ILE D 14 -17.83 -13.25 -6.92
C ILE D 14 -18.12 -14.74 -6.72
N GLY D 15 -18.80 -15.15 -5.65
CA GLY D 15 -19.14 -16.55 -5.44
C GLY D 15 -18.11 -17.37 -4.68
N LYS D 16 -17.60 -16.89 -3.54
CA LYS D 16 -16.76 -17.74 -2.66
C LYS D 16 -17.55 -18.89 -2.08
N GLY D 17 -18.84 -18.73 -1.81
CA GLY D 17 -19.65 -19.78 -1.16
C GLY D 17 -19.83 -21.01 -2.03
N ILE D 18 -20.09 -20.81 -3.33
CA ILE D 18 -20.20 -21.93 -4.28
C ILE D 18 -18.84 -22.52 -4.63
N ILE D 19 -17.74 -21.75 -4.61
CA ILE D 19 -16.39 -22.27 -4.80
C ILE D 19 -15.92 -23.08 -3.57
N ALA D 20 -16.10 -22.59 -2.35
CA ALA D 20 -15.75 -23.33 -1.14
C ALA D 20 -16.60 -24.61 -0.99
N SER D 21 -17.90 -24.56 -1.30
CA SER D 21 -18.75 -25.74 -1.31
C SER D 21 -18.34 -26.73 -2.41
N SER D 22 -17.93 -26.26 -3.59
CA SER D 22 -17.44 -27.12 -4.66
C SER D 22 -16.10 -27.76 -4.34
N VAL D 23 -15.17 -27.03 -3.73
CA VAL D 23 -13.92 -27.58 -3.20
C VAL D 23 -14.19 -28.67 -2.16
N GLY D 24 -15.15 -28.44 -1.27
CA GLY D 24 -15.60 -29.48 -0.35
C GLY D 24 -16.18 -30.70 -1.06
N THR D 25 -16.93 -30.50 -2.14
CA THR D 25 -17.58 -31.60 -2.87
C THR D 25 -16.59 -32.46 -3.66
N ILE D 26 -15.63 -31.87 -4.37
CA ILE D 26 -14.62 -32.63 -5.11
C ILE D 26 -13.67 -33.37 -4.16
N LEU D 27 -13.37 -32.82 -2.98
CA LEU D 27 -12.60 -33.53 -1.95
C LEU D 27 -13.41 -34.66 -1.28
N LYS D 28 -14.69 -34.43 -0.92
CA LYS D 28 -15.60 -35.49 -0.46
C LYS D 28 -15.67 -36.64 -1.45
N SER D 29 -15.68 -36.32 -2.75
CA SER D 29 -15.73 -37.31 -3.83
C SER D 29 -14.49 -38.20 -3.94
N CYS D 30 -13.37 -37.82 -3.29
CA CYS D 30 -12.17 -38.64 -3.20
C CYS D 30 -12.19 -39.65 -2.04
N GLY D 31 -13.25 -39.67 -1.23
CA GLY D 31 -13.33 -40.48 -0.01
C GLY D 31 -12.68 -39.83 1.22
N LEU D 32 -12.28 -38.55 1.14
CA LEU D 32 -11.78 -37.80 2.29
C LEU D 32 -12.93 -37.40 3.23
N HIS D 33 -12.69 -37.41 4.54
CA HIS D 33 -13.58 -36.79 5.52
C HIS D 33 -13.32 -35.29 5.58
N VAL D 34 -14.10 -34.51 4.84
CA VAL D 34 -13.97 -33.05 4.76
C VAL D 34 -14.77 -32.39 5.87
N THR D 35 -14.32 -31.24 6.34
CA THR D 35 -15.07 -30.34 7.24
C THR D 35 -14.91 -28.90 6.75
N SER D 36 -15.73 -27.98 7.25
CA SER D 36 -15.72 -26.59 6.78
C SER D 36 -15.88 -25.60 7.92
N ILE D 37 -15.37 -24.40 7.73
CA ILE D 37 -15.57 -23.26 8.63
C ILE D 37 -15.98 -22.07 7.78
N LYS D 38 -17.00 -21.33 8.19
CA LYS D 38 -17.32 -20.03 7.59
C LYS D 38 -16.89 -18.97 8.56
N ILE D 39 -15.95 -18.15 8.16
CA ILE D 39 -15.54 -16.96 8.90
C ILE D 39 -16.28 -15.79 8.25
N ASP D 40 -16.89 -14.94 9.03
CA ASP D 40 -17.75 -13.87 8.56
C ASP D 40 -17.67 -12.68 9.51
N PRO D 41 -16.80 -11.70 9.24
CA PRO D 41 -16.42 -10.69 10.22
C PRO D 41 -17.47 -9.58 10.47
N TYR D 42 -18.73 -9.93 10.69
CA TYR D 42 -19.73 -9.07 11.35
C TYR D 42 -19.75 -9.29 12.87
N ILE D 43 -20.31 -8.35 13.63
CA ILE D 43 -20.21 -8.31 15.09
C ILE D 43 -21.25 -9.21 15.78
N ASN D 44 -22.33 -9.62 15.11
CA ASN D 44 -23.35 -10.54 15.68
C ASN D 44 -22.73 -11.86 16.18
N ILE D 45 -23.12 -12.29 17.38
CA ILE D 45 -22.65 -13.55 17.98
C ILE D 45 -23.21 -14.77 17.24
N ASP D 46 -24.50 -14.74 16.93
CA ASP D 46 -25.23 -15.80 16.24
C ASP D 46 -26.44 -15.22 15.47
N ALA D 47 -27.07 -16.04 14.63
CA ALA D 47 -28.10 -15.56 13.71
C ALA D 47 -29.46 -15.26 14.38
N GLY D 48 -29.67 -15.64 15.64
CA GLY D 48 -30.96 -15.49 16.32
C GLY D 48 -31.45 -14.04 16.47
N THR D 49 -30.54 -13.06 16.38
CA THR D 49 -30.86 -11.61 16.37
C THR D 49 -31.38 -11.12 15.01
N PHE D 50 -31.08 -11.80 13.90
CA PHE D 50 -31.40 -11.30 12.56
C PHE D 50 -32.90 -11.20 12.30
N SER D 51 -33.32 -10.09 11.67
CA SER D 51 -34.64 -9.96 11.08
C SER D 51 -34.72 -10.77 9.77
N PRO D 52 -35.68 -11.71 9.62
CA PRO D 52 -35.79 -12.55 8.43
C PRO D 52 -36.25 -11.77 7.18
N TYR D 53 -36.86 -10.60 7.36
CA TYR D 53 -37.17 -9.66 6.28
C TYR D 53 -35.92 -9.02 5.67
N GLU D 54 -34.83 -8.86 6.43
CA GLU D 54 -33.66 -8.07 6.04
C GLU D 54 -32.45 -8.93 5.62
N HIS D 55 -32.10 -9.94 6.43
CA HIS D 55 -30.90 -10.76 6.18
C HIS D 55 -31.17 -12.06 5.40
N GLY D 56 -32.44 -12.43 5.21
CA GLY D 56 -32.81 -13.79 4.76
C GLY D 56 -33.02 -14.74 5.94
N GLU D 57 -33.22 -16.04 5.68
CA GLU D 57 -33.59 -16.99 6.74
C GLU D 57 -32.49 -17.19 7.80
N VAL D 58 -32.90 -17.77 8.93
CA VAL D 58 -32.00 -18.29 9.97
C VAL D 58 -31.95 -19.81 9.84
N PHE D 59 -30.76 -20.38 9.70
CA PHE D 59 -30.57 -21.82 9.65
C PHE D 59 -30.43 -22.39 11.06
N VAL D 60 -30.79 -23.66 11.27
CA VAL D 60 -30.73 -24.33 12.58
C VAL D 60 -29.89 -25.59 12.48
N LEU D 61 -28.91 -25.74 13.38
CA LEU D 61 -28.06 -26.92 13.51
C LEU D 61 -28.59 -27.91 14.56
N ASP D 62 -27.99 -29.10 14.65
CA ASP D 62 -28.43 -30.11 15.63
C ASP D 62 -28.33 -29.60 17.07
N ASP D 63 -27.36 -28.74 17.36
CA ASP D 63 -27.13 -28.08 18.66
C ASP D 63 -28.27 -27.13 19.08
N GLY D 64 -29.14 -26.74 18.16
CA GLY D 64 -30.02 -25.58 18.34
C GLY D 64 -29.32 -24.24 18.12
N GLY D 65 -28.07 -24.27 17.68
CA GLY D 65 -27.37 -23.06 17.23
C GLY D 65 -28.06 -22.46 16.01
N GLU D 66 -28.50 -21.21 16.12
CA GLU D 66 -29.03 -20.43 15.01
C GLU D 66 -27.88 -19.82 14.23
N VAL D 67 -27.70 -20.19 12.96
CA VAL D 67 -26.52 -19.81 12.16
C VAL D 67 -26.89 -19.24 10.79
N ASP D 68 -25.91 -18.62 10.12
CA ASP D 68 -26.08 -17.98 8.82
C ASP D 68 -26.40 -18.98 7.69
N LEU D 69 -26.87 -18.49 6.54
CA LEU D 69 -27.26 -19.31 5.37
C LEU D 69 -26.17 -20.28 4.92
N ASP D 70 -24.91 -19.85 4.93
CA ASP D 70 -23.82 -20.53 4.24
C ASP D 70 -23.40 -21.84 4.92
N LEU D 71 -23.73 -22.08 6.20
CA LEU D 71 -23.57 -23.40 6.80
C LEU D 71 -24.62 -24.40 6.33
N GLY D 72 -25.83 -23.96 6.01
CA GLY D 72 -26.79 -24.79 5.29
C GLY D 72 -26.29 -25.17 3.90
N ASN D 73 -25.66 -24.24 3.20
CA ASN D 73 -25.04 -24.52 1.90
C ASN D 73 -23.92 -25.56 2.03
N TYR D 74 -23.11 -25.49 3.08
CA TYR D 74 -22.13 -26.54 3.35
C TYR D 74 -22.78 -27.87 3.68
N GLU D 75 -23.80 -27.92 4.55
CA GLU D 75 -24.47 -29.18 4.86
C GLU D 75 -25.08 -29.82 3.61
N ARG D 76 -25.69 -29.04 2.70
CA ARG D 76 -26.27 -29.56 1.45
C ARG D 76 -25.25 -30.12 0.47
N PHE D 77 -24.16 -29.41 0.20
CA PHE D 77 -23.15 -29.86 -0.76
C PHE D 77 -22.23 -30.96 -0.19
N LEU D 78 -21.80 -30.87 1.07
CA LEU D 78 -20.84 -31.82 1.63
C LEU D 78 -21.51 -33.07 2.26
N ASP D 79 -22.80 -33.01 2.58
CA ASP D 79 -23.55 -34.06 3.30
C ASP D 79 -22.91 -34.42 4.67
N ILE D 80 -23.03 -33.49 5.61
CA ILE D 80 -22.38 -33.48 6.93
C ILE D 80 -23.31 -32.87 7.99
N ARG D 81 -22.98 -33.03 9.28
CA ARG D 81 -23.67 -32.33 10.39
C ARG D 81 -22.71 -31.31 11.01
N LEU D 82 -23.00 -30.02 10.90
CA LEU D 82 -22.13 -28.97 11.46
C LEU D 82 -22.47 -28.63 12.91
N THR D 83 -21.56 -27.90 13.57
CA THR D 83 -21.63 -27.49 14.98
C THR D 83 -21.64 -25.97 15.07
N LYS D 84 -22.28 -25.39 16.08
CA LYS D 84 -22.54 -23.94 16.19
C LYS D 84 -21.33 -23.02 16.01
N ASP D 85 -20.12 -23.50 16.30
CA ASP D 85 -18.88 -22.73 16.24
C ASP D 85 -17.97 -23.05 15.05
N ASN D 86 -18.45 -23.82 14.05
CA ASN D 86 -17.93 -23.80 12.68
C ASN D 86 -18.34 -22.52 11.92
N ASN D 87 -19.19 -21.69 12.50
CA ASN D 87 -19.41 -20.31 12.08
C ASN D 87 -18.61 -19.44 13.06
N LEU D 88 -17.76 -18.58 12.53
CA LEU D 88 -16.70 -17.91 13.30
C LEU D 88 -16.82 -16.39 13.10
N THR D 89 -17.92 -15.81 13.56
CA THR D 89 -18.13 -14.36 13.49
C THR D 89 -17.05 -13.64 14.30
N THR D 90 -16.66 -12.42 13.94
CA THR D 90 -15.60 -11.72 14.69
C THR D 90 -16.07 -11.34 16.10
N GLY D 91 -17.36 -11.08 16.29
CA GLY D 91 -17.93 -10.82 17.61
C GLY D 91 -17.75 -11.96 18.60
N LYS D 92 -17.75 -13.23 18.16
CA LYS D 92 -17.45 -14.36 19.04
C LYS D 92 -16.00 -14.39 19.49
N ILE D 93 -15.04 -14.09 18.61
CA ILE D 93 -13.62 -14.05 18.99
C ILE D 93 -13.34 -12.93 19.98
N TYR D 94 -13.87 -11.72 19.75
CA TYR D 94 -13.69 -10.64 20.72
C TYR D 94 -14.39 -10.94 22.05
N GLN D 95 -15.60 -11.49 22.06
CA GLN D 95 -16.25 -11.86 23.32
C GLN D 95 -15.50 -12.97 24.05
N TYR D 96 -14.96 -13.95 23.34
CA TYR D 96 -14.15 -15.01 23.94
C TYR D 96 -12.90 -14.47 24.62
N VAL D 97 -12.13 -13.62 23.93
CA VAL D 97 -10.90 -13.04 24.48
C VAL D 97 -11.20 -12.03 25.59
N ILE D 98 -12.25 -11.21 25.49
CA ILE D 98 -12.69 -10.32 26.57
C ILE D 98 -13.06 -11.12 27.83
N ASN D 99 -13.78 -12.23 27.71
CA ASN D 99 -14.12 -13.05 28.86
C ASN D 99 -12.87 -13.65 29.53
N LYS D 100 -11.88 -14.14 28.77
CA LYS D 100 -10.58 -14.56 29.33
C LYS D 100 -9.84 -13.43 30.02
N GLU D 101 -9.86 -12.22 29.45
CA GLU D 101 -9.30 -11.02 30.08
C GLU D 101 -9.99 -10.71 31.41
N ARG D 102 -11.33 -10.59 31.46
CA ARG D 102 -12.04 -10.23 32.70
C ARG D 102 -11.98 -11.30 33.78
N LYS D 103 -11.76 -12.57 33.43
CA LYS D 103 -11.48 -13.67 34.38
C LYS D 103 -10.04 -13.69 34.88
N GLY D 104 -9.11 -13.00 34.22
CA GLY D 104 -7.68 -13.09 34.54
C GLY D 104 -6.99 -14.35 34.03
N ASP D 105 -7.54 -15.01 33.01
CA ASP D 105 -6.90 -16.15 32.33
C ASP D 105 -5.68 -15.72 31.50
N TYR D 106 -5.55 -14.43 31.20
CA TYR D 106 -4.29 -13.78 30.86
C TYR D 106 -3.77 -13.08 32.12
N LEU D 107 -2.54 -13.42 32.54
CA LEU D 107 -2.06 -13.14 33.89
C LEU D 107 -1.55 -11.70 34.07
N GLY D 108 -2.47 -10.74 34.05
CA GLY D 108 -2.21 -9.31 34.30
C GLY D 108 -1.50 -8.56 33.17
N LYS D 109 -1.00 -9.27 32.16
CA LYS D 109 -0.42 -8.69 30.93
C LYS D 109 -1.46 -7.90 30.16
N THR D 110 -1.03 -6.89 29.42
CA THR D 110 -1.86 -6.22 28.41
C THR D 110 -2.22 -7.23 27.30
N VAL D 111 -3.50 -7.33 26.97
CA VAL D 111 -4.02 -8.24 25.94
C VAL D 111 -4.20 -7.46 24.66
N GLN D 112 -3.71 -7.98 23.54
CA GLN D 112 -3.42 -7.22 22.32
C GLN D 112 -3.92 -7.94 21.07
N VAL D 113 -4.16 -7.20 19.99
CA VAL D 113 -4.71 -7.81 18.76
C VAL D 113 -3.77 -8.85 18.18
N VAL D 114 -2.52 -8.52 17.85
CA VAL D 114 -1.64 -9.47 17.13
C VAL D 114 -1.14 -10.64 17.98
N PRO D 115 -0.72 -10.47 19.24
CA PRO D 115 -0.35 -11.60 20.06
C PRO D 115 -1.53 -12.46 20.56
N HIS D 116 -2.75 -11.92 20.69
CA HIS D 116 -3.85 -12.61 21.42
C HIS D 116 -5.15 -12.78 20.64
N ILE D 117 -5.78 -11.74 20.10
CA ILE D 117 -6.98 -11.94 19.24
C ILE D 117 -6.62 -12.82 18.05
N THR D 118 -5.53 -12.49 17.39
CA THR D 118 -4.95 -13.23 16.27
C THR D 118 -4.52 -14.63 16.63
N ASP D 119 -4.32 -14.97 17.91
CA ASP D 119 -3.97 -16.31 18.36
C ASP D 119 -5.19 -17.14 18.78
N ALA D 120 -6.20 -16.49 19.37
CA ALA D 120 -7.50 -17.11 19.60
C ALA D 120 -8.17 -17.57 18.30
N ILE D 121 -8.00 -16.84 17.20
CA ILE D 121 -8.47 -17.26 15.86
C ILE D 121 -7.78 -18.56 15.44
N GLN D 122 -6.46 -18.69 15.59
CA GLN D 122 -5.72 -19.89 15.22
C GLN D 122 -6.08 -21.09 16.10
N GLU D 123 -6.25 -20.87 17.41
CA GLU D 123 -6.72 -21.90 18.34
C GLU D 123 -8.15 -22.36 18.02
N TRP D 124 -9.09 -21.44 17.76
CA TRP D 124 -10.46 -21.78 17.41
C TRP D 124 -10.54 -22.62 16.15
N VAL D 125 -9.77 -22.25 15.11
CA VAL D 125 -9.73 -23.00 13.85
C VAL D 125 -9.15 -24.39 14.03
N MET D 126 -8.08 -24.58 14.80
CA MET D 126 -7.58 -25.93 15.09
C MET D 126 -8.56 -26.76 15.91
N ARG D 127 -9.21 -26.16 16.90
CA ARG D 127 -10.17 -26.82 17.79
C ARG D 127 -11.42 -27.28 17.06
N GLN D 128 -12.07 -26.40 16.30
CA GLN D 128 -13.29 -26.73 15.56
C GLN D 128 -13.06 -27.56 14.29
N ALA D 129 -11.84 -27.63 13.77
CA ALA D 129 -11.54 -28.54 12.67
C ALA D 129 -11.52 -30.01 13.11
N LEU D 130 -11.07 -30.34 14.32
CA LEU D 130 -10.91 -31.75 14.75
C LEU D 130 -12.20 -32.49 15.14
N ILE D 131 -13.34 -31.80 15.31
CA ILE D 131 -14.56 -32.44 15.83
C ILE D 131 -15.22 -33.34 14.78
N PRO D 132 -15.91 -34.44 15.17
CA PRO D 132 -16.48 -35.40 14.24
C PRO D 132 -17.76 -34.89 13.56
N VAL D 133 -17.61 -34.15 12.46
CA VAL D 133 -18.66 -33.56 11.62
C VAL D 133 -19.36 -34.56 10.70
N ASP D 134 -18.74 -35.71 10.45
CA ASP D 134 -19.30 -36.79 9.63
C ASP D 134 -20.21 -37.73 10.45
N GLU D 135 -21.18 -38.39 9.82
CA GLU D 135 -22.09 -39.33 10.50
C GLU D 135 -21.40 -40.66 10.88
N ASP D 136 -20.23 -40.96 10.32
CA ASP D 136 -19.36 -42.08 10.73
C ASP D 136 -18.68 -41.84 12.10
N GLY D 137 -18.65 -40.60 12.60
CA GLY D 137 -18.01 -40.24 13.87
C GLY D 137 -16.48 -40.12 13.82
N LEU D 138 -15.88 -40.07 12.63
CA LEU D 138 -14.43 -39.98 12.44
C LEU D 138 -13.91 -38.53 12.45
N GLU D 139 -12.69 -38.33 12.92
CA GLU D 139 -11.97 -37.06 12.85
C GLU D 139 -11.62 -36.71 11.40
N PRO D 140 -11.94 -35.51 10.90
CA PRO D 140 -11.78 -35.17 9.49
C PRO D 140 -10.31 -35.01 9.06
N GLN D 141 -10.03 -35.18 7.78
CA GLN D 141 -8.69 -35.07 7.19
C GLN D 141 -8.35 -33.67 6.69
N VAL D 142 -9.31 -32.95 6.11
CA VAL D 142 -9.11 -31.62 5.52
C VAL D 142 -10.22 -30.66 5.94
N CYS D 143 -9.84 -29.43 6.30
CA CYS D 143 -10.74 -28.35 6.66
C CYS D 143 -10.73 -27.29 5.58
N VAL D 144 -11.88 -26.93 5.02
CA VAL D 144 -12.02 -25.79 4.11
C VAL D 144 -12.48 -24.60 4.92
N ILE D 145 -11.66 -23.56 4.99
CA ILE D 145 -12.00 -22.32 5.66
C ILE D 145 -12.38 -21.32 4.58
N GLU D 146 -13.57 -20.76 4.65
CA GLU D 146 -13.96 -19.65 3.80
C GLU D 146 -13.90 -18.37 4.62
N LEU D 147 -13.21 -17.35 4.13
CA LEU D 147 -13.15 -16.07 4.79
C LEU D 147 -14.05 -15.06 4.07
N GLY D 148 -15.05 -14.55 4.76
CA GLY D 148 -15.93 -13.49 4.28
C GLY D 148 -15.23 -12.14 4.15
N GLY D 149 -15.92 -11.16 3.57
CA GLY D 149 -15.31 -9.89 3.18
C GLY D 149 -14.33 -10.05 2.03
N THR D 150 -13.53 -9.02 1.76
CA THR D 150 -12.49 -9.04 0.73
C THR D 150 -11.16 -8.60 1.32
N VAL D 151 -10.07 -8.95 0.65
CA VAL D 151 -8.71 -8.56 1.07
C VAL D 151 -8.59 -7.03 1.06
N GLY D 152 -7.97 -6.47 2.11
CA GLY D 152 -7.84 -5.02 2.26
C GLY D 152 -9.01 -4.32 2.95
N ASP D 153 -10.14 -5.00 3.18
CA ASP D 153 -11.18 -4.54 4.11
C ASP D 153 -10.66 -4.60 5.54
N ILE D 154 -10.94 -3.60 6.38
CA ILE D 154 -10.37 -3.55 7.74
C ILE D 154 -10.96 -4.64 8.63
N GLU D 155 -12.18 -5.10 8.37
CA GLU D 155 -12.80 -6.23 9.09
C GLU D 155 -12.05 -7.56 8.89
N SER D 156 -11.35 -7.74 7.77
CA SER D 156 -10.63 -8.97 7.42
C SER D 156 -9.24 -9.05 8.03
N MET D 157 -8.69 -7.93 8.52
CA MET D 157 -7.29 -7.82 8.95
C MET D 157 -6.91 -8.78 10.09
N PRO D 158 -7.69 -8.95 11.18
CA PRO D 158 -7.35 -9.92 12.22
C PRO D 158 -7.23 -11.35 11.70
N PHE D 159 -8.06 -11.73 10.71
CA PHE D 159 -8.12 -13.06 10.15
C PHE D 159 -7.04 -13.32 9.11
N ILE D 160 -6.72 -12.35 8.26
CA ILE D 160 -5.61 -12.49 7.31
C ILE D 160 -4.27 -12.49 8.06
N GLU D 161 -4.11 -11.69 9.13
CA GLU D 161 -2.93 -11.76 9.99
C GLU D 161 -2.87 -13.06 10.78
N ALA D 162 -3.99 -13.62 11.24
CA ALA D 162 -4.00 -14.97 11.81
C ALA D 162 -3.54 -16.02 10.82
N PHE D 163 -4.05 -16.04 9.58
CA PHE D 163 -3.63 -17.03 8.60
C PHE D 163 -2.21 -16.80 8.07
N ARG D 164 -1.70 -15.56 8.05
CA ARG D 164 -0.29 -15.27 7.80
C ARG D 164 0.62 -16.03 8.76
N GLN D 165 0.29 -16.07 10.05
CA GLN D 165 1.05 -16.83 11.06
C GLN D 165 0.74 -18.33 11.03
N PHE D 166 -0.50 -18.70 10.71
CA PHE D 166 -0.95 -20.08 10.73
C PHE D 166 -0.19 -21.00 9.78
N GLN D 167 0.11 -20.56 8.57
CA GLN D 167 0.84 -21.31 7.54
C GLN D 167 2.27 -21.73 7.92
N PHE D 168 2.79 -21.26 9.06
CA PHE D 168 4.08 -21.66 9.61
C PHE D 168 3.95 -22.56 10.85
N LYS D 169 2.92 -22.40 11.70
CA LYS D 169 2.72 -23.27 12.87
C LYS D 169 2.09 -24.61 12.50
N VAL D 170 1.34 -24.67 11.40
CA VAL D 170 1.14 -25.90 10.62
C VAL D 170 2.09 -25.81 9.43
N LYS D 171 2.85 -26.86 9.12
CA LYS D 171 3.88 -26.77 8.07
C LYS D 171 3.23 -26.62 6.69
N ARG D 172 3.97 -26.14 5.68
CA ARG D 172 3.42 -25.75 4.36
C ARG D 172 2.72 -26.89 3.62
N GLU D 173 3.13 -28.14 3.81
CA GLU D 173 2.44 -29.32 3.28
C GLU D 173 1.04 -29.56 3.88
N ASN D 174 0.65 -28.77 4.89
CA ASN D 174 -0.63 -28.84 5.59
C ASN D 174 -1.50 -27.58 5.44
N PHE D 175 -1.05 -26.50 4.79
CA PHE D 175 -1.86 -25.30 4.57
C PHE D 175 -1.74 -24.80 3.13
N CYS D 176 -2.87 -24.41 2.55
CA CYS D 176 -3.02 -24.02 1.15
C CYS D 176 -4.03 -22.89 0.99
N ASN D 177 -3.88 -22.02 -0.01
CA ASN D 177 -4.70 -20.82 -0.17
C ASN D 177 -5.23 -20.67 -1.59
N ILE D 178 -6.55 -20.53 -1.75
CA ILE D 178 -7.25 -20.25 -3.00
C ILE D 178 -7.69 -18.79 -2.98
N HIS D 179 -7.42 -18.03 -4.03
CA HIS D 179 -7.89 -16.65 -4.15
C HIS D 179 -8.92 -16.54 -5.25
N VAL D 180 -10.10 -15.97 -4.99
CA VAL D 180 -11.14 -15.79 -6.01
C VAL D 180 -11.14 -14.34 -6.45
N SER D 181 -11.11 -14.05 -7.75
CA SER D 181 -11.04 -12.70 -8.30
C SER D 181 -12.07 -12.46 -9.39
N LEU D 182 -12.50 -11.21 -9.57
CA LEU D 182 -13.25 -10.78 -10.75
C LEU D 182 -12.30 -10.54 -11.94
N VAL D 183 -12.69 -10.97 -13.14
CA VAL D 183 -12.00 -10.63 -14.39
C VAL D 183 -12.99 -9.90 -15.32
N PRO D 184 -13.12 -8.57 -15.23
CA PRO D 184 -14.09 -7.80 -15.99
C PRO D 184 -13.96 -7.98 -17.50
N GLN D 185 -15.04 -7.76 -18.25
CA GLN D 185 -15.05 -7.74 -19.71
C GLN D 185 -15.99 -6.63 -20.17
N PRO D 186 -15.55 -5.36 -20.16
CA PRO D 186 -16.43 -4.22 -20.38
C PRO D 186 -16.89 -4.13 -21.84
N SER D 187 -18.17 -3.87 -22.03
CA SER D 187 -18.85 -3.86 -23.34
C SER D 187 -18.27 -2.84 -24.34
N SER D 188 -17.58 -1.81 -23.85
CA SER D 188 -16.88 -0.79 -24.66
C SER D 188 -15.87 -1.38 -25.66
N THR D 189 -15.21 -2.49 -25.31
CA THR D 189 -14.21 -3.16 -26.17
C THR D 189 -14.33 -4.69 -26.20
N GLY D 190 -14.94 -5.33 -25.19
CA GLY D 190 -15.08 -6.78 -25.12
C GLY D 190 -13.80 -7.55 -24.78
N GLU D 191 -12.70 -6.88 -24.47
CA GLU D 191 -11.46 -7.50 -23.98
C GLU D 191 -11.58 -7.88 -22.50
N GLN D 192 -11.06 -9.04 -22.08
CA GLN D 192 -11.01 -9.42 -20.66
C GLN D 192 -9.85 -8.73 -19.92
N LYS D 193 -10.12 -8.14 -18.75
CA LYS D 193 -9.16 -7.31 -18.03
C LYS D 193 -8.60 -8.01 -16.79
N THR D 194 -7.27 -8.11 -16.70
CA THR D 194 -6.58 -8.69 -15.54
C THR D 194 -6.14 -7.67 -14.49
N LYS D 195 -6.17 -6.36 -14.79
CA LYS D 195 -5.59 -5.34 -13.93
C LYS D 195 -6.11 -5.34 -12.48
N PRO D 196 -7.42 -5.47 -12.18
CA PRO D 196 -7.85 -5.48 -10.79
C PRO D 196 -7.44 -6.75 -10.02
N THR D 197 -7.28 -7.89 -10.70
CA THR D 197 -6.74 -9.10 -10.05
C THR D 197 -5.22 -9.06 -9.86
N GLN D 198 -4.47 -8.29 -10.64
CA GLN D 198 -3.05 -8.04 -10.35
C GLN D 198 -2.89 -7.23 -9.06
N ASN D 199 -3.68 -6.17 -8.87
CA ASN D 199 -3.67 -5.38 -7.65
C ASN D 199 -4.10 -6.22 -6.44
N SER D 200 -5.15 -7.02 -6.58
CA SER D 200 -5.65 -7.88 -5.50
C SER D 200 -4.61 -8.91 -5.03
N VAL D 201 -3.85 -9.53 -5.93
CA VAL D 201 -2.77 -10.43 -5.52
C VAL D 201 -1.57 -9.68 -4.96
N ARG D 202 -1.21 -8.48 -5.45
CA ARG D 202 -0.19 -7.64 -4.80
C ARG D 202 -0.56 -7.29 -3.37
N GLU D 203 -1.83 -7.01 -3.10
CA GLU D 203 -2.31 -6.72 -1.75
C GLU D 203 -2.32 -7.95 -0.84
N LEU D 204 -2.85 -9.09 -1.28
CA LEU D 204 -2.80 -10.33 -0.51
C LEU D 204 -1.37 -10.80 -0.24
N ARG D 205 -0.47 -10.69 -1.23
CA ARG D 205 0.95 -11.02 -1.12
C ARG D 205 1.69 -10.07 -0.19
N GLY D 206 1.29 -8.81 -0.11
CA GLY D 206 1.77 -7.83 0.85
C GLY D 206 1.33 -8.10 2.29
N LEU D 207 0.09 -8.53 2.50
CA LEU D 207 -0.39 -9.04 3.79
C LEU D 207 0.20 -10.41 4.17
N GLY D 208 0.99 -11.04 3.30
CA GLY D 208 1.82 -12.19 3.67
C GLY D 208 1.27 -13.56 3.34
N LEU D 209 0.20 -13.65 2.54
CA LEU D 209 -0.30 -14.90 1.95
C LEU D 209 -0.06 -14.89 0.44
N SER D 210 0.48 -15.96 -0.15
CA SER D 210 0.53 -16.12 -1.61
C SER D 210 -0.56 -17.09 -2.08
N PRO D 211 -1.34 -16.79 -3.12
CA PRO D 211 -2.24 -17.77 -3.72
C PRO D 211 -1.48 -19.02 -4.16
N ASP D 212 -1.95 -20.20 -3.77
CA ASP D 212 -1.56 -21.45 -4.41
C ASP D 212 -2.36 -21.72 -5.69
N LEU D 213 -3.50 -21.04 -5.84
CA LEU D 213 -4.47 -21.20 -6.89
C LEU D 213 -5.24 -19.88 -7.05
N VAL D 214 -5.41 -19.37 -8.26
CA VAL D 214 -6.21 -18.17 -8.52
C VAL D 214 -7.44 -18.55 -9.34
N VAL D 215 -8.62 -18.22 -8.87
CA VAL D 215 -9.89 -18.59 -9.50
C VAL D 215 -10.56 -17.34 -10.04
N CYS D 216 -10.83 -17.28 -11.33
CA CYS D 216 -11.35 -16.09 -11.99
C CYS D 216 -12.84 -16.21 -12.28
N ARG D 217 -13.63 -15.27 -11.77
CA ARG D 217 -15.05 -15.14 -12.05
C ARG D 217 -15.24 -14.13 -13.17
N CYS D 218 -15.82 -14.58 -14.26
CA CYS D 218 -16.08 -13.84 -15.49
C CYS D 218 -17.29 -14.45 -16.20
N SER D 219 -17.93 -13.73 -17.11
CA SER D 219 -19.12 -14.23 -17.83
C SER D 219 -18.73 -15.30 -18.86
N ASN D 220 -17.92 -14.94 -19.85
CA ASN D 220 -17.32 -15.87 -20.82
C ASN D 220 -16.06 -16.55 -20.23
N PRO D 221 -15.61 -17.70 -20.78
CA PRO D 221 -14.37 -18.35 -20.36
C PRO D 221 -13.12 -17.48 -20.53
N LEU D 222 -12.07 -17.75 -19.76
CA LEU D 222 -10.75 -17.15 -19.98
C LEU D 222 -10.13 -17.64 -21.29
N ASP D 223 -9.44 -16.75 -22.00
CA ASP D 223 -8.59 -17.11 -23.12
C ASP D 223 -7.15 -17.43 -22.68
N THR D 224 -6.33 -17.92 -23.61
CA THR D 224 -4.94 -18.31 -23.31
C THR D 224 -4.07 -17.13 -22.90
N SER D 225 -4.29 -15.96 -23.50
CA SER D 225 -3.52 -14.74 -23.23
C SER D 225 -3.72 -14.26 -21.79
N VAL D 226 -4.96 -14.28 -21.29
CA VAL D 226 -5.27 -13.88 -19.92
C VAL D 226 -4.73 -14.87 -18.89
N LYS D 227 -4.82 -16.19 -19.10
CA LYS D 227 -4.19 -17.17 -18.20
C LYS D 227 -2.67 -16.97 -18.12
N GLU D 228 -2.00 -16.66 -19.23
CA GLU D 228 -0.57 -16.33 -19.21
C GLU D 228 -0.28 -15.00 -18.52
N LYS D 229 -1.03 -13.93 -18.76
CA LYS D 229 -0.81 -12.65 -18.08
C LYS D 229 -1.06 -12.72 -16.58
N ILE D 230 -2.05 -13.47 -16.11
CA ILE D 230 -2.24 -13.71 -14.67
C ILE D 230 -1.10 -14.57 -14.10
N SER D 231 -0.62 -15.58 -14.82
CA SER D 231 0.50 -16.41 -14.35
C SER D 231 1.78 -15.61 -14.10
N MET D 232 2.05 -14.60 -14.93
CA MET D 232 3.19 -13.71 -14.81
C MET D 232 3.15 -12.87 -13.53
N PHE D 233 2.07 -12.15 -13.28
CA PHE D 233 1.97 -11.20 -12.17
C PHE D 233 1.59 -11.82 -10.82
N CYS D 234 0.96 -12.99 -10.82
CA CYS D 234 0.49 -13.69 -9.61
C CYS D 234 1.41 -14.82 -9.14
N HIS D 235 2.52 -15.10 -9.83
CA HIS D 235 3.52 -16.11 -9.45
C HIS D 235 2.99 -17.56 -9.35
N VAL D 236 1.93 -17.87 -10.09
CA VAL D 236 1.33 -19.21 -10.24
C VAL D 236 1.46 -19.63 -11.70
N GLU D 237 1.60 -20.93 -12.02
CA GLU D 237 1.69 -21.37 -13.41
C GLU D 237 0.38 -21.10 -14.18
N PRO D 238 0.36 -21.03 -15.53
CA PRO D 238 -0.87 -20.90 -16.31
C PRO D 238 -1.92 -21.98 -16.01
N GLU D 239 -1.46 -23.14 -15.55
CA GLU D 239 -2.27 -24.30 -15.18
C GLU D 239 -2.98 -24.15 -13.81
N GLN D 240 -2.58 -23.17 -13.01
CA GLN D 240 -3.14 -22.85 -11.68
C GLN D 240 -3.99 -21.57 -11.69
N VAL D 241 -4.26 -21.01 -12.87
CA VAL D 241 -5.30 -20.00 -13.07
C VAL D 241 -6.56 -20.71 -13.54
N ILE D 242 -7.57 -20.76 -12.69
CA ILE D 242 -8.81 -21.53 -12.84
C ILE D 242 -9.92 -20.59 -13.32
N CYS D 243 -10.80 -21.06 -14.21
CA CYS D 243 -11.88 -20.29 -14.78
C CYS D 243 -13.25 -20.75 -14.27
N VAL D 244 -14.08 -19.85 -13.76
CA VAL D 244 -15.47 -20.11 -13.37
C VAL D 244 -16.40 -19.18 -14.16
N HIS D 245 -16.68 -19.56 -15.40
CA HIS D 245 -17.66 -18.91 -16.25
C HIS D 245 -19.09 -19.20 -15.80
N ASP D 246 -20.07 -18.46 -16.34
CA ASP D 246 -21.49 -18.68 -16.03
C ASP D 246 -22.00 -20.03 -16.58
N VAL D 247 -22.87 -20.69 -15.81
CA VAL D 247 -23.42 -22.03 -16.08
C VAL D 247 -24.91 -22.10 -15.70
N SER D 248 -25.65 -23.08 -16.23
CA SER D 248 -27.11 -23.17 -16.04
C SER D 248 -27.55 -23.42 -14.59
N SER D 249 -26.75 -24.13 -13.79
CA SER D 249 -27.05 -24.40 -12.38
C SER D 249 -25.79 -24.67 -11.54
N ILE D 250 -25.90 -24.47 -10.23
CA ILE D 250 -24.81 -24.65 -9.27
C ILE D 250 -24.22 -26.05 -9.29
N TYR D 251 -24.98 -27.07 -9.69
CA TYR D 251 -24.48 -28.44 -9.75
C TYR D 251 -23.37 -28.65 -10.78
N ARG D 252 -23.19 -27.73 -11.73
CA ARG D 252 -22.07 -27.80 -12.69
C ARG D 252 -20.76 -27.27 -12.14
N VAL D 253 -20.75 -26.44 -11.09
CA VAL D 253 -19.51 -25.82 -10.57
C VAL D 253 -18.49 -26.86 -10.07
N PRO D 254 -18.83 -27.91 -9.29
CA PRO D 254 -17.90 -29.00 -8.99
C PRO D 254 -17.31 -29.68 -10.23
N LEU D 255 -18.08 -29.77 -11.32
CA LEU D 255 -17.65 -30.39 -12.55
C LEU D 255 -16.65 -29.50 -13.31
N LEU D 256 -16.81 -28.18 -13.30
CA LEU D 256 -15.79 -27.24 -13.79
C LEU D 256 -14.47 -27.42 -13.05
N LEU D 257 -14.48 -27.51 -11.72
CA LEU D 257 -13.27 -27.67 -10.95
C LEU D 257 -12.61 -29.03 -11.20
N GLU D 258 -13.35 -30.13 -11.37
CA GLU D 258 -12.75 -31.42 -11.72
C GLU D 258 -12.11 -31.40 -13.13
N GLU D 259 -12.82 -30.92 -14.16
CA GLU D 259 -12.30 -30.95 -15.53
C GLU D 259 -11.12 -29.98 -15.75
N GLN D 260 -10.97 -28.97 -14.90
CA GLN D 260 -9.77 -28.11 -14.84
C GLN D 260 -8.67 -28.64 -13.89
N GLY D 261 -8.81 -29.85 -13.36
CA GLY D 261 -7.76 -30.52 -12.60
C GLY D 261 -7.51 -29.98 -11.20
N VAL D 262 -8.44 -29.24 -10.58
CA VAL D 262 -8.27 -28.72 -9.21
C VAL D 262 -8.09 -29.84 -8.19
N VAL D 263 -8.81 -30.95 -8.32
CA VAL D 263 -8.60 -32.13 -7.48
C VAL D 263 -7.21 -32.76 -7.70
N ASP D 264 -6.74 -32.84 -8.94
CA ASP D 264 -5.38 -33.33 -9.24
C ASP D 264 -4.28 -32.38 -8.77
N TYR D 265 -4.59 -31.13 -8.42
CA TYR D 265 -3.67 -30.20 -7.78
C TYR D 265 -3.59 -30.44 -6.26
N PHE D 266 -4.71 -30.41 -5.54
CA PHE D 266 -4.68 -30.56 -4.09
C PHE D 266 -4.13 -31.91 -3.62
N LEU D 267 -4.38 -33.00 -4.33
CA LEU D 267 -3.79 -34.30 -4.03
C LEU D 267 -2.27 -34.40 -4.28
N ARG D 268 -1.61 -33.30 -4.69
CA ARG D 268 -0.14 -33.14 -4.72
C ARG D 268 0.35 -31.96 -3.89
N ARG D 269 -0.35 -30.82 -3.90
CA ARG D 269 -0.04 -29.62 -3.11
C ARG D 269 -0.16 -29.83 -1.60
N LEU D 270 -1.05 -30.72 -1.15
CA LEU D 270 -1.28 -31.06 0.25
C LEU D 270 -0.91 -32.52 0.58
N ASP D 271 -0.32 -33.28 -0.35
CA ASP D 271 0.03 -34.71 -0.24
C ASP D 271 -1.05 -35.66 0.33
N LEU D 272 -2.32 -35.30 0.19
CA LEU D 272 -3.50 -36.06 0.64
C LEU D 272 -3.56 -37.49 0.06
N PRO D 273 -4.19 -38.44 0.76
CA PRO D 273 -4.46 -39.80 0.27
C PRO D 273 -5.12 -39.84 -1.11
N LYS D 280 -17.54 -42.44 -9.01
CA LYS D 280 -17.44 -41.47 -7.92
C LYS D 280 -18.76 -40.70 -7.71
N MET D 281 -18.88 -40.01 -6.58
CA MET D 281 -19.99 -39.11 -6.24
C MET D 281 -20.30 -38.09 -7.36
N LEU D 282 -19.27 -37.55 -8.03
CA LEU D 282 -19.46 -36.60 -9.13
C LEU D 282 -20.19 -37.19 -10.35
N MET D 283 -20.23 -38.51 -10.54
CA MET D 283 -21.02 -39.11 -11.62
C MET D 283 -22.53 -38.99 -11.34
N LYS D 284 -22.96 -39.23 -10.09
CA LYS D 284 -24.34 -38.91 -9.66
C LYS D 284 -24.63 -37.41 -9.78
N TRP D 285 -23.65 -36.58 -9.44
CA TRP D 285 -23.76 -35.12 -9.54
C TRP D 285 -23.92 -34.64 -10.99
N LYS D 286 -23.18 -35.24 -11.93
CA LYS D 286 -23.27 -35.00 -13.38
C LYS D 286 -24.63 -35.43 -13.94
N GLU D 287 -25.11 -36.61 -13.59
CA GLU D 287 -26.44 -37.05 -14.01
C GLU D 287 -27.55 -36.14 -13.44
N MET D 288 -27.45 -35.73 -12.18
CA MET D 288 -28.36 -34.75 -11.57
C MET D 288 -28.34 -33.41 -12.30
N ALA D 289 -27.16 -32.90 -12.67
CA ALA D 289 -27.05 -31.65 -13.43
C ALA D 289 -27.68 -31.77 -14.83
N ASP D 290 -27.49 -32.88 -15.53
CA ASP D 290 -28.14 -33.12 -16.83
C ASP D 290 -29.66 -33.24 -16.69
N ARG D 291 -30.18 -33.89 -15.65
CA ARG D 291 -31.64 -33.95 -15.40
C ARG D 291 -32.25 -32.55 -15.25
N TYR D 292 -31.64 -31.68 -14.45
CA TYR D 292 -32.12 -30.30 -14.27
C TYR D 292 -32.25 -29.57 -15.61
N ASP D 293 -31.26 -29.71 -16.50
CA ASP D 293 -31.29 -29.09 -17.82
C ASP D 293 -32.34 -29.70 -18.76
N ARG D 294 -32.51 -31.03 -18.81
CA ARG D 294 -33.36 -31.69 -19.82
C ARG D 294 -34.84 -31.86 -19.47
N LEU D 295 -35.24 -31.74 -18.21
CA LEU D 295 -36.65 -31.87 -17.79
C LEU D 295 -37.51 -30.68 -18.26
N LEU D 296 -38.69 -30.97 -18.83
CA LEU D 296 -39.60 -29.98 -19.40
C LEU D 296 -41.06 -30.06 -18.87
N GLU D 297 -41.54 -31.23 -18.48
CA GLU D 297 -42.88 -31.38 -17.87
C GLU D 297 -42.92 -30.67 -16.51
N THR D 298 -43.96 -29.88 -16.24
CA THR D 298 -43.92 -28.84 -15.19
C THR D 298 -45.00 -29.00 -14.12
N CYS D 299 -44.68 -28.57 -12.90
CA CYS D 299 -45.55 -28.56 -11.72
C CYS D 299 -45.39 -27.23 -10.98
N SER D 300 -46.47 -26.66 -10.44
CA SER D 300 -46.44 -25.36 -9.74
C SER D 300 -47.01 -25.44 -8.33
N ILE D 301 -46.27 -24.91 -7.34
CA ILE D 301 -46.63 -24.95 -5.92
C ILE D 301 -46.82 -23.53 -5.39
N ALA D 302 -47.92 -23.28 -4.69
CA ALA D 302 -48.16 -21.99 -4.05
C ALA D 302 -47.39 -21.89 -2.73
N LEU D 303 -46.47 -20.93 -2.60
CA LEU D 303 -45.79 -20.61 -1.35
C LEU D 303 -46.45 -19.37 -0.72
N VAL D 304 -47.30 -19.58 0.28
CA VAL D 304 -48.09 -18.51 0.91
C VAL D 304 -47.33 -17.95 2.12
N GLY D 305 -46.62 -16.83 1.96
CA GLY D 305 -45.66 -16.34 2.97
C GLY D 305 -45.44 -14.83 3.05
N LYS D 306 -45.41 -14.29 4.27
CA LYS D 306 -45.26 -12.85 4.58
C LYS D 306 -43.91 -12.26 4.15
N TYR D 307 -42.84 -13.07 4.03
CA TYR D 307 -41.50 -12.57 3.68
C TYR D 307 -41.25 -12.51 2.16
N THR D 308 -42.22 -12.87 1.33
CA THR D 308 -42.05 -13.05 -0.13
C THR D 308 -41.62 -11.79 -0.91
N LYS D 309 -41.58 -10.60 -0.28
CA LYS D 309 -40.89 -9.40 -0.81
C LYS D 309 -39.37 -9.55 -0.94
N PHE D 310 -38.77 -10.63 -0.42
CA PHE D 310 -37.39 -11.04 -0.67
C PHE D 310 -37.29 -12.56 -0.89
N SER D 311 -36.22 -13.02 -1.54
CA SER D 311 -36.02 -14.42 -1.93
C SER D 311 -35.41 -15.29 -0.82
N ASP D 312 -34.23 -14.92 -0.31
CA ASP D 312 -33.48 -15.81 0.58
C ASP D 312 -34.06 -15.88 2.01
N SER D 313 -35.15 -15.17 2.29
CA SER D 313 -36.00 -15.40 3.47
C SER D 313 -36.67 -16.79 3.49
N TYR D 314 -36.69 -17.52 2.38
CA TYR D 314 -37.17 -18.91 2.30
C TYR D 314 -36.13 -19.87 1.68
N ALA D 315 -34.83 -19.54 1.74
CA ALA D 315 -33.80 -20.24 0.99
C ALA D 315 -33.81 -21.77 1.17
N SER D 316 -33.91 -22.32 2.39
CA SER D 316 -33.94 -23.78 2.55
C SER D 316 -35.25 -24.38 2.08
N VAL D 317 -36.38 -23.68 2.22
CA VAL D 317 -37.67 -24.18 1.75
C VAL D 317 -37.66 -24.35 0.23
N ILE D 318 -37.28 -23.31 -0.52
CA ILE D 318 -37.25 -23.41 -1.98
C ILE D 318 -36.19 -24.41 -2.46
N LYS D 319 -35.06 -24.55 -1.75
CA LYS D 319 -34.09 -25.62 -2.03
C LYS D 319 -34.68 -27.00 -1.79
N ALA D 320 -35.42 -27.21 -0.70
CA ALA D 320 -36.06 -28.50 -0.40
C ALA D 320 -37.13 -28.86 -1.43
N LEU D 321 -37.91 -27.87 -1.91
CA LEU D 321 -38.83 -28.09 -3.02
C LEU D 321 -38.07 -28.46 -4.30
N GLU D 322 -37.03 -27.73 -4.67
CA GLU D 322 -36.23 -28.05 -5.87
C GLU D 322 -35.58 -29.44 -5.78
N HIS D 323 -35.02 -29.83 -4.63
CA HIS D 323 -34.49 -31.17 -4.44
C HIS D 323 -35.58 -32.24 -4.57
N SER D 324 -36.82 -31.94 -4.19
CA SER D 324 -37.93 -32.86 -4.40
C SER D 324 -38.37 -32.91 -5.87
N ALA D 325 -38.40 -31.78 -6.56
CA ALA D 325 -38.87 -31.71 -7.93
C ALA D 325 -37.99 -32.52 -8.90
N LEU D 326 -36.67 -32.53 -8.71
CA LEU D 326 -35.78 -33.39 -9.49
C LEU D 326 -36.01 -34.89 -9.21
N ALA D 327 -36.32 -35.28 -7.98
CA ALA D 327 -36.70 -36.67 -7.67
C ALA D 327 -38.08 -37.04 -8.27
N ILE D 328 -38.96 -36.06 -8.42
CA ILE D 328 -40.28 -36.15 -9.07
C ILE D 328 -40.17 -36.09 -10.61
N ASN D 329 -39.00 -35.71 -11.13
CA ASN D 329 -38.74 -35.46 -12.55
C ASN D 329 -39.70 -34.43 -13.18
N HIS D 330 -39.95 -33.32 -12.49
CA HIS D 330 -40.74 -32.19 -13.01
C HIS D 330 -39.99 -30.86 -12.85
N LYS D 331 -40.13 -29.96 -13.82
CA LYS D 331 -39.58 -28.61 -13.80
C LYS D 331 -40.49 -27.69 -12.97
N LEU D 332 -40.06 -27.42 -11.74
CA LEU D 332 -40.83 -26.71 -10.71
C LEU D 332 -41.06 -25.22 -11.03
N GLU D 333 -42.25 -24.72 -10.69
CA GLU D 333 -42.53 -23.29 -10.54
C GLU D 333 -42.97 -22.96 -9.11
N ILE D 334 -42.30 -22.00 -8.47
CA ILE D 334 -42.76 -21.41 -7.22
C ILE D 334 -43.75 -20.29 -7.53
N LYS D 335 -45.02 -20.47 -7.16
CA LYS D 335 -46.02 -19.40 -7.17
C LYS D 335 -45.99 -18.69 -5.82
N TYR D 336 -45.14 -17.68 -5.69
CA TYR D 336 -45.06 -16.85 -4.49
C TYR D 336 -46.36 -16.06 -4.26
N ILE D 337 -46.90 -16.09 -3.05
CA ILE D 337 -48.09 -15.33 -2.65
C ILE D 337 -47.83 -14.65 -1.31
N ASP D 338 -48.07 -13.34 -1.21
CA ASP D 338 -48.07 -12.65 0.08
C ASP D 338 -49.41 -12.86 0.80
N SER D 339 -49.36 -13.44 1.98
CA SER D 339 -50.54 -13.67 2.82
C SER D 339 -51.32 -12.38 3.11
N ALA D 340 -50.63 -11.24 3.18
CA ALA D 340 -51.27 -9.94 3.41
C ALA D 340 -52.04 -9.41 2.18
N ASP D 341 -51.74 -9.90 0.98
CA ASP D 341 -52.58 -9.64 -0.21
C ASP D 341 -53.79 -10.56 -0.24
N LEU D 342 -53.60 -11.83 0.09
CA LEU D 342 -54.64 -12.85 0.12
C LEU D 342 -55.70 -12.59 1.22
N GLU D 343 -55.33 -11.89 2.29
CA GLU D 343 -56.23 -11.50 3.37
C GLU D 343 -57.42 -10.64 2.88
N PRO D 344 -58.68 -10.90 3.32
CA PRO D 344 -59.88 -10.21 2.84
C PRO D 344 -59.82 -8.68 2.79
N ILE D 345 -59.10 -8.05 3.73
CA ILE D 345 -58.93 -6.60 3.89
C ILE D 345 -58.41 -5.90 2.61
N THR D 346 -57.69 -6.61 1.73
CA THR D 346 -57.23 -6.06 0.44
C THR D 346 -58.39 -5.58 -0.44
N SER D 347 -59.59 -6.16 -0.26
CA SER D 347 -60.82 -5.75 -0.96
C SER D 347 -61.23 -4.30 -0.68
N GLN D 348 -60.81 -3.73 0.46
CA GLN D 348 -61.09 -2.35 0.86
C GLN D 348 -60.03 -1.34 0.36
N GLU D 349 -58.99 -1.77 -0.37
CA GLU D 349 -58.01 -0.88 -1.00
C GLU D 349 -57.88 -1.09 -2.52
N GLU D 350 -57.79 -2.32 -3.01
CA GLU D 350 -57.77 -2.64 -4.44
C GLU D 350 -58.05 -4.13 -4.72
N PRO D 351 -59.31 -4.51 -5.02
CA PRO D 351 -59.72 -5.89 -5.29
C PRO D 351 -58.91 -6.63 -6.37
N VAL D 352 -58.26 -5.93 -7.31
CA VAL D 352 -57.40 -6.58 -8.32
C VAL D 352 -56.24 -7.35 -7.69
N ARG D 353 -55.59 -6.79 -6.66
CA ARG D 353 -54.46 -7.44 -5.99
C ARG D 353 -54.91 -8.64 -5.14
N TYR D 354 -56.10 -8.55 -4.55
CA TYR D 354 -56.78 -9.66 -3.89
C TYR D 354 -57.12 -10.79 -4.88
N HIS D 355 -57.77 -10.43 -5.99
CA HIS D 355 -58.22 -11.39 -7.00
C HIS D 355 -57.05 -12.12 -7.68
N GLU D 356 -55.94 -11.42 -7.99
CA GLU D 356 -54.78 -12.12 -8.54
C GLU D 356 -54.08 -13.01 -7.50
N ALA D 357 -54.00 -12.61 -6.22
CA ALA D 357 -53.49 -13.49 -5.18
C ALA D 357 -54.34 -14.78 -5.09
N TRP D 358 -55.66 -14.66 -5.20
CA TRP D 358 -56.53 -15.83 -5.32
C TRP D 358 -56.29 -16.64 -6.59
N GLN D 359 -56.19 -16.03 -7.78
CA GLN D 359 -55.98 -16.81 -9.02
C GLN D 359 -54.60 -17.50 -9.05
N LYS D 360 -53.58 -16.88 -8.43
CA LYS D 360 -52.25 -17.48 -8.24
C LYS D 360 -52.32 -18.72 -7.34
N LEU D 361 -53.18 -18.70 -6.31
CA LEU D 361 -53.45 -19.88 -5.47
C LEU D 361 -54.28 -20.93 -6.24
N CYS D 362 -55.41 -20.55 -6.82
CA CYS D 362 -56.37 -21.47 -7.44
C CYS D 362 -55.78 -22.23 -8.63
N SER D 363 -54.82 -21.63 -9.36
CA SER D 363 -54.12 -22.25 -10.49
C SER D 363 -52.93 -23.14 -10.10
N ALA D 364 -52.52 -23.16 -8.82
CA ALA D 364 -51.43 -24.02 -8.36
C ALA D 364 -51.85 -25.50 -8.25
N HIS D 365 -50.90 -26.42 -8.43
CA HIS D 365 -51.12 -27.87 -8.28
C HIS D 365 -51.05 -28.35 -6.82
N GLY D 366 -50.80 -27.45 -5.86
CA GLY D 366 -50.63 -27.73 -4.43
C GLY D 366 -50.16 -26.49 -3.67
N VAL D 367 -50.25 -26.49 -2.35
CA VAL D 367 -49.99 -25.30 -1.52
C VAL D 367 -49.18 -25.60 -0.25
N LEU D 368 -48.26 -24.70 0.08
CA LEU D 368 -47.32 -24.79 1.18
C LEU D 368 -47.38 -23.54 2.07
N VAL D 369 -47.46 -23.72 3.38
CA VAL D 369 -47.43 -22.64 4.38
C VAL D 369 -46.17 -22.74 5.25
N PRO D 370 -45.14 -21.90 5.02
CA PRO D 370 -43.95 -21.81 5.85
C PRO D 370 -44.15 -20.99 7.14
N GLY D 371 -43.17 -21.05 8.04
CA GLY D 371 -43.18 -20.39 9.35
C GLY D 371 -42.97 -18.86 9.31
N GLY D 372 -42.78 -18.27 10.50
CA GLY D 372 -42.43 -16.86 10.68
C GLY D 372 -43.38 -16.12 11.63
N PHE D 373 -42.87 -15.69 12.79
CA PHE D 373 -43.60 -15.10 13.90
C PHE D 373 -44.35 -13.79 13.57
N GLY D 374 -45.32 -13.41 14.41
CA GLY D 374 -46.06 -12.14 14.36
C GLY D 374 -47.35 -12.17 13.54
N VAL D 375 -48.24 -11.20 13.78
CA VAL D 375 -49.63 -11.20 13.30
C VAL D 375 -49.77 -11.03 11.79
N ARG D 376 -48.88 -10.25 11.14
CA ARG D 376 -49.08 -9.76 9.76
C ARG D 376 -49.49 -10.87 8.78
N GLY D 377 -50.65 -10.70 8.14
CA GLY D 377 -51.17 -11.63 7.13
C GLY D 377 -51.68 -12.98 7.65
N THR D 378 -51.76 -13.22 8.96
CA THR D 378 -52.12 -14.54 9.52
C THR D 378 -53.52 -15.02 9.12
N GLU D 379 -54.51 -14.12 9.03
CA GLU D 379 -55.86 -14.49 8.57
C GLU D 379 -55.88 -14.89 7.08
N GLY D 380 -54.96 -14.33 6.28
CA GLY D 380 -54.77 -14.75 4.88
C GLY D 380 -54.31 -16.20 4.76
N LYS D 381 -53.42 -16.65 5.66
CA LYS D 381 -53.04 -18.07 5.75
C LYS D 381 -54.22 -18.94 6.16
N ILE D 382 -55.06 -18.50 7.09
CA ILE D 382 -56.29 -19.23 7.44
C ILE D 382 -57.21 -19.37 6.21
N GLN D 383 -57.36 -18.33 5.38
CA GLN D 383 -58.11 -18.45 4.14
C GLN D 383 -57.45 -19.40 3.12
N ALA D 384 -56.13 -19.40 3.00
CA ALA D 384 -55.41 -20.36 2.14
C ALA D 384 -55.63 -21.81 2.58
N ILE D 385 -55.56 -22.08 3.88
CA ILE D 385 -55.81 -23.40 4.46
C ILE D 385 -57.26 -23.80 4.27
N ALA D 386 -58.21 -22.89 4.49
CA ALA D 386 -59.63 -23.14 4.28
C ALA D 386 -59.93 -23.52 2.82
N TRP D 387 -59.35 -22.81 1.86
CA TRP D 387 -59.41 -23.20 0.45
C TRP D 387 -58.79 -24.59 0.21
N ALA D 388 -57.60 -24.85 0.74
CA ALA D 388 -56.92 -26.13 0.55
C ALA D 388 -57.72 -27.32 1.11
N ARG D 389 -58.39 -27.14 2.25
CA ARG D 389 -59.27 -28.16 2.84
C ARG D 389 -60.59 -28.29 2.07
N ASN D 390 -61.19 -27.19 1.63
CA ASN D 390 -62.48 -27.20 0.94
C ASN D 390 -62.39 -27.73 -0.49
N GLN D 391 -61.43 -27.25 -1.30
CA GLN D 391 -61.24 -27.67 -2.69
C GLN D 391 -60.40 -28.95 -2.83
N LYS D 392 -59.83 -29.45 -1.72
CA LYS D 392 -59.04 -30.69 -1.62
C LYS D 392 -57.80 -30.76 -2.53
N LYS D 393 -57.23 -29.61 -2.90
CA LYS D 393 -55.84 -29.52 -3.39
C LYS D 393 -54.85 -29.85 -2.27
N PRO D 394 -53.72 -30.52 -2.56
CA PRO D 394 -52.81 -31.02 -1.53
C PRO D 394 -52.08 -29.89 -0.78
N PHE D 395 -51.87 -30.09 0.51
CA PHE D 395 -51.39 -29.09 1.46
C PHE D 395 -50.29 -29.59 2.40
N LEU D 396 -49.29 -28.74 2.66
CA LEU D 396 -48.33 -28.91 3.76
C LEU D 396 -48.19 -27.60 4.55
N GLY D 397 -48.14 -27.71 5.88
CA GLY D 397 -47.77 -26.63 6.78
C GLY D 397 -46.57 -26.99 7.67
N VAL D 398 -45.57 -26.12 7.77
CA VAL D 398 -44.39 -26.31 8.63
C VAL D 398 -44.32 -25.21 9.68
N CYS D 399 -43.89 -25.53 10.91
CA CYS D 399 -43.92 -24.61 12.05
C CYS D 399 -45.34 -24.02 12.22
N LEU D 400 -45.54 -22.72 11.98
CA LEU D 400 -46.87 -22.08 12.04
C LEU D 400 -47.90 -22.77 11.15
N GLY D 401 -47.52 -23.39 10.04
CA GLY D 401 -48.48 -24.05 9.16
C GLY D 401 -49.26 -25.18 9.85
N MET D 402 -48.70 -25.84 10.86
CA MET D 402 -49.44 -26.80 11.69
C MET D 402 -50.40 -26.08 12.66
N GLN D 403 -49.91 -25.07 13.36
CA GLN D 403 -50.69 -24.30 14.34
C GLN D 403 -51.89 -23.62 13.66
N LEU D 404 -51.69 -23.03 12.50
CA LEU D 404 -52.73 -22.41 11.69
C LEU D 404 -53.71 -23.44 11.10
N ALA D 405 -53.28 -24.67 10.82
CA ALA D 405 -54.19 -25.73 10.38
C ALA D 405 -55.18 -26.12 11.48
N VAL D 406 -54.74 -26.30 12.72
CA VAL D 406 -55.68 -26.55 13.83
C VAL D 406 -56.52 -25.32 14.16
N VAL D 407 -56.01 -24.09 13.98
CA VAL D 407 -56.84 -22.88 14.06
C VAL D 407 -57.93 -22.91 12.99
N GLU D 408 -57.62 -23.17 11.72
CA GLU D 408 -58.65 -23.24 10.67
C GLU D 408 -59.66 -24.36 10.94
N PHE D 409 -59.21 -25.55 11.32
CA PHE D 409 -60.09 -26.67 11.61
C PHE D 409 -61.01 -26.36 12.79
N SER D 410 -60.49 -25.76 13.87
CA SER D 410 -61.32 -25.36 15.01
C SER D 410 -62.25 -24.18 14.67
N ARG D 411 -61.80 -23.21 13.87
CA ARG D 411 -62.62 -22.08 13.40
C ARG D 411 -63.81 -22.56 12.57
N ASN D 412 -63.58 -23.41 11.58
CA ASN D 412 -64.59 -23.76 10.57
C ASN D 412 -65.27 -25.13 10.76
N VAL D 413 -64.57 -26.14 11.28
CA VAL D 413 -65.15 -27.49 11.46
C VAL D 413 -65.78 -27.66 12.85
N LEU D 414 -65.09 -27.24 13.92
CA LEU D 414 -65.68 -27.17 15.26
C LEU D 414 -66.61 -25.95 15.41
N GLY D 415 -66.52 -24.97 14.49
CA GLY D 415 -67.43 -23.83 14.42
C GLY D 415 -67.22 -22.78 15.52
N TRP D 416 -65.97 -22.62 15.98
CA TRP D 416 -65.60 -21.62 16.99
C TRP D 416 -65.19 -20.30 16.32
N GLN D 417 -66.13 -19.35 16.15
CA GLN D 417 -65.92 -18.14 15.33
C GLN D 417 -64.77 -17.25 15.79
N ASP D 418 -64.36 -17.30 17.05
CA ASP D 418 -63.20 -16.57 17.59
C ASP D 418 -61.96 -17.44 17.83
N ALA D 419 -61.90 -18.68 17.34
CA ALA D 419 -60.71 -19.53 17.51
C ALA D 419 -59.43 -18.90 16.91
N ASN D 420 -58.39 -18.81 17.73
CA ASN D 420 -57.12 -18.17 17.41
C ASN D 420 -55.99 -18.72 18.30
N SER D 421 -54.73 -18.47 17.94
CA SER D 421 -53.60 -18.71 18.84
C SER D 421 -53.42 -17.54 19.81
N THR D 422 -52.90 -17.82 21.00
CA THR D 422 -52.53 -16.76 21.95
C THR D 422 -51.28 -15.97 21.55
N GLU D 423 -50.61 -16.33 20.45
CA GLU D 423 -49.60 -15.44 19.84
C GLU D 423 -50.27 -14.21 19.22
N PHE D 424 -51.38 -14.42 18.50
CA PHE D 424 -52.05 -13.36 17.74
C PHE D 424 -53.13 -12.63 18.54
N ASP D 425 -53.86 -13.32 19.42
CA ASP D 425 -54.83 -12.70 20.34
C ASP D 425 -55.03 -13.54 21.62
N PRO D 426 -54.58 -13.09 22.81
CA PRO D 426 -54.75 -13.83 24.05
C PRO D 426 -56.17 -13.75 24.64
N THR D 427 -57.06 -12.91 24.09
CA THR D 427 -58.35 -12.56 24.73
C THR D 427 -59.53 -13.45 24.32
N THR D 428 -59.36 -14.35 23.34
CA THR D 428 -60.48 -15.13 22.75
C THR D 428 -61.05 -16.16 23.73
N SER D 429 -62.29 -16.60 23.47
CA SER D 429 -62.71 -17.93 23.92
C SER D 429 -62.00 -19.01 23.10
N HIS D 430 -62.12 -20.28 23.52
CA HIS D 430 -61.53 -21.44 22.86
C HIS D 430 -60.04 -21.28 22.41
N PRO D 431 -59.12 -20.76 23.23
CA PRO D 431 -57.75 -20.48 22.80
C PRO D 431 -57.02 -21.80 22.52
N VAL D 432 -56.79 -22.11 21.25
CA VAL D 432 -56.41 -23.47 20.81
C VAL D 432 -54.90 -23.73 20.81
N VAL D 433 -54.08 -22.68 20.84
CA VAL D 433 -52.60 -22.75 20.87
C VAL D 433 -52.01 -21.78 21.90
N VAL D 434 -51.05 -22.25 22.70
CA VAL D 434 -50.46 -21.54 23.85
C VAL D 434 -48.93 -21.62 23.88
N ASP D 435 -48.31 -20.55 24.36
CA ASP D 435 -46.87 -20.43 24.66
C ASP D 435 -46.47 -21.44 25.76
N MET D 436 -45.69 -22.46 25.40
CA MET D 436 -45.33 -23.60 26.24
C MET D 436 -43.80 -23.84 26.24
N PRO D 437 -43.00 -23.02 26.95
CA PRO D 437 -41.55 -23.15 26.99
C PRO D 437 -41.05 -24.55 27.38
N GLU D 438 -39.94 -24.99 26.77
CA GLU D 438 -39.31 -26.27 27.11
C GLU D 438 -38.54 -26.24 28.45
N HIS D 439 -38.02 -25.07 28.82
CA HIS D 439 -37.23 -24.86 30.05
C HIS D 439 -38.02 -25.19 31.32
N MET D 448 -37.38 -21.48 24.51
CA MET D 448 -37.75 -21.89 23.16
C MET D 448 -37.27 -23.32 22.86
N ARG D 449 -38.06 -24.12 22.13
CA ARG D 449 -37.71 -25.47 21.68
C ARG D 449 -36.89 -25.37 20.40
N LEU D 450 -35.58 -25.59 20.52
CA LEU D 450 -34.59 -25.32 19.48
C LEU D 450 -33.68 -26.52 19.21
N GLY D 451 -33.32 -26.73 17.94
CA GLY D 451 -32.36 -27.76 17.54
C GLY D 451 -32.96 -29.15 17.41
N LYS D 452 -32.10 -30.17 17.39
CA LYS D 452 -32.50 -31.57 17.21
C LYS D 452 -33.36 -32.06 18.38
N ARG D 453 -34.49 -32.71 18.11
CA ARG D 453 -35.29 -33.47 19.08
C ARG D 453 -35.96 -34.68 18.45
N ARG D 454 -36.27 -35.67 19.28
CA ARG D 454 -36.97 -36.92 18.96
C ARG D 454 -38.48 -36.67 18.82
N THR D 455 -39.14 -37.36 17.89
CA THR D 455 -40.61 -37.39 17.72
C THR D 455 -41.08 -38.83 17.52
N LEU D 456 -42.14 -39.25 18.20
CA LEU D 456 -42.69 -40.61 18.15
C LEU D 456 -44.02 -40.63 17.40
N PHE D 457 -44.21 -41.63 16.51
CA PHE D 457 -45.51 -41.89 15.87
C PHE D 457 -46.50 -42.54 16.85
N GLN D 458 -47.71 -42.00 16.93
CA GLN D 458 -48.81 -42.52 17.77
C GLN D 458 -49.89 -43.28 16.97
N THR D 459 -49.66 -43.56 15.69
CA THR D 459 -50.55 -44.36 14.84
C THR D 459 -49.77 -45.10 13.75
N LYS D 460 -50.32 -46.20 13.23
CA LYS D 460 -49.83 -46.92 12.05
C LYS D 460 -50.48 -46.47 10.73
N ASN D 461 -51.60 -45.73 10.78
CA ASN D 461 -52.44 -45.43 9.62
C ASN D 461 -51.96 -44.24 8.76
N SER D 462 -51.09 -43.38 9.30
CA SER D 462 -50.64 -42.13 8.67
C SER D 462 -49.91 -42.31 7.34
N VAL D 463 -50.16 -41.40 6.38
CA VAL D 463 -49.37 -41.32 5.14
C VAL D 463 -47.98 -40.74 5.40
N MET D 464 -47.84 -39.82 6.36
CA MET D 464 -46.53 -39.26 6.74
C MET D 464 -45.61 -40.34 7.30
N ARG D 465 -46.14 -41.32 8.03
CA ARG D 465 -45.39 -42.50 8.50
C ARG D 465 -44.79 -43.31 7.36
N LYS D 466 -45.57 -43.56 6.29
CA LYS D 466 -45.09 -44.26 5.09
C LYS D 466 -44.01 -43.45 4.37
N LEU D 467 -44.21 -42.14 4.24
CA LEU D 467 -43.23 -41.24 3.61
C LEU D 467 -41.88 -41.23 4.34
N TYR D 468 -41.85 -41.22 5.68
CA TYR D 468 -40.62 -41.36 6.47
C TYR D 468 -40.01 -42.78 6.49
N GLY D 469 -40.55 -43.74 5.73
CA GLY D 469 -40.00 -45.10 5.63
C GLY D 469 -40.48 -46.05 6.73
N ASP D 470 -41.54 -45.71 7.45
CA ASP D 470 -42.26 -46.58 8.39
C ASP D 470 -41.45 -47.06 9.62
N ALA D 471 -40.41 -46.32 10.00
CA ALA D 471 -39.81 -46.42 11.33
C ALA D 471 -40.69 -45.71 12.39
N ASP D 472 -40.63 -46.16 13.64
CA ASP D 472 -41.54 -45.70 14.71
C ASP D 472 -41.23 -44.30 15.29
N TYR D 473 -40.08 -43.71 14.94
CA TYR D 473 -39.65 -42.40 15.42
C TYR D 473 -38.86 -41.61 14.38
N LEU D 474 -38.83 -40.30 14.58
CA LEU D 474 -38.07 -39.30 13.82
C LEU D 474 -37.07 -38.61 14.74
N GLU D 475 -35.98 -38.12 14.18
CA GLU D 475 -35.20 -37.03 14.75
C GLU D 475 -35.17 -35.85 13.76
N GLU D 476 -35.56 -34.67 14.21
CA GLU D 476 -35.82 -33.48 13.38
C GLU D 476 -35.39 -32.19 14.09
N ARG D 477 -35.27 -31.07 13.36
CA ARG D 477 -34.81 -29.79 13.90
C ARG D 477 -35.96 -28.81 14.13
N HIS D 478 -36.12 -28.32 15.36
CA HIS D 478 -37.19 -27.40 15.79
C HIS D 478 -36.73 -25.95 16.00
N ARG D 479 -37.68 -25.02 15.96
CA ARG D 479 -37.50 -23.59 16.31
C ARG D 479 -38.87 -22.95 16.59
N HIS D 480 -39.43 -23.15 17.79
CA HIS D 480 -40.75 -22.61 18.16
C HIS D 480 -40.98 -22.55 19.67
N ARG D 481 -42.03 -21.85 20.10
CA ARG D 481 -42.50 -21.81 21.51
C ARG D 481 -44.02 -22.00 21.74
N PHE D 482 -44.83 -22.12 20.69
CA PHE D 482 -46.28 -22.29 20.79
C PHE D 482 -46.71 -23.71 20.42
N GLU D 483 -47.62 -24.31 21.18
CA GLU D 483 -48.16 -25.66 20.93
C GLU D 483 -49.69 -25.74 21.17
N VAL D 484 -50.32 -26.77 20.59
CA VAL D 484 -51.75 -27.05 20.73
C VAL D 484 -52.12 -27.34 22.19
N ASN D 485 -53.20 -26.74 22.68
CA ASN D 485 -53.69 -26.91 24.05
C ASN D 485 -54.16 -28.36 24.32
N PRO D 486 -53.62 -29.06 25.33
CA PRO D 486 -54.05 -30.41 25.71
C PRO D 486 -55.55 -30.57 26.05
N VAL D 487 -56.24 -29.50 26.45
CA VAL D 487 -57.68 -29.53 26.77
C VAL D 487 -58.58 -29.55 25.52
N TRP D 488 -58.23 -28.79 24.46
CA TRP D 488 -58.98 -28.78 23.21
C TRP D 488 -58.59 -29.95 22.29
N LYS D 489 -57.35 -30.44 22.36
CA LYS D 489 -56.84 -31.65 21.68
C LYS D 489 -57.82 -32.84 21.79
N LYS D 490 -58.43 -33.02 22.97
CA LYS D 490 -59.42 -34.06 23.27
C LYS D 490 -60.58 -34.10 22.27
N CYS D 491 -61.20 -32.95 21.98
CA CYS D 491 -62.38 -32.87 21.12
C CYS D 491 -62.05 -32.78 19.62
N LEU D 492 -60.86 -32.31 19.25
CA LEU D 492 -60.43 -32.20 17.85
C LEU D 492 -60.31 -33.59 17.17
N GLU D 493 -59.73 -34.56 17.88
CA GLU D 493 -59.58 -35.93 17.39
C GLU D 493 -60.87 -36.77 17.37
N GLU D 494 -62.00 -36.21 17.82
CA GLU D 494 -63.33 -36.82 17.58
C GLU D 494 -63.77 -36.69 16.12
N GLN D 495 -63.11 -35.82 15.35
CA GLN D 495 -63.36 -35.57 13.93
C GLN D 495 -62.17 -36.06 13.06
N GLY D 496 -62.10 -35.65 11.79
CA GLY D 496 -61.11 -36.16 10.83
C GLY D 496 -59.64 -35.77 11.08
N LEU D 497 -59.35 -34.79 11.94
CA LEU D 497 -57.98 -34.34 12.23
C LEU D 497 -57.28 -35.27 13.25
N LYS D 498 -56.13 -35.84 12.87
CA LYS D 498 -55.38 -36.84 13.63
C LYS D 498 -54.00 -36.30 14.01
N PHE D 499 -53.67 -36.26 15.31
CA PHE D 499 -52.33 -35.92 15.79
C PHE D 499 -51.42 -37.15 15.72
N VAL D 500 -50.85 -37.34 14.54
CA VAL D 500 -50.04 -38.49 14.15
C VAL D 500 -48.78 -38.68 14.99
N GLY D 501 -48.13 -37.58 15.42
CA GLY D 501 -46.80 -37.63 16.02
C GLY D 501 -46.61 -36.64 17.16
N GLN D 502 -45.84 -37.03 18.18
CA GLN D 502 -45.72 -36.33 19.46
C GLN D 502 -44.31 -36.38 20.06
N ASP D 503 -44.07 -35.51 21.04
CA ASP D 503 -42.90 -35.54 21.94
C ASP D 503 -42.81 -36.86 22.75
N VAL D 504 -41.64 -37.14 23.36
CA VAL D 504 -41.24 -38.48 23.82
C VAL D 504 -42.12 -39.15 24.90
N GLU D 505 -42.94 -38.40 25.64
CA GLU D 505 -43.99 -38.97 26.51
C GLU D 505 -45.35 -38.24 26.34
N GLY D 506 -45.59 -37.70 25.14
CA GLY D 506 -46.89 -37.14 24.73
C GLY D 506 -47.15 -35.70 25.18
N GLU D 507 -46.15 -34.95 25.63
CA GLU D 507 -46.33 -33.60 26.17
C GLU D 507 -46.80 -32.58 25.13
N ARG D 508 -46.30 -32.71 23.88
CA ARG D 508 -46.42 -31.73 22.79
C ARG D 508 -46.73 -32.41 21.45
N MET D 509 -47.56 -31.78 20.62
CA MET D 509 -47.96 -32.28 19.30
C MET D 509 -46.95 -31.89 18.23
N GLU D 510 -46.47 -32.85 17.44
CA GLU D 510 -45.35 -32.68 16.50
C GLU D 510 -45.74 -32.88 15.03
N ILE D 511 -46.72 -33.76 14.76
CA ILE D 511 -47.26 -34.02 13.41
C ILE D 511 -48.78 -34.11 13.48
N VAL D 512 -49.49 -33.51 12.52
CA VAL D 512 -50.93 -33.64 12.33
C VAL D 512 -51.27 -33.97 10.88
N GLU D 513 -52.34 -34.73 10.67
CA GLU D 513 -52.81 -35.20 9.36
C GLU D 513 -54.34 -35.18 9.33
N LEU D 514 -54.96 -34.91 8.18
CA LEU D 514 -56.42 -34.98 8.02
C LEU D 514 -56.80 -36.21 7.18
N GLU D 515 -57.58 -37.12 7.74
CA GLU D 515 -57.86 -38.42 7.10
C GLU D 515 -58.88 -38.34 5.93
N ASP D 516 -59.68 -37.29 5.87
CA ASP D 516 -60.72 -37.09 4.85
C ASP D 516 -60.20 -36.59 3.48
N HIS D 517 -58.90 -36.31 3.36
CA HIS D 517 -58.32 -35.47 2.31
C HIS D 517 -57.18 -36.19 1.55
N PRO D 518 -57.00 -35.97 0.23
CA PRO D 518 -55.91 -36.57 -0.55
C PRO D 518 -54.50 -36.43 0.05
N PHE D 519 -54.14 -35.24 0.55
CA PHE D 519 -52.93 -34.99 1.32
C PHE D 519 -53.01 -33.62 2.02
N PHE D 520 -53.11 -33.63 3.34
CA PHE D 520 -53.19 -32.42 4.16
C PHE D 520 -52.55 -32.71 5.52
N VAL D 521 -51.42 -32.04 5.78
CA VAL D 521 -50.57 -32.31 6.95
C VAL D 521 -49.92 -31.05 7.51
N GLY D 522 -49.64 -31.08 8.80
CA GLY D 522 -48.83 -30.11 9.49
C GLY D 522 -47.70 -30.78 10.27
N VAL D 523 -46.53 -30.16 10.30
CA VAL D 523 -45.39 -30.58 11.13
C VAL D 523 -44.82 -29.39 11.90
N GLN D 524 -44.46 -29.61 13.16
CA GLN D 524 -43.98 -28.53 14.03
C GLN D 524 -42.52 -28.12 13.72
N TYR D 525 -41.70 -29.06 13.27
CA TYR D 525 -40.29 -28.89 12.94
C TYR D 525 -40.06 -28.27 11.54
N HIS D 526 -38.81 -27.98 11.19
CA HIS D 526 -38.37 -27.52 9.87
C HIS D 526 -37.78 -28.67 9.03
N PRO D 527 -38.56 -29.38 8.20
CA PRO D 527 -38.04 -30.48 7.38
C PRO D 527 -37.02 -30.03 6.33
N GLU D 528 -36.94 -28.76 5.98
CA GLU D 528 -36.10 -28.24 4.91
C GLU D 528 -34.60 -28.34 5.22
N PHE D 529 -34.19 -28.20 6.48
CA PHE D 529 -32.77 -28.21 6.84
C PHE D 529 -32.10 -29.57 6.65
N LEU D 530 -32.87 -30.66 6.65
CA LEU D 530 -32.39 -32.03 6.41
C LEU D 530 -32.55 -32.49 4.95
N SER D 531 -33.03 -31.63 4.05
CA SER D 531 -33.06 -31.93 2.61
C SER D 531 -31.64 -31.91 2.01
N ARG D 532 -31.38 -32.74 0.99
CA ARG D 532 -30.08 -32.85 0.31
C ARG D 532 -30.29 -32.98 -1.20
N PRO D 533 -29.35 -32.58 -2.07
CA PRO D 533 -29.51 -32.69 -3.52
C PRO D 533 -29.81 -34.11 -4.01
N ILE D 534 -29.18 -35.11 -3.40
CA ILE D 534 -29.37 -36.54 -3.74
C ILE D 534 -30.68 -37.11 -3.15
N LYS D 535 -31.23 -36.54 -2.09
CA LYS D 535 -32.42 -37.05 -1.37
C LYS D 535 -33.23 -35.94 -0.69
N PRO D 536 -34.48 -35.67 -1.12
CA PRO D 536 -35.35 -34.70 -0.47
C PRO D 536 -35.83 -35.22 0.89
N SER D 537 -36.22 -34.33 1.80
CA SER D 537 -36.85 -34.73 3.06
C SER D 537 -38.34 -35.07 2.85
N PRO D 538 -38.90 -36.05 3.56
CA PRO D 538 -40.18 -36.66 3.17
C PRO D 538 -41.39 -35.72 3.04
N PRO D 539 -41.63 -34.71 3.91
CA PRO D 539 -42.81 -33.86 3.79
C PRO D 539 -42.92 -33.14 2.44
N TYR D 540 -41.82 -32.58 1.92
CA TYR D 540 -41.83 -31.90 0.62
C TYR D 540 -41.99 -32.87 -0.54
N PHE D 541 -41.35 -34.05 -0.48
CA PHE D 541 -41.54 -35.09 -1.48
C PHE D 541 -42.98 -35.62 -1.48
N GLY D 542 -43.63 -35.73 -0.32
CA GLY D 542 -45.04 -36.04 -0.18
C GLY D 542 -45.96 -34.99 -0.81
N LEU D 543 -45.69 -33.70 -0.59
CA LEU D 543 -46.45 -32.61 -1.21
C LEU D 543 -46.38 -32.71 -2.75
N LEU D 544 -45.19 -32.90 -3.33
CA LEU D 544 -45.06 -33.02 -4.77
C LEU D 544 -45.66 -34.32 -5.30
N LEU D 545 -45.45 -35.48 -4.66
CA LEU D 545 -46.09 -36.73 -5.08
C LEU D 545 -47.62 -36.61 -5.09
N ALA D 546 -48.22 -35.96 -4.09
CA ALA D 546 -49.64 -35.69 -4.06
C ALA D 546 -50.04 -34.67 -5.15
N SER D 547 -49.22 -33.65 -5.37
CA SER D 547 -49.49 -32.60 -6.36
C SER D 547 -49.53 -33.12 -7.80
N VAL D 548 -48.61 -34.00 -8.19
CA VAL D 548 -48.66 -34.71 -9.49
C VAL D 548 -49.58 -35.95 -9.47
N GLY D 549 -50.25 -36.23 -8.35
CA GLY D 549 -51.20 -37.33 -8.19
C GLY D 549 -50.60 -38.74 -8.09
N ARG D 550 -49.28 -38.87 -8.12
CA ARG D 550 -48.55 -40.15 -8.17
C ARG D 550 -48.36 -40.81 -6.79
N LEU D 551 -48.69 -40.13 -5.68
CA LEU D 551 -48.50 -40.66 -4.32
C LEU D 551 -49.14 -42.04 -4.10
N SER D 552 -50.35 -42.26 -4.60
CA SER D 552 -51.06 -43.54 -4.45
C SER D 552 -50.37 -44.69 -5.20
N HIS D 553 -49.74 -44.40 -6.35
CA HIS D 553 -48.92 -45.37 -7.10
C HIS D 553 -47.56 -45.60 -6.41
N TYR D 554 -46.94 -44.55 -5.88
CA TYR D 554 -45.67 -44.67 -5.14
C TYR D 554 -45.82 -45.56 -3.89
N LEU D 555 -46.90 -45.39 -3.14
CA LEU D 555 -47.32 -46.30 -2.08
C LEU D 555 -48.12 -47.48 -2.66
N1 CTP E . 33.21 2.52 1.76
C2 CTP E . 34.51 2.04 1.78
N3 CTP E . 34.72 0.74 1.42
C4 CTP E . 33.73 -0.04 1.08
C5 CTP E . 32.44 0.37 1.08
C6 CTP E . 32.16 1.67 1.45
O2 CTP E . 35.45 2.75 2.10
N4 CTP E . 34.00 -1.33 0.72
C1' CTP E . 32.95 3.95 2.03
C2' CTP E . 32.48 4.76 0.80
O2' CTP E . 33.51 5.12 -0.12
C3' CTP E . 31.85 5.98 1.47
C4' CTP E . 31.14 5.32 2.68
O4' CTP E . 31.87 4.10 2.96
O3' CTP E . 32.87 6.91 1.89
C5' CTP E . 29.65 4.99 2.33
O5' CTP E . 29.32 3.63 2.67
PA CTP E . 28.20 2.84 1.83
O1A CTP E . 28.29 1.40 2.17
O2A CTP E . 28.34 2.95 0.34
O3A CTP E . 26.91 3.41 2.46
PB CTP E . 26.32 4.75 1.99
O1B CTP E . 26.99 5.41 0.84
O2B CTP E . 26.36 5.71 3.12
O3B CTP E . 24.86 4.35 1.70
PG CTP E . 24.49 3.41 0.55
O1G CTP E . 23.97 2.14 1.10
O2G CTP E . 25.60 3.17 -0.43
O3G CTP E . 23.36 3.99 -0.20
N1 CTP F . 12.80 9.35 -4.67
C2 CTP F . 11.90 8.59 -5.40
N3 CTP F . 10.58 8.64 -5.02
C4 CTP F . 10.18 9.39 -4.04
C5 CTP F . 11.03 10.17 -3.32
C6 CTP F . 12.37 10.15 -3.63
O2 CTP F . 12.23 7.90 -6.35
N4 CTP F . 8.86 9.40 -3.73
C1' CTP F . 14.23 9.20 -4.99
C2' CTP F . 14.80 10.32 -5.87
O2' CTP F . 14.66 10.02 -7.25
C3' CTP F . 16.27 10.41 -5.43
C4' CTP F . 16.37 9.41 -4.27
O4' CTP F . 15.01 9.31 -3.82
O3' CTP F . 17.17 10.03 -6.45
C5' CTP F . 17.29 9.86 -3.13
O5' CTP F . 17.20 8.90 -2.08
PA CTP F . 17.24 9.36 -0.55
O1A CTP F . 18.46 10.16 -0.27
O2A CTP F . 17.22 8.15 0.30
O3A CTP F . 15.91 10.15 -0.52
PB CTP F . 15.81 11.40 0.38
O1B CTP F . 14.56 12.14 0.08
O2B CTP F . 16.97 12.30 0.19
O3B CTP F . 15.74 10.69 1.75
PG CTP F . 16.55 11.20 2.94
O1G CTP F . 17.97 11.44 2.55
O2G CTP F . 15.98 12.44 3.49
O3G CTP F . 16.54 10.18 3.99
MG MG G . 27.26 3.16 -1.56
MG MG H . 7.09 -2.90 20.95
MG MG I . 18.88 11.84 0.93
N1 CTP J . 5.69 10.88 31.01
C2 CTP J . 5.65 11.78 32.05
N3 CTP J . 4.84 12.88 31.92
C4 CTP J . 4.15 13.08 30.83
C5 CTP J . 4.18 12.23 29.77
C6 CTP J . 4.98 11.12 29.84
O2 CTP J . 6.30 11.63 33.08
N4 CTP J . 3.35 14.19 30.75
C1' CTP J . 6.45 9.62 31.17
C2' CTP J . 5.58 8.34 31.26
O2' CTP J . 4.96 8.12 32.54
C3' CTP J . 6.59 7.25 30.92
C4' CTP J . 7.40 7.95 29.79
O4' CTP J . 7.26 9.38 30.01
O3' CTP J . 7.42 6.96 32.06
C5' CTP J . 6.81 7.56 28.39
O5' CTP J . 6.58 8.73 27.58
PA CTP J . 5.40 8.73 26.48
O1A CTP J . 5.18 10.12 26.04
O2A CTP J . 4.09 8.21 26.98
O3A CTP J . 6.07 7.95 25.33
PB CTP J . 6.09 6.41 25.32
O1B CTP J . 5.35 5.72 26.40
O2B CTP J . 7.50 5.94 25.41
O3B CTP J . 5.54 6.11 23.91
PG CTP J . 4.09 6.43 23.53
O1G CTP J . 4.07 7.52 22.52
O2G CTP J . 3.20 6.75 24.70
O3G CTP J . 3.51 5.26 22.84
N1 CTP K . 0.41 -4.80 15.80
C2 CTP K . -0.62 -4.71 14.90
N3 CTP K . -0.38 -5.13 13.61
C4 CTP K . 0.77 -5.62 13.26
C5 CTP K . 1.81 -5.75 14.14
C6 CTP K . 1.64 -5.33 15.43
O2 CTP K . -1.72 -4.29 15.19
N4 CTP K . 0.94 -6.03 11.98
C1' CTP K . 0.20 -4.23 17.15
C2' CTP K . -0.14 -5.28 18.22
O2' CTP K . -1.54 -5.50 18.31
C3' CTP K . 0.45 -4.65 19.51
C4' CTP K . 1.14 -3.38 19.03
O4' CTP K . 1.39 -3.66 17.65
O3' CTP K . -0.56 -4.31 20.45
C5' CTP K . 2.45 -3.06 19.77
O5' CTP K . 3.05 -1.93 19.14
PA CTP K . 4.64 -1.83 18.98
O1A CTP K . 5.31 -1.97 20.30
O2A CTP K . 4.96 -0.51 18.39
O3A CTP K . 4.84 -3.01 18.00
PB CTP K . 6.13 -3.84 18.10
O1B CTP K . 6.01 -5.05 17.25
O2B CTP K . 6.40 -4.26 19.50
O3B CTP K . 7.11 -2.82 17.51
PG CTP K . 8.48 -2.59 18.15
O1G CTP K . 8.35 -2.38 19.62
O2G CTP K . 9.40 -3.70 17.90
O3G CTP K . 9.06 -1.36 17.58
MG MG L . 2.31 7.02 26.48
N1 CTP M . -13.10 7.53 -29.73
C2 CTP M . -13.75 8.32 -30.66
N3 CTP M . -13.92 9.65 -30.35
C4 CTP M . -13.50 10.14 -29.22
C5 CTP M . -12.89 9.39 -28.27
C6 CTP M . -12.70 8.05 -28.51
O2 CTP M . -14.16 7.89 -31.72
N4 CTP M . -13.69 11.47 -28.97
C1' CTP M . -12.79 6.12 -30.08
C2' CTP M . -11.28 5.82 -30.28
O2' CTP M . -10.75 6.24 -31.54
C3' CTP M . -11.25 4.30 -30.12
C4' CTP M . -12.26 4.11 -28.95
O4' CTP M . -13.16 5.25 -29.00
O3' CTP M . -11.70 3.66 -31.32
C5' CTP M . -11.50 4.08 -27.58
O5' CTP M . -12.09 4.97 -26.63
PA CTP M . -11.20 5.65 -25.48
O1A CTP M . -11.97 6.75 -24.86
O2A CTP M . -9.91 6.25 -25.97
O3A CTP M . -11.08 4.49 -24.47
PB CTP M . -10.03 3.38 -24.64
O1B CTP M . -9.08 3.53 -25.76
O2B CTP M . -10.73 2.09 -24.85
O3B CTP M . -9.37 3.38 -23.25
PG CTP M . -8.52 4.57 -22.76
O1G CTP M . -9.21 5.24 -21.64
O2G CTP M . -8.15 5.55 -23.84
O3G CTP M . -7.27 4.05 -22.19
N1 CTP N . 2.26 -1.83 -16.26
C2 CTP N . 2.99 -1.16 -15.30
N3 CTP N . 3.17 -1.78 -14.09
C4 CTP N . 2.69 -2.97 -13.86
C5 CTP N . 1.99 -3.67 -14.79
C6 CTP N . 1.75 -3.10 -16.01
O2 CTP N . 3.48 -0.06 -15.50
N4 CTP N . 2.91 -3.52 -12.64
C1' CTP N . 1.96 -1.12 -17.52
C2' CTP N . 2.87 -1.50 -18.70
O2' CTP N . 4.03 -0.68 -18.74
C3' CTP N . 1.96 -1.31 -19.92
C4' CTP N . 0.60 -0.93 -19.33
O4' CTP N . 0.68 -1.47 -18.00
O3' CTP N . 2.40 -0.26 -20.77
C5' CTP N . -0.60 -1.53 -20.08
O5' CTP N . -1.79 -1.20 -19.36
PA CTP N . -2.99 -2.24 -19.26
O1A CTP N . -3.44 -2.66 -20.62
O2A CTP N . -4.11 -1.60 -18.54
O3A CTP N . -2.28 -3.34 -18.44
PB CTP N . -2.64 -4.82 -18.70
O1B CTP N . -1.68 -5.70 -18.00
O2B CTP N . -2.62 -5.13 -20.16
O3B CTP N . -4.03 -4.84 -18.04
PG CTP N . -5.21 -5.54 -18.71
O1G CTP N . -5.33 -5.12 -20.14
O2G CTP N . -5.09 -7.00 -18.64
O3G CTP N . -6.44 -5.13 -18.03
MG MG O . -7.78 6.57 -25.53
MG MG P . -21.85 -4.47 -0.42
MG MG Q . -4.12 -4.47 -21.46
N1 CTP R . -25.80 -20.92 -3.04
C2 CTP R . -26.41 -22.15 -3.18
N3 CTP R . -25.65 -23.27 -2.98
C4 CTP R . -24.38 -23.18 -2.69
C5 CTP R . -23.73 -22.00 -2.58
C6 CTP R . -24.44 -20.83 -2.78
O2 CTP R . -27.60 -22.26 -3.46
N4 CTP R . -23.66 -24.33 -2.50
C1' CTP R . -26.61 -19.69 -3.12
C2' CTP R . -26.77 -18.92 -1.78
O2' CTP R . -27.72 -19.49 -0.87
C3' CTP R . -27.19 -17.54 -2.27
C4' CTP R . -26.29 -17.38 -3.52
O4' CTP R . -25.98 -18.72 -3.98
O3' CTP R . -28.59 -17.53 -2.63
C5' CTP R . -24.96 -16.63 -3.14
O5' CTP R . -23.80 -17.33 -3.62
PA CTP R . -22.41 -17.22 -2.83
O1A CTP R . -21.50 -18.27 -3.34
O2A CTP R . -22.51 -17.41 -1.35
O3A CTP R . -21.90 -15.85 -3.32
PB CTP R . -22.37 -14.54 -2.67
O1B CTP R . -23.26 -14.67 -1.49
O2B CTP R . -23.12 -13.75 -3.68
O3B CTP R . -21.03 -13.85 -2.36
PG CTP R . -20.06 -14.41 -1.31
O1G CTP R . -18.83 -14.89 -1.99
O2G CTP R . -20.65 -15.46 -0.42
O3G CTP R . -19.61 -13.30 -0.45
N1 CTP S . -15.47 -2.72 5.13
C2 CTP S . -14.26 -2.72 5.81
N3 CTP S . -13.36 -1.73 5.50
C4 CTP S . -13.64 -0.80 4.64
C5 CTP S . -14.83 -0.75 3.98
C6 CTP S . -15.76 -1.73 4.21
O2 CTP S . -13.98 -3.55 6.65
N4 CTP S . -12.70 0.15 4.39
C1' CTP S . -16.38 -3.85 5.37
C2' CTP S . -17.53 -3.55 6.35
O2' CTP S . -17.15 -3.83 7.68
C3' CTP S . -18.67 -4.45 5.84
C4' CTP S . -18.11 -5.09 4.57
O4' CTP S . -17.08 -4.18 4.18
O3' CTP S . -19.01 -5.46 6.77
C5' CTP S . -19.14 -5.27 3.45
O5' CTP S . -18.46 -5.77 2.30
PA CTP S . -18.88 -5.29 0.83
O1A CTP S . -20.33 -5.53 0.59
O2A CTP S . -18.08 -6.04 -0.15
O3A CTP S . -18.47 -3.80 0.96
PB CTP S . -19.30 -2.73 0.22
O1B CTP S . -18.89 -1.38 0.66
O2B CTP S . -20.75 -2.91 0.47
O3B CTP S . -18.83 -3.03 -1.21
PG CTP S . -19.82 -3.08 -2.37
O1G CTP S . -20.99 -3.94 -2.03
O2G CTP S . -20.29 -1.74 -2.74
O3G CTP S . -19.16 -3.68 -3.54
MG MG T . -21.79 -16.75 0.62
#